data_7MXG
#
_entry.id   7MXG
#
_cell.length_a   98.407
_cell.length_b   138.451
_cell.length_c   178.452
_cell.angle_alpha   90
_cell.angle_beta   90
_cell.angle_gamma   90
#
_symmetry.space_group_name_H-M   'P 21 21 2'
#
loop_
_entity.id
_entity.type
_entity.pdbx_description
1 polymer 'Protein arginine N-methyltransferase 5'
2 polymer 'Methylosome protein 50'
3 non-polymer 7-[(5R)-5-C-(4-chloro-3-fluorophenyl)-beta-D-ribofuranosyl]-7H-pyrrolo[2,3-d]pyrimidin-4-amine
4 water water
#
loop_
_entity_poly.entity_id
_entity_poly.type
_entity_poly.pdbx_seq_one_letter_code
_entity_poly.pdbx_strand_id
1 'polypeptide(L)'
;MAAMAVGGAGGSRVSSGRDLNCVPEIADTLGAVAKQGFDFLCMPVFHPRFKREFIQEPAKNRPGPQTRSDLLLSGRDWNT
LIVGKLSPWIRPDSKVEKIRRNSEAAMLQELNFGAYLGLPAFLLPLNQEDNTNLARVLTNHIHTGHHSSMFWMRVPLVAP
EDLRDDIIENAPTTHTEEYSGEEKTWMWWHNFRTLCDYSKRIAVALEIGADLPSNHVIDRWLGEPIKAAILPTSIFLTNK
KGFPVLSKMHQRLIFRLLKLEVQFIITGTNHHSEKEFCSYLQYLEYLSQNRPPPNAYELFAKGYEDYLQSPLQPLMDNLE
SQTYEVFEKDPIKYSQYQQAIYKCLLDRVPEEEKDTNVQVLMVLGAGRGPLVNASLRAAKQADRRIKLYAVEKNPNAVVT
LENWQFEEWGSQVTVVSSDTREWVAPEKADIIVSELLGSFADNELSPECLDGAQHFLKDDGVSIPGEYTSFLAPISSSKL
YNEVRACREKDRDPEAQFEMPYVVRLHNFHQLSAPQPCFTFSHPNRDPMIDNNRYCTLEFPVEVNTVLHGFAGYFETVLY
QDITLSIRPETHSPGMFSWFPILFPIKQPITVREGQTICVRFWRCSNSKKVWYEWAVTAPVCSAIHNPTGRSYTIGL
;
A,C
2 'polypeptide(L)'
;MASHHHHHHDYDGATTENLYFQGSLRKETPPPLVPPAAREWNLPPNAPACMERQLEAARYRSDGALLLGASSLSGRCWAG
SLWLFKDPCAAPNEGFCSAGVQTEAGVADLTWVGERGILVASDSGAVELWELDENETLIVSKFCKYEHDDIVSTVSVLSS
GTQAVSGSKDICIKVWDLAQQVVLSSYRAHAAQVTCVAASPHKDSVFLSCSEDNRILLWDTRCPKPASQIGCSAPGYLPT
SLAWHPQQSEVFVFGDENGTVSLVDTKSTSCVLSSAVHSQCVTGLVFSPHSVPFLASLSEDCSLAVLDSSLSELFRSQAH
RDFVRDATWSPLNHSLLTTVGWDHQVVHHVVPTEPLPAPGPASVTE
;
B,D
#
loop_
_chem_comp.id
_chem_comp.type
_chem_comp.name
_chem_comp.formula
ZR4 non-polymer 7-[(5R)-5-C-(4-chloro-3-fluorophenyl)-beta-D-ribofuranosyl]-7H-pyrrolo[2,3-d]pyrimidin-4-amine 'C17 H16 Cl F N4 O4'
#
# COMPACT_ATOMS: atom_id res chain seq x y z
N ARG A 13 14.53 7.19 18.58
CA ARG A 13 13.82 6.33 19.53
C ARG A 13 12.67 7.07 20.20
N VAL A 14 12.83 8.39 20.42
CA VAL A 14 11.76 9.16 21.04
C VAL A 14 11.34 10.32 20.12
N SER A 15 10.12 10.24 19.57
CA SER A 15 9.58 11.27 18.68
C SER A 15 8.86 12.24 19.59
N SER A 16 9.27 13.51 19.58
CA SER A 16 8.71 14.47 20.52
C SER A 16 8.14 15.73 19.92
N GLY A 17 7.14 16.26 20.61
CA GLY A 17 6.49 17.49 20.20
C GLY A 17 6.37 18.52 21.30
N ARG A 18 6.34 19.78 20.90
CA ARG A 18 6.20 20.88 21.82
C ARG A 18 4.78 21.40 21.73
N ASP A 19 4.10 21.54 22.85
CA ASP A 19 2.76 22.07 22.88
C ASP A 19 2.83 23.52 23.35
N LEU A 20 2.39 24.42 22.51
CA LEU A 20 2.35 25.84 22.83
C LEU A 20 0.94 26.33 22.65
N ASN A 21 0.56 27.31 23.45
CA ASN A 21 -0.71 27.99 23.27
C ASN A 21 -0.50 29.48 22.91
N CYS A 22 0.78 29.88 22.65
CA CYS A 22 1.23 31.22 22.30
C CYS A 22 2.28 31.09 21.22
N VAL A 23 1.96 31.58 20.03
CA VAL A 23 2.85 31.53 18.86
C VAL A 23 2.77 32.90 18.20
N PRO A 24 3.58 33.86 18.66
CA PRO A 24 3.48 35.24 18.13
C PRO A 24 3.83 35.32 16.65
N GLU A 25 4.85 34.58 16.24
CA GLU A 25 5.26 34.50 14.86
C GLU A 25 5.62 33.04 14.62
N ILE A 26 4.89 32.37 13.73
CA ILE A 26 5.04 30.94 13.48
C ILE A 26 6.42 30.53 12.93
N ALA A 27 7.02 31.27 11.99
CA ALA A 27 8.35 30.91 11.48
C ALA A 27 9.39 31.02 12.60
N ASP A 28 9.32 32.11 13.39
CA ASP A 28 10.20 32.32 14.53
C ASP A 28 10.03 31.20 15.55
N THR A 29 8.80 30.89 15.92
CA THR A 29 8.52 29.87 16.93
C THR A 29 8.98 28.49 16.47
N LEU A 30 8.73 28.14 15.21
CA LEU A 30 9.16 26.85 14.66
C LEU A 30 10.68 26.71 14.65
N GLY A 31 11.37 27.82 14.39
CA GLY A 31 12.83 27.86 14.39
C GLY A 31 13.41 27.59 15.77
N ALA A 32 12.73 28.09 16.81
CA ALA A 32 13.18 27.88 18.19
C ALA A 32 12.88 26.47 18.68
N VAL A 33 11.70 25.94 18.33
CA VAL A 33 11.29 24.59 18.71
C VAL A 33 12.22 23.55 18.07
N ALA A 34 12.55 23.74 16.79
CA ALA A 34 13.47 22.85 16.06
C ALA A 34 14.86 22.94 16.66
N LYS A 35 15.30 24.16 17.05
CA LYS A 35 16.58 24.39 17.70
C LYS A 35 16.64 23.61 19.02
N GLN A 36 15.52 23.61 19.79
CA GLN A 36 15.39 22.87 21.04
C GLN A 36 15.41 21.33 20.85
N GLY A 37 15.39 20.85 19.62
CA GLY A 37 15.42 19.42 19.32
C GLY A 37 14.08 18.72 19.15
N PHE A 38 12.96 19.46 19.17
CA PHE A 38 11.64 18.83 19.01
C PHE A 38 11.40 18.43 17.55
N ASP A 39 10.65 17.35 17.35
CA ASP A 39 10.30 16.89 16.00
C ASP A 39 9.08 17.64 15.46
N PHE A 40 8.16 18.06 16.34
CA PHE A 40 6.96 18.75 15.87
C PHE A 40 6.43 19.78 16.87
N LEU A 41 5.41 20.54 16.44
CA LEU A 41 4.81 21.59 17.23
C LEU A 41 3.29 21.51 17.19
N CYS A 42 2.65 21.43 18.37
CA CYS A 42 1.22 21.50 18.47
C CYS A 42 0.94 22.97 18.74
N MET A 43 0.10 23.59 17.93
CA MET A 43 -0.20 25.00 18.09
C MET A 43 -1.62 25.32 17.62
N PRO A 44 -2.19 26.46 18.03
CA PRO A 44 -3.53 26.83 17.54
C PRO A 44 -3.50 27.30 16.08
N VAL A 45 -4.53 26.93 15.30
CA VAL A 45 -4.57 27.36 13.91
C VAL A 45 -5.25 28.75 13.77
N PHE A 46 -6.03 29.15 14.76
CA PHE A 46 -6.64 30.46 14.94
C PHE A 46 -6.13 30.94 16.32
N HIS A 47 -6.12 32.26 16.58
CA HIS A 47 -5.70 32.79 17.87
C HIS A 47 -6.60 32.21 18.97
N PRO A 48 -6.03 31.59 20.01
CA PRO A 48 -6.91 30.92 21.01
C PRO A 48 -7.91 31.83 21.72
N ARG A 49 -7.63 33.16 21.74
CA ARG A 49 -8.53 34.12 22.35
C ARG A 49 -9.50 34.80 21.35
N PHE A 50 -9.23 34.66 20.03
CA PHE A 50 -10.04 35.28 18.98
C PHE A 50 -11.41 34.62 18.80
N LYS A 51 -12.34 34.90 19.69
CA LYS A 51 -13.70 34.38 19.63
C LYS A 51 -14.39 34.95 18.39
N ARG A 52 -14.96 34.09 17.54
CA ARG A 52 -15.66 34.54 16.34
C ARG A 52 -17.14 34.27 16.47
N GLU A 53 -17.98 35.13 15.86
CA GLU A 53 -19.44 35.05 15.94
C GLU A 53 -20.01 34.71 14.55
N PHE A 54 -20.94 33.78 14.48
CA PHE A 54 -21.47 33.31 13.22
C PHE A 54 -22.96 33.62 13.00
N ILE A 55 -23.67 34.14 14.01
CA ILE A 55 -25.11 34.36 13.88
C ILE A 55 -25.59 35.82 14.00
N GLN A 56 -25.22 36.51 15.09
CA GLN A 56 -25.68 37.86 15.42
C GLN A 56 -24.85 39.01 14.85
N GLU A 57 -25.53 40.07 14.41
CA GLU A 57 -24.86 41.28 13.93
C GLU A 57 -24.60 42.22 15.15
N PRO A 58 -23.52 43.01 15.15
CA PRO A 58 -22.55 43.23 14.07
C PRO A 58 -21.28 42.37 14.11
N ALA A 59 -21.07 41.61 15.20
CA ALA A 59 -19.92 40.75 15.38
C ALA A 59 -19.71 39.72 14.28
N LYS A 60 -20.78 39.19 13.68
CA LYS A 60 -20.65 38.21 12.60
C LYS A 60 -20.04 38.77 11.30
N ASN A 61 -20.13 40.10 11.07
CA ASN A 61 -19.53 40.69 9.87
C ASN A 61 -18.12 41.20 10.11
N ARG A 62 -17.42 40.68 11.13
CA ARG A 62 -16.04 41.05 11.45
C ARG A 62 -15.13 40.91 10.24
N PRO A 63 -14.53 42.02 9.81
CA PRO A 63 -13.65 41.94 8.64
C PRO A 63 -12.25 41.40 8.96
N GLY A 64 -11.31 41.64 8.03
CA GLY A 64 -9.91 41.25 8.12
C GLY A 64 -9.70 39.79 7.90
N PRO A 65 -8.45 39.33 7.74
CA PRO A 65 -8.22 37.89 7.62
C PRO A 65 -8.62 37.18 8.93
N GLN A 66 -9.32 36.03 8.85
CA GLN A 66 -9.76 35.34 10.07
C GLN A 66 -8.61 34.67 10.83
N THR A 67 -7.50 34.36 10.15
CA THR A 67 -6.29 33.80 10.78
C THR A 67 -5.06 34.10 9.91
N ARG A 68 -3.87 33.60 10.29
CA ARG A 68 -2.67 33.77 9.50
C ARG A 68 -2.74 32.88 8.24
N SER A 69 -2.03 33.31 7.21
CA SER A 69 -2.00 32.65 5.92
C SER A 69 -1.23 31.33 5.87
N ASP A 70 -1.68 30.45 4.94
CA ASP A 70 -1.10 29.15 4.64
C ASP A 70 0.29 29.26 3.97
N LEU A 71 0.57 30.42 3.37
CA LEU A 71 1.82 30.76 2.69
C LEU A 71 3.02 30.93 3.64
N LEU A 72 2.75 31.12 4.95
CA LEU A 72 3.76 31.30 6.00
C LEU A 72 4.67 30.10 6.18
N LEU A 73 4.17 28.92 5.87
CA LEU A 73 4.94 27.69 5.90
C LEU A 73 4.79 26.99 4.57
N SER A 74 5.78 26.19 4.22
CA SER A 74 5.73 25.38 3.02
C SER A 74 4.72 24.23 3.26
N GLY A 75 4.19 23.66 2.19
CA GLY A 75 3.28 22.53 2.29
C GLY A 75 3.85 21.35 3.06
N ARG A 76 5.16 21.06 2.91
CA ARG A 76 5.78 19.94 3.62
C ARG A 76 5.91 20.24 5.12
N ASP A 77 6.11 21.52 5.50
CA ASP A 77 6.17 21.85 6.92
C ASP A 77 4.78 21.75 7.54
N TRP A 78 3.74 22.17 6.81
CA TRP A 78 2.35 22.00 7.22
C TRP A 78 2.04 20.49 7.37
N ASN A 79 2.42 19.65 6.40
CA ASN A 79 2.19 18.20 6.44
C ASN A 79 2.97 17.43 7.51
N THR A 80 4.12 17.94 7.98
CA THR A 80 4.99 17.16 8.87
C THR A 80 5.31 17.76 10.26
N LEU A 81 5.35 19.08 10.37
CA LEU A 81 5.76 19.72 11.63
C LEU A 81 4.65 20.32 12.49
N ILE A 82 3.47 20.58 11.92
CA ILE A 82 2.41 21.24 12.69
C ILE A 82 1.24 20.32 13.04
N VAL A 83 0.86 20.29 14.34
CA VAL A 83 -0.31 19.59 14.86
C VAL A 83 -1.25 20.70 15.33
N GLY A 84 -2.42 20.83 14.70
CA GLY A 84 -3.36 21.87 15.08
C GLY A 84 -4.05 21.58 16.39
N LYS A 85 -4.77 22.60 16.96
CA LYS A 85 -5.49 22.48 18.23
C LYS A 85 -6.80 23.24 18.13
N LEU A 86 -7.84 22.69 18.76
CA LEU A 86 -9.14 23.35 18.79
C LEU A 86 -9.04 24.55 19.78
N SER A 87 -9.68 25.68 19.45
CA SER A 87 -9.64 26.84 20.35
C SER A 87 -10.36 26.55 21.67
N PRO A 88 -9.75 26.93 22.80
CA PRO A 88 -10.33 26.61 24.09
C PRO A 88 -11.75 27.13 24.30
N TRP A 89 -12.11 28.23 23.65
CA TRP A 89 -13.47 28.77 23.81
C TRP A 89 -14.55 27.92 23.11
N ILE A 90 -14.16 27.02 22.20
CA ILE A 90 -15.07 26.18 21.42
C ILE A 90 -15.62 25.13 22.33
N ARG A 91 -16.92 25.25 22.62
CA ARG A 91 -17.60 24.38 23.53
C ARG A 91 -18.89 23.85 22.89
N PRO A 92 -18.83 22.79 22.05
CA PRO A 92 -20.05 22.32 21.39
C PRO A 92 -21.10 21.72 22.31
N ASP A 93 -20.75 21.38 23.55
CA ASP A 93 -21.72 20.82 24.50
C ASP A 93 -22.18 21.80 25.58
N SER A 94 -22.03 23.10 25.31
CA SER A 94 -22.45 24.15 26.21
C SER A 94 -23.96 24.06 26.45
N LYS A 95 -24.40 24.41 27.67
CA LYS A 95 -25.82 24.41 27.98
C LYS A 95 -26.55 25.64 27.44
N VAL A 96 -25.81 26.60 26.83
CA VAL A 96 -26.40 27.76 26.20
C VAL A 96 -26.51 27.43 24.72
N GLU A 97 -27.72 27.50 24.15
CA GLU A 97 -27.94 27.22 22.73
C GLU A 97 -27.01 28.03 21.81
N LYS A 98 -26.96 29.36 21.97
CA LYS A 98 -26.09 30.22 21.15
C LYS A 98 -24.62 29.80 21.15
N ILE A 99 -24.07 29.46 22.32
CA ILE A 99 -22.66 29.05 22.41
C ILE A 99 -22.43 27.73 21.68
N ARG A 100 -23.41 26.84 21.74
CA ARG A 100 -23.43 25.54 21.11
C ARG A 100 -23.41 25.71 19.58
N ARG A 101 -24.33 26.56 19.02
CA ARG A 101 -24.40 26.84 17.58
C ARG A 101 -23.13 27.53 17.07
N ASN A 102 -22.61 28.50 17.83
CA ASN A 102 -21.39 29.20 17.41
C ASN A 102 -20.19 28.28 17.45
N SER A 103 -20.14 27.40 18.45
CA SER A 103 -19.08 26.46 18.67
C SER A 103 -19.06 25.35 17.62
N GLU A 104 -20.24 25.02 17.01
CA GLU A 104 -20.32 24.03 15.97
C GLU A 104 -19.74 24.61 14.68
N ALA A 105 -20.09 25.86 14.33
CA ALA A 105 -19.56 26.49 13.11
C ALA A 105 -18.06 26.72 13.23
N ALA A 106 -17.61 27.12 14.42
CA ALA A 106 -16.19 27.37 14.72
C ALA A 106 -15.39 26.12 14.72
N MET A 107 -15.97 24.98 15.15
CA MET A 107 -15.30 23.68 15.18
C MET A 107 -15.07 23.18 13.77
N LEU A 108 -16.11 23.20 12.93
CA LEU A 108 -15.96 22.83 11.53
C LEU A 108 -15.01 23.78 10.80
N GLN A 109 -15.06 25.08 11.12
CA GLN A 109 -14.16 26.04 10.51
C GLN A 109 -12.69 25.71 10.84
N GLU A 110 -12.40 25.35 12.08
CA GLU A 110 -11.03 25.01 12.49
C GLU A 110 -10.57 23.70 11.91
N LEU A 111 -11.45 22.68 11.94
CA LEU A 111 -11.12 21.36 11.41
C LEU A 111 -10.93 21.42 9.88
N ASN A 112 -11.78 22.19 9.19
CA ASN A 112 -11.69 22.37 7.75
C ASN A 112 -10.41 23.12 7.44
N PHE A 113 -10.07 24.19 8.19
CA PHE A 113 -8.80 24.87 7.94
C PHE A 113 -7.60 23.95 8.15
N GLY A 114 -7.69 23.06 9.12
CA GLY A 114 -6.63 22.07 9.36
C GLY A 114 -6.48 21.11 8.19
N ALA A 115 -7.61 20.72 7.58
CA ALA A 115 -7.65 19.83 6.43
C ALA A 115 -7.11 20.56 5.20
N TYR A 116 -7.47 21.84 5.03
CA TYR A 116 -6.97 22.74 3.99
C TYR A 116 -5.43 22.78 4.03
N LEU A 117 -4.86 22.82 5.22
CA LEU A 117 -3.42 22.86 5.51
C LEU A 117 -2.72 21.51 5.36
N GLY A 118 -3.46 20.42 5.44
CA GLY A 118 -2.88 19.09 5.32
C GLY A 118 -2.14 18.67 6.56
N LEU A 119 -2.67 19.05 7.75
CA LEU A 119 -2.03 18.73 9.01
C LEU A 119 -2.09 17.22 9.29
N PRO A 120 -0.99 16.61 9.77
CA PRO A 120 -1.02 15.16 10.05
C PRO A 120 -1.82 14.76 11.28
N ALA A 121 -2.16 15.73 12.16
CA ALA A 121 -2.93 15.50 13.38
C ALA A 121 -3.57 16.79 13.91
N PHE A 122 -4.70 16.67 14.60
CA PHE A 122 -5.39 17.79 15.17
C PHE A 122 -5.86 17.36 16.55
N LEU A 123 -5.59 18.18 17.59
CA LEU A 123 -5.96 17.85 18.97
C LEU A 123 -7.31 18.40 19.35
N LEU A 124 -8.08 17.60 20.08
CA LEU A 124 -9.39 18.00 20.60
C LEU A 124 -9.48 17.47 22.02
N PRO A 125 -9.92 18.28 22.99
CA PRO A 125 -9.94 17.81 24.36
C PRO A 125 -11.22 17.12 24.82
N LEU A 126 -11.04 16.14 25.68
CA LEU A 126 -12.12 15.50 26.40
C LEU A 126 -11.82 15.98 27.83
N ASN A 127 -12.57 16.98 28.31
CA ASN A 127 -12.33 17.55 29.62
C ASN A 127 -13.64 17.61 30.45
N GLN A 128 -14.64 16.78 30.13
CA GLN A 128 -15.91 16.67 30.83
C GLN A 128 -16.64 15.37 30.42
N GLU A 129 -17.73 15.01 31.13
CA GLU A 129 -18.41 13.74 30.86
C GLU A 129 -19.16 13.75 29.54
N ASP A 130 -19.96 14.79 29.30
CA ASP A 130 -20.73 14.90 28.08
C ASP A 130 -19.95 15.51 26.92
N ASN A 131 -19.72 14.70 25.88
CA ASN A 131 -19.07 15.20 24.66
C ASN A 131 -19.82 14.74 23.44
N THR A 132 -21.15 14.60 23.54
CA THR A 132 -21.99 14.08 22.49
C THR A 132 -21.98 14.95 21.25
N ASN A 133 -22.24 16.24 21.39
CA ASN A 133 -22.24 17.15 20.27
C ASN A 133 -20.84 17.37 19.70
N LEU A 134 -19.80 17.28 20.51
CA LEU A 134 -18.42 17.40 20.01
C LEU A 134 -18.15 16.19 19.07
N ALA A 135 -18.61 14.99 19.49
CA ALA A 135 -18.50 13.77 18.73
C ALA A 135 -19.31 13.89 17.44
N ARG A 136 -20.57 14.36 17.51
CA ARG A 136 -21.39 14.50 16.31
C ARG A 136 -20.75 15.44 15.31
N VAL A 137 -20.20 16.56 15.78
CA VAL A 137 -19.54 17.52 14.90
C VAL A 137 -18.26 16.90 14.30
N LEU A 138 -17.48 16.14 15.08
CA LEU A 138 -16.24 15.52 14.54
C LEU A 138 -16.56 14.40 13.54
N THR A 139 -17.57 13.60 13.83
CA THR A 139 -18.04 12.54 12.94
C THR A 139 -18.48 13.15 11.60
N ASN A 140 -19.15 14.28 11.66
CA ASN A 140 -19.59 15.04 10.51
C ASN A 140 -18.43 15.55 9.64
N HIS A 141 -17.34 16.02 10.29
CA HIS A 141 -16.15 16.48 9.59
C HIS A 141 -15.49 15.28 8.90
N ILE A 142 -15.48 14.10 9.56
CA ILE A 142 -14.90 12.89 8.99
C ILE A 142 -15.65 12.43 7.73
N HIS A 143 -16.98 12.58 7.74
CA HIS A 143 -17.85 12.21 6.63
C HIS A 143 -18.06 13.34 5.63
N THR A 144 -17.05 14.18 5.44
CA THR A 144 -17.15 15.30 4.51
C THR A 144 -15.82 15.41 3.80
N GLY A 145 -15.85 15.35 2.47
CA GLY A 145 -14.62 15.44 1.70
C GLY A 145 -13.71 14.24 1.83
N HIS A 146 -12.50 14.38 1.31
CA HIS A 146 -11.53 13.29 1.24
C HIS A 146 -10.21 13.79 1.80
N HIS A 147 -10.23 14.25 3.05
CA HIS A 147 -9.04 14.80 3.67
C HIS A 147 -8.12 13.75 4.31
N SER A 148 -8.68 12.79 5.07
CA SER A 148 -7.89 11.77 5.79
C SER A 148 -6.65 12.36 6.55
N SER A 149 -6.85 12.64 7.86
CA SER A 149 -5.93 13.22 8.87
C SER A 149 -6.16 12.51 10.25
N MET A 150 -5.23 12.63 11.21
CA MET A 150 -5.45 12.00 12.52
C MET A 150 -6.08 12.97 13.54
N PHE A 151 -6.90 12.44 14.44
CA PHE A 151 -7.55 13.22 15.46
C PHE A 151 -7.05 12.70 16.78
N TRP A 152 -6.52 13.58 17.61
CA TRP A 152 -5.94 13.22 18.87
C TRP A 152 -6.77 13.76 20.00
N MET A 153 -7.42 12.87 20.77
CA MET A 153 -8.22 13.32 21.90
C MET A 153 -7.38 13.45 23.13
N ARG A 154 -7.22 14.71 23.59
CA ARG A 154 -6.46 15.05 24.79
C ARG A 154 -7.30 14.62 25.97
N VAL A 155 -6.87 13.59 26.71
CA VAL A 155 -7.65 13.08 27.83
C VAL A 155 -6.73 12.70 29.00
N PRO A 156 -6.99 13.24 30.18
CA PRO A 156 -6.09 12.98 31.32
C PRO A 156 -6.30 11.65 32.02
N LEU A 157 -5.25 11.14 32.70
CA LEU A 157 -5.39 9.96 33.54
C LEU A 157 -6.37 10.32 34.69
N VAL A 158 -6.21 11.55 35.27
CA VAL A 158 -7.05 12.04 36.36
C VAL A 158 -7.74 13.33 35.97
N ALA A 159 -9.07 13.38 36.08
CA ALA A 159 -9.84 14.58 35.79
C ALA A 159 -9.38 15.75 36.71
N PRO A 160 -9.38 17.02 36.24
CA PRO A 160 -8.98 18.14 37.11
C PRO A 160 -9.75 18.18 38.44
N GLU A 161 -11.07 17.94 38.38
CA GLU A 161 -11.96 17.88 39.53
C GLU A 161 -11.54 16.89 40.59
N ASP A 162 -10.73 15.88 40.22
CA ASP A 162 -10.30 14.85 41.16
C ASP A 162 -8.82 14.99 41.59
N LEU A 163 -8.07 15.98 41.05
CA LEU A 163 -6.69 16.24 41.46
C LEU A 163 -6.50 17.68 42.07
N ARG A 164 -7.60 18.39 42.31
CA ARG A 164 -7.54 19.72 42.88
C ARG A 164 -7.09 19.68 44.34
N ASP A 165 -6.59 20.83 44.84
CA ASP A 165 -6.18 21.00 46.24
C ASP A 165 -7.44 21.03 47.13
N ASP A 166 -7.34 20.46 48.35
CA ASP A 166 -8.49 20.47 49.26
C ASP A 166 -8.55 21.80 50.01
N ILE A 167 -8.87 22.88 49.31
CA ILE A 167 -8.89 24.21 49.90
C ILE A 167 -10.25 24.92 49.77
N ILE A 168 -11.32 24.19 49.44
CA ILE A 168 -12.65 24.78 49.37
C ILE A 168 -13.39 24.30 50.61
N GLU A 169 -13.51 25.19 51.60
CA GLU A 169 -14.13 24.95 52.89
C GLU A 169 -15.47 24.18 52.81
N ASN A 170 -16.38 24.56 51.91
CA ASN A 170 -17.69 23.91 51.85
C ASN A 170 -17.87 22.96 50.67
N ALA A 171 -16.77 22.36 50.23
CA ALA A 171 -16.73 21.37 49.14
C ALA A 171 -15.46 20.56 49.32
N PRO A 172 -15.47 19.62 50.28
CA PRO A 172 -14.24 18.84 50.53
C PRO A 172 -13.98 17.78 49.47
N THR A 173 -12.70 17.49 49.23
CA THR A 173 -12.30 16.47 48.30
C THR A 173 -12.48 15.13 49.03
N THR A 174 -13.32 14.22 48.51
CA THR A 174 -13.54 12.94 49.17
C THR A 174 -12.28 12.08 49.25
N HIS A 175 -11.91 11.68 50.46
CA HIS A 175 -10.74 10.82 50.66
C HIS A 175 -11.10 9.31 50.61
N THR A 176 -12.41 8.96 50.52
CA THR A 176 -12.84 7.57 50.43
C THR A 176 -12.59 7.04 49.02
N GLU A 177 -12.25 5.75 48.92
CA GLU A 177 -11.98 5.14 47.63
C GLU A 177 -13.26 4.78 46.87
N GLU A 178 -13.31 5.19 45.60
CA GLU A 178 -14.40 4.85 44.70
C GLU A 178 -13.73 4.27 43.47
N TYR A 179 -13.70 2.94 43.39
CA TYR A 179 -13.05 2.15 42.35
C TYR A 179 -13.39 2.59 40.90
N SER A 180 -14.68 2.60 40.54
CA SER A 180 -15.10 2.97 39.20
C SER A 180 -14.93 4.46 38.90
N GLY A 181 -15.24 5.30 39.87
CA GLY A 181 -15.14 6.75 39.77
C GLY A 181 -13.76 7.25 39.46
N GLU A 182 -12.73 6.51 39.90
CA GLU A 182 -11.35 6.86 39.58
C GLU A 182 -10.97 6.55 38.11
N GLU A 183 -11.80 5.76 37.40
CA GLU A 183 -11.61 5.46 36.00
C GLU A 183 -12.53 6.32 35.12
N LYS A 184 -13.20 7.37 35.65
CA LYS A 184 -14.14 8.16 34.88
C LYS A 184 -13.62 8.70 33.53
N THR A 185 -12.34 9.14 33.42
CA THR A 185 -11.85 9.68 32.16
C THR A 185 -11.68 8.56 31.08
N TRP A 186 -11.56 7.28 31.50
CA TRP A 186 -11.57 6.20 30.51
C TRP A 186 -12.97 6.14 29.89
N MET A 187 -14.03 6.25 30.71
N MET A 187 -14.03 6.25 30.71
CA MET A 187 -15.41 6.22 30.24
CA MET A 187 -15.43 6.25 30.28
C MET A 187 -15.70 7.43 29.31
C MET A 187 -15.67 7.43 29.31
N TRP A 188 -14.99 8.56 29.53
CA TRP A 188 -15.10 9.77 28.73
C TRP A 188 -14.73 9.45 27.27
N TRP A 189 -13.57 8.80 27.10
CA TRP A 189 -12.98 8.36 25.85
C TRP A 189 -13.85 7.27 25.25
N HIS A 190 -14.12 6.22 26.00
CA HIS A 190 -14.91 5.09 25.54
C HIS A 190 -16.23 5.52 24.94
N ASN A 191 -16.95 6.42 25.59
CA ASN A 191 -18.23 6.89 25.06
C ASN A 191 -18.02 7.69 23.81
N PHE A 192 -17.00 8.57 23.80
CA PHE A 192 -16.71 9.40 22.65
C PHE A 192 -16.39 8.53 21.40
N ARG A 193 -15.45 7.57 21.53
CA ARG A 193 -15.09 6.75 20.40
C ARG A 193 -16.24 5.75 20.03
N THR A 194 -17.14 5.37 20.96
CA THR A 194 -18.30 4.54 20.64
C THR A 194 -19.25 5.39 19.78
N LEU A 195 -19.51 6.64 20.18
CA LEU A 195 -20.37 7.53 19.40
C LEU A 195 -19.80 7.75 17.97
N CYS A 196 -18.48 7.74 17.86
CA CYS A 196 -17.78 7.97 16.62
C CYS A 196 -17.51 6.71 15.81
N ASP A 197 -18.22 5.58 16.12
CA ASP A 197 -18.23 4.31 15.43
C ASP A 197 -16.85 3.71 15.24
N TYR A 198 -16.02 3.78 16.29
CA TYR A 198 -14.66 3.26 16.28
C TYR A 198 -13.84 3.70 15.08
N SER A 199 -13.90 5.00 14.73
CA SER A 199 -13.09 5.52 13.61
C SER A 199 -11.60 5.27 13.89
N LYS A 200 -10.89 4.77 12.90
CA LYS A 200 -9.46 4.50 13.02
C LYS A 200 -8.65 5.81 12.99
N ARG A 201 -9.28 6.94 12.65
CA ARG A 201 -8.68 8.27 12.65
C ARG A 201 -8.82 8.96 14.03
N ILE A 202 -9.52 8.34 14.99
CA ILE A 202 -9.68 8.89 16.32
C ILE A 202 -8.82 8.12 17.33
N ALA A 203 -7.84 8.81 17.92
CA ALA A 203 -6.93 8.17 18.85
C ALA A 203 -6.75 8.97 20.21
N VAL A 204 -5.96 8.41 21.17
CA VAL A 204 -5.74 9.00 22.49
C VAL A 204 -4.41 9.72 22.69
N ALA A 205 -4.48 10.98 23.16
CA ALA A 205 -3.34 11.79 23.61
C ALA A 205 -3.50 11.80 25.14
N LEU A 206 -2.89 10.83 25.81
CA LEU A 206 -3.04 10.67 27.25
C LEU A 206 -2.25 11.73 28.03
N GLU A 207 -2.92 12.54 28.85
CA GLU A 207 -2.28 13.60 29.62
C GLU A 207 -1.90 13.10 31.01
N ILE A 208 -0.59 13.11 31.30
CA ILE A 208 -0.01 12.59 32.54
C ILE A 208 0.16 13.65 33.62
N GLY A 209 -0.56 13.50 34.73
CA GLY A 209 -0.51 14.45 35.85
C GLY A 209 0.56 14.22 36.90
N ALA A 210 0.71 15.18 37.82
CA ALA A 210 1.70 15.20 38.89
C ALA A 210 1.63 13.97 39.79
N ASP A 211 0.44 13.57 40.23
CA ASP A 211 0.31 12.38 41.07
C ASP A 211 -0.44 11.32 40.33
N LEU A 212 0.24 10.21 40.04
CA LEU A 212 -0.35 9.08 39.34
C LEU A 212 -1.50 8.48 40.10
N PRO A 213 -2.52 7.98 39.39
CA PRO A 213 -3.64 7.34 40.08
C PRO A 213 -3.29 5.88 40.40
N SER A 214 -4.25 5.11 40.92
CA SER A 214 -4.01 3.70 41.24
C SER A 214 -3.68 2.91 39.97
N ASN A 215 -3.11 1.71 40.12
CA ASN A 215 -2.75 0.88 38.97
C ASN A 215 -3.93 0.57 38.08
N HIS A 216 -5.08 0.24 38.67
CA HIS A 216 -6.30 -0.07 37.92
C HIS A 216 -6.79 1.10 37.04
N VAL A 217 -6.39 2.33 37.35
CA VAL A 217 -6.75 3.48 36.55
C VAL A 217 -5.85 3.55 35.31
N ILE A 218 -4.52 3.33 35.52
CA ILE A 218 -3.54 3.30 34.45
C ILE A 218 -3.82 2.12 33.50
N ASP A 219 -4.32 1.00 34.04
CA ASP A 219 -4.56 -0.19 33.24
C ASP A 219 -5.81 -0.15 32.39
N ARG A 220 -6.70 0.80 32.64
CA ARG A 220 -7.87 0.99 31.78
C ARG A 220 -7.47 1.37 30.34
N TRP A 221 -6.25 1.93 30.17
CA TRP A 221 -5.74 2.35 28.88
C TRP A 221 -4.94 1.31 28.11
N LEU A 222 -4.93 0.05 28.60
CA LEU A 222 -4.28 -1.05 27.91
C LEU A 222 -5.19 -1.49 26.78
N GLY A 223 -4.61 -1.67 25.59
CA GLY A 223 -5.39 -2.02 24.42
C GLY A 223 -5.97 -0.81 23.68
N GLU A 224 -5.97 0.37 24.32
CA GLU A 224 -6.49 1.58 23.72
C GLU A 224 -5.50 2.16 22.71
N PRO A 225 -6.00 2.80 21.64
CA PRO A 225 -5.08 3.35 20.63
C PRO A 225 -4.39 4.63 21.10
N ILE A 226 -3.38 4.52 21.94
CA ILE A 226 -2.68 5.70 22.43
C ILE A 226 -1.65 6.09 21.41
N LYS A 227 -1.83 7.28 20.82
CA LYS A 227 -0.91 7.83 19.81
C LYS A 227 0.03 8.89 20.39
N ALA A 228 -0.36 9.53 21.49
CA ALA A 228 0.46 10.54 22.14
C ALA A 228 0.35 10.47 23.66
N ALA A 229 1.39 10.94 24.39
CA ALA A 229 1.45 11.05 25.85
C ALA A 229 1.90 12.46 26.15
N ILE A 230 1.08 13.23 26.88
CA ILE A 230 1.36 14.62 27.19
C ILE A 230 1.96 14.80 28.58
N LEU A 231 3.21 15.28 28.61
CA LEU A 231 3.95 15.53 29.84
C LEU A 231 4.08 17.02 30.11
N PRO A 232 3.31 17.54 31.06
CA PRO A 232 3.48 18.94 31.44
C PRO A 232 4.81 19.09 32.22
N THR A 233 5.46 20.25 32.10
CA THR A 233 6.71 20.58 32.80
C THR A 233 6.54 20.55 34.34
N SER A 234 5.33 20.87 34.81
CA SER A 234 4.97 20.91 36.23
C SER A 234 4.97 19.54 36.92
N ILE A 235 5.06 18.43 36.16
CA ILE A 235 5.11 17.09 36.77
C ILE A 235 6.55 16.66 37.08
N PHE A 236 7.53 17.33 36.48
CA PHE A 236 8.93 17.01 36.64
C PHE A 236 9.48 17.46 37.98
N LEU A 237 10.14 16.54 38.67
CA LEU A 237 10.88 16.78 39.90
C LEU A 237 12.24 17.44 39.52
N THR A 238 13.01 17.90 40.52
CA THR A 238 14.32 18.50 40.26
C THR A 238 15.38 17.60 40.91
N ASN A 239 16.42 17.22 40.17
CA ASN A 239 17.43 16.30 40.71
C ASN A 239 18.55 17.02 41.50
N LYS A 240 19.63 16.28 41.87
CA LYS A 240 20.77 16.79 42.60
C LYS A 240 21.37 18.05 41.94
N LYS A 241 21.76 17.95 40.66
CA LYS A 241 22.36 19.08 39.96
C LYS A 241 21.33 20.02 39.28
N GLY A 242 20.11 20.10 39.82
CA GLY A 242 19.08 21.01 39.32
C GLY A 242 18.40 20.71 37.98
N PHE A 243 18.63 19.53 37.40
CA PHE A 243 18.02 19.17 36.12
C PHE A 243 16.64 18.51 36.30
N PRO A 244 15.70 18.72 35.35
CA PRO A 244 14.38 18.09 35.50
C PRO A 244 14.40 16.57 35.34
N VAL A 245 13.82 15.87 36.30
CA VAL A 245 13.72 14.41 36.29
C VAL A 245 12.26 14.02 36.62
N LEU A 246 11.92 12.72 36.57
CA LEU A 246 10.58 12.25 36.90
C LEU A 246 10.66 11.19 37.99
N SER A 247 9.56 10.97 38.71
CA SER A 247 9.53 9.95 39.75
C SER A 247 9.72 8.54 39.15
N LYS A 248 10.09 7.56 39.97
CA LYS A 248 10.27 6.18 39.51
C LYS A 248 8.94 5.58 39.04
N MET A 249 7.83 5.95 39.69
CA MET A 249 6.50 5.47 39.32
C MET A 249 6.11 6.03 37.94
N HIS A 250 6.46 7.29 37.67
CA HIS A 250 6.22 7.95 36.38
C HIS A 250 7.11 7.33 35.31
N GLN A 251 8.36 7.02 35.66
CA GLN A 251 9.34 6.41 34.76
C GLN A 251 8.86 5.06 34.25
N ARG A 252 8.25 4.24 35.10
CA ARG A 252 7.73 2.93 34.70
C ARG A 252 6.58 3.12 33.66
N LEU A 253 5.70 4.10 33.89
CA LEU A 253 4.65 4.41 32.94
C LEU A 253 5.26 4.88 31.60
N ILE A 254 6.38 5.64 31.64
CA ILE A 254 7.11 6.08 30.44
C ILE A 254 7.58 4.86 29.64
N PHE A 255 8.12 3.84 30.34
CA PHE A 255 8.59 2.62 29.70
C PHE A 255 7.50 1.85 28.96
N ARG A 256 6.27 1.89 29.47
CA ARG A 256 5.14 1.23 28.82
C ARG A 256 4.82 1.97 27.52
N LEU A 257 4.76 3.30 27.58
CA LEU A 257 4.47 4.16 26.45
C LEU A 257 5.55 4.08 25.36
N LEU A 258 6.82 3.85 25.76
CA LEU A 258 7.90 3.68 24.81
C LEU A 258 7.66 2.42 23.98
N LYS A 259 7.16 1.32 24.60
CA LYS A 259 6.84 0.07 23.89
C LYS A 259 5.74 0.27 22.82
N LEU A 260 4.73 1.10 23.12
CA LEU A 260 3.69 1.42 22.15
C LEU A 260 4.13 2.42 21.07
N GLU A 261 5.36 2.94 21.17
CA GLU A 261 5.95 3.91 20.26
C GLU A 261 5.15 5.20 20.19
N VAL A 262 4.69 5.70 21.35
CA VAL A 262 3.92 6.93 21.39
C VAL A 262 4.79 8.16 21.13
N GLN A 263 4.17 9.26 20.74
CA GLN A 263 4.87 10.52 20.56
C GLN A 263 4.69 11.32 21.87
N PHE A 264 5.80 11.66 22.51
CA PHE A 264 5.77 12.41 23.76
C PHE A 264 5.58 13.88 23.48
N ILE A 265 4.67 14.54 24.21
CA ILE A 265 4.43 15.96 24.00
C ILE A 265 4.76 16.75 25.30
N ILE A 266 5.64 17.75 25.22
CA ILE A 266 5.96 18.56 26.39
C ILE A 266 5.09 19.80 26.41
N THR A 267 4.23 19.91 27.42
CA THR A 267 3.36 21.08 27.58
C THR A 267 3.81 21.91 28.83
N GLY A 268 3.26 23.11 28.97
CA GLY A 268 3.59 23.98 30.08
C GLY A 268 4.72 24.94 29.79
N THR A 269 5.09 25.74 30.79
CA THR A 269 6.12 26.77 30.69
C THR A 269 7.50 26.27 31.15
N ASN A 270 8.57 27.01 30.81
CA ASN A 270 9.93 26.63 31.23
C ASN A 270 10.14 26.91 32.72
N HIS A 271 10.08 25.86 33.55
CA HIS A 271 10.31 25.96 35.01
C HIS A 271 11.75 25.56 35.44
N HIS A 272 12.63 25.28 34.46
CA HIS A 272 14.02 24.93 34.71
C HIS A 272 14.85 25.84 33.81
N SER A 273 14.64 27.16 33.96
CA SER A 273 15.28 28.22 33.16
C SER A 273 16.80 28.19 33.25
N GLU A 274 17.34 27.80 34.42
CA GLU A 274 18.78 27.67 34.65
C GLU A 274 19.40 26.57 33.74
N LYS A 275 18.59 25.58 33.31
CA LYS A 275 19.06 24.45 32.49
C LYS A 275 18.51 24.42 31.06
N GLU A 276 17.69 25.42 30.66
CA GLU A 276 17.05 25.55 29.34
C GLU A 276 15.84 24.56 29.14
N PHE A 277 15.07 24.72 28.02
CA PHE A 277 13.89 23.88 27.78
C PHE A 277 14.18 22.51 27.15
N CYS A 278 15.32 22.36 26.44
CA CYS A 278 15.67 21.06 25.87
C CYS A 278 16.05 20.03 26.94
N SER A 279 16.26 20.45 28.21
CA SER A 279 16.61 19.59 29.33
C SER A 279 15.49 18.58 29.64
N TYR A 280 14.23 19.00 29.50
CA TYR A 280 13.08 18.11 29.69
C TYR A 280 13.13 16.98 28.65
N LEU A 281 13.45 17.35 27.39
CA LEU A 281 13.56 16.43 26.26
C LEU A 281 14.76 15.51 26.42
N GLN A 282 15.88 16.06 26.90
CA GLN A 282 17.11 15.32 27.11
C GLN A 282 16.96 14.25 28.19
N TYR A 283 16.15 14.54 29.23
CA TYR A 283 15.88 13.56 30.27
C TYR A 283 15.05 12.42 29.68
N LEU A 284 14.05 12.75 28.84
CA LEU A 284 13.22 11.76 28.16
C LEU A 284 14.08 10.84 27.29
N GLU A 285 15.09 11.43 26.62
CA GLU A 285 16.05 10.71 25.80
C GLU A 285 16.92 9.79 26.66
N TYR A 286 17.28 10.22 27.88
CA TYR A 286 18.07 9.41 28.80
C TYR A 286 17.30 8.14 29.20
N LEU A 287 16.01 8.29 29.54
CA LEU A 287 15.17 7.14 29.88
C LEU A 287 15.02 6.20 28.67
N SER A 288 14.99 6.76 27.46
CA SER A 288 14.88 6.04 26.21
C SER A 288 16.14 5.19 25.94
N GLN A 289 17.33 5.77 26.11
CA GLN A 289 18.58 5.01 25.89
C GLN A 289 18.79 3.99 27.00
N ASN A 290 18.46 4.36 28.24
CA ASN A 290 18.66 3.48 29.39
C ASN A 290 17.40 2.75 29.83
N ARG A 291 16.52 2.45 28.87
CA ARG A 291 15.30 1.70 29.17
C ARG A 291 15.68 0.23 29.46
N PRO A 292 14.93 -0.46 30.35
CA PRO A 292 15.26 -1.87 30.66
C PRO A 292 15.39 -2.74 29.40
N PRO A 293 16.59 -3.30 29.17
CA PRO A 293 16.81 -4.08 27.93
C PRO A 293 15.75 -5.15 27.62
N PRO A 294 15.39 -5.27 26.32
CA PRO A 294 14.33 -6.22 25.95
C PRO A 294 14.81 -7.65 25.66
N ASN A 295 13.87 -8.60 25.57
CA ASN A 295 14.16 -10.00 25.30
C ASN A 295 14.31 -10.30 23.79
N ALA A 296 14.80 -11.50 23.43
CA ALA A 296 14.98 -11.90 22.04
C ALA A 296 13.67 -12.03 21.28
N TYR A 297 12.54 -12.26 21.99
CA TYR A 297 11.23 -12.33 21.34
C TYR A 297 10.87 -10.94 20.84
N GLU A 298 11.10 -9.89 21.68
CA GLU A 298 10.87 -8.48 21.34
C GLU A 298 11.76 -8.06 20.15
N LEU A 299 12.99 -8.61 20.09
CA LEU A 299 13.95 -8.36 19.02
C LEU A 299 13.47 -9.02 17.72
N PHE A 300 12.91 -10.23 17.81
CA PHE A 300 12.45 -10.99 16.66
C PHE A 300 11.13 -10.48 16.04
N ALA A 301 10.08 -10.32 16.86
CA ALA A 301 8.76 -9.93 16.40
C ALA A 301 8.62 -8.47 15.99
N LYS A 302 9.70 -7.68 16.03
CA LYS A 302 9.68 -6.26 15.67
C LYS A 302 9.22 -6.08 14.21
N GLY A 303 8.00 -5.61 14.05
CA GLY A 303 7.38 -5.43 12.76
C GLY A 303 6.05 -6.16 12.66
N TYR A 304 5.86 -7.22 13.45
CA TYR A 304 4.64 -8.01 13.42
C TYR A 304 3.62 -7.64 14.51
N GLU A 305 3.88 -6.59 15.30
CA GLU A 305 2.99 -6.16 16.40
C GLU A 305 1.56 -5.90 15.97
N ASP A 306 0.62 -6.70 16.50
CA ASP A 306 -0.81 -6.66 16.20
C ASP A 306 -1.15 -6.74 14.70
N TYR A 307 -0.24 -7.33 13.89
CA TYR A 307 -0.50 -7.51 12.47
C TYR A 307 -1.20 -8.83 12.33
N LEU A 308 -2.47 -8.82 11.91
CA LEU A 308 -3.25 -10.05 11.74
C LEU A 308 -2.84 -10.78 10.50
N GLN A 309 -2.62 -12.11 10.61
CA GLN A 309 -2.29 -12.99 9.50
C GLN A 309 -3.24 -14.21 9.55
N SER A 310 -3.35 -14.98 8.43
CA SER A 310 -4.20 -16.17 8.43
C SER A 310 -3.39 -17.32 8.99
N PRO A 311 -3.99 -18.12 9.87
CA PRO A 311 -3.27 -19.29 10.39
C PRO A 311 -2.97 -20.25 9.24
N LEU A 312 -1.72 -20.77 9.17
CA LEU A 312 -1.28 -21.69 8.11
C LEU A 312 -2.11 -22.92 8.14
N GLN A 313 -2.37 -23.47 6.95
CA GLN A 313 -3.06 -24.74 6.84
C GLN A 313 -2.14 -25.60 6.01
N PRO A 314 -1.10 -26.19 6.63
CA PRO A 314 -0.16 -27.01 5.87
C PRO A 314 -0.73 -28.30 5.34
N LEU A 315 -1.93 -28.74 5.77
CA LEU A 315 -2.56 -29.94 5.22
C LEU A 315 -3.23 -29.60 3.89
N MET A 316 -4.11 -28.57 3.87
CA MET A 316 -4.85 -28.13 2.68
C MET A 316 -3.96 -27.43 1.67
N ASP A 317 -3.01 -26.60 2.13
CA ASP A 317 -2.15 -25.87 1.22
C ASP A 317 -0.68 -26.36 1.25
N ASN A 318 0.04 -26.25 0.13
CA ASN A 318 1.44 -26.63 0.08
C ASN A 318 2.28 -25.45 0.45
N LEU A 319 2.95 -25.52 1.59
CA LEU A 319 3.73 -24.39 2.09
C LEU A 319 4.83 -24.01 1.15
N GLU A 320 5.07 -22.71 1.00
CA GLU A 320 6.13 -22.22 0.12
C GLU A 320 7.50 -22.39 0.77
N SER A 321 8.56 -22.40 -0.03
CA SER A 321 9.93 -22.58 0.42
C SER A 321 10.32 -21.64 1.56
N GLN A 322 10.06 -20.34 1.42
CA GLN A 322 10.43 -19.36 2.43
C GLN A 322 9.63 -19.50 3.73
N THR A 323 8.44 -20.11 3.68
CA THR A 323 7.63 -20.38 4.86
C THR A 323 8.34 -21.48 5.66
N TYR A 324 8.83 -22.54 4.98
CA TYR A 324 9.58 -23.60 5.67
C TYR A 324 10.84 -22.99 6.36
N GLU A 325 11.55 -22.12 5.64
CA GLU A 325 12.75 -21.46 6.12
C GLU A 325 12.48 -20.68 7.41
N VAL A 326 11.34 -19.94 7.52
CA VAL A 326 11.08 -19.19 8.74
C VAL A 326 10.79 -20.11 9.91
N PHE A 327 10.07 -21.22 9.71
CA PHE A 327 9.76 -22.14 10.79
C PHE A 327 10.93 -23.06 11.17
N GLU A 328 11.90 -23.21 10.29
CA GLU A 328 13.09 -24.01 10.55
C GLU A 328 14.09 -23.25 11.44
N LYS A 329 14.03 -21.91 11.45
CA LYS A 329 14.92 -21.06 12.20
C LYS A 329 14.45 -21.00 13.63
N ASP A 330 14.55 -22.13 14.34
CA ASP A 330 14.17 -22.22 15.73
C ASP A 330 15.04 -23.26 16.43
N PRO A 331 16.27 -22.88 16.83
CA PRO A 331 17.16 -23.87 17.47
C PRO A 331 16.58 -24.53 18.71
N ILE A 332 15.83 -23.78 19.53
CA ILE A 332 15.20 -24.32 20.74
C ILE A 332 14.19 -25.43 20.42
N LYS A 333 13.30 -25.19 19.47
CA LYS A 333 12.29 -26.18 19.08
C LYS A 333 12.92 -27.50 18.60
N TYR A 334 13.94 -27.41 17.71
CA TYR A 334 14.56 -28.61 17.19
C TYR A 334 15.47 -29.29 18.20
N SER A 335 16.09 -28.54 19.13
CA SER A 335 16.90 -29.20 20.19
C SER A 335 16.01 -29.93 21.19
N GLN A 336 14.80 -29.42 21.44
CA GLN A 336 13.83 -30.10 22.30
C GLN A 336 13.41 -31.41 21.63
N TYR A 337 13.12 -31.35 20.32
CA TYR A 337 12.76 -32.53 19.55
C TYR A 337 13.89 -33.57 19.56
N GLN A 338 15.14 -33.10 19.42
CA GLN A 338 16.31 -33.99 19.43
C GLN A 338 16.42 -34.70 20.79
N GLN A 339 16.28 -33.92 21.88
CA GLN A 339 16.34 -34.42 23.24
C GLN A 339 15.21 -35.43 23.53
N ALA A 340 14.04 -35.23 22.92
CA ALA A 340 12.88 -36.11 23.11
C ALA A 340 13.06 -37.45 22.47
N ILE A 341 13.73 -37.47 21.31
CA ILE A 341 14.01 -38.68 20.54
C ILE A 341 15.19 -39.42 21.19
N TYR A 342 16.22 -38.67 21.64
CA TYR A 342 17.40 -39.18 22.32
C TYR A 342 16.97 -39.98 23.56
N LYS A 343 16.12 -39.38 24.40
CA LYS A 343 15.60 -40.01 25.61
C LYS A 343 14.78 -41.24 25.27
N CYS A 344 13.99 -41.18 24.20
CA CYS A 344 13.12 -42.28 23.82
C CYS A 344 13.91 -43.49 23.32
N LEU A 345 15.03 -43.24 22.61
CA LEU A 345 15.88 -44.30 22.07
C LEU A 345 16.51 -45.08 23.21
N LEU A 346 17.04 -44.35 24.22
CA LEU A 346 17.62 -44.98 25.41
C LEU A 346 16.57 -45.83 26.12
N ASP A 347 15.38 -45.26 26.42
CA ASP A 347 14.29 -45.98 27.09
C ASP A 347 13.76 -47.21 26.32
N ARG A 348 14.02 -47.31 25.01
CA ARG A 348 13.53 -48.42 24.19
C ARG A 348 14.55 -49.52 23.95
N VAL A 349 15.81 -49.15 23.73
CA VAL A 349 16.87 -50.11 23.43
C VAL A 349 17.94 -50.15 24.53
N PRO A 350 17.94 -51.21 25.35
CA PRO A 350 18.98 -51.33 26.39
C PRO A 350 20.37 -51.54 25.81
N GLU A 351 21.43 -51.28 26.61
CA GLU A 351 22.82 -51.42 26.17
C GLU A 351 23.17 -52.81 25.57
N GLU A 352 22.55 -53.89 26.11
CA GLU A 352 22.76 -55.26 25.59
C GLU A 352 22.15 -55.48 24.17
N GLU A 353 21.40 -54.50 23.63
CA GLU A 353 20.80 -54.57 22.30
C GLU A 353 21.22 -53.41 21.39
N LYS A 354 22.26 -52.64 21.78
CA LYS A 354 22.84 -51.49 21.09
C LYS A 354 23.06 -51.68 19.57
N ASP A 355 23.23 -52.93 19.12
CA ASP A 355 23.44 -53.21 17.70
C ASP A 355 22.31 -54.06 17.13
N THR A 356 21.80 -55.02 17.91
CA THR A 356 20.74 -55.92 17.42
C THR A 356 19.40 -55.21 17.12
N ASN A 357 18.92 -54.35 18.03
CA ASN A 357 17.63 -53.68 17.82
C ASN A 357 17.70 -52.35 17.06
N VAL A 358 17.28 -52.37 15.79
CA VAL A 358 17.19 -51.16 14.97
C VAL A 358 15.81 -50.57 15.21
N GLN A 359 15.74 -49.27 15.46
CA GLN A 359 14.48 -48.59 15.73
C GLN A 359 13.88 -47.95 14.47
N VAL A 360 12.64 -48.30 14.12
CA VAL A 360 11.98 -47.70 12.95
C VAL A 360 11.37 -46.33 13.31
N LEU A 361 12.01 -45.25 12.88
CA LEU A 361 11.51 -43.90 13.12
C LEU A 361 10.78 -43.38 11.88
N MET A 362 9.52 -42.95 12.06
CA MET A 362 8.77 -42.36 10.95
C MET A 362 8.47 -40.89 11.24
N VAL A 363 9.11 -39.98 10.49
CA VAL A 363 8.86 -38.55 10.59
C VAL A 363 7.63 -38.27 9.71
N LEU A 364 6.49 -37.95 10.34
CA LEU A 364 5.26 -37.70 9.57
C LEU A 364 5.11 -36.21 9.33
N GLY A 365 5.21 -35.82 8.07
CA GLY A 365 5.23 -34.42 7.68
C GLY A 365 6.64 -33.91 7.85
N ALA A 366 7.60 -34.40 7.03
CA ALA A 366 9.02 -34.09 7.15
C ALA A 366 9.48 -32.72 6.68
N GLY A 367 8.64 -32.00 5.93
CA GLY A 367 8.99 -30.68 5.41
C GLY A 367 10.22 -30.71 4.55
N ARG A 368 11.17 -29.78 4.77
CA ARG A 368 12.43 -29.79 4.05
C ARG A 368 13.53 -30.66 4.73
N GLY A 369 13.26 -31.18 5.94
CA GLY A 369 14.16 -32.09 6.63
C GLY A 369 14.80 -31.70 7.96
N PRO A 370 14.22 -30.79 8.78
CA PRO A 370 14.89 -30.42 10.04
C PRO A 370 14.67 -31.46 11.14
N LEU A 371 13.53 -32.18 11.11
CA LEU A 371 13.19 -33.26 12.03
C LEU A 371 13.90 -34.58 11.64
N VAL A 372 14.25 -34.74 10.37
CA VAL A 372 15.02 -35.90 9.92
C VAL A 372 16.44 -35.74 10.46
N ASN A 373 17.01 -34.53 10.36
CA ASN A 373 18.31 -34.24 10.92
C ASN A 373 18.31 -34.26 12.46
N ALA A 374 17.17 -33.93 13.10
CA ALA A 374 17.07 -34.02 14.56
C ALA A 374 17.05 -35.49 14.95
N SER A 375 16.38 -36.35 14.16
CA SER A 375 16.35 -37.79 14.37
C SER A 375 17.74 -38.40 14.17
N LEU A 376 18.58 -37.82 13.29
CA LEU A 376 19.94 -38.28 13.05
C LEU A 376 20.85 -37.85 14.21
N ARG A 377 20.69 -36.61 14.67
CA ARG A 377 21.49 -36.07 15.76
C ARG A 377 21.16 -36.76 17.10
N ALA A 378 19.92 -37.21 17.26
CA ALA A 378 19.49 -37.93 18.46
C ALA A 378 19.96 -39.39 18.47
N ALA A 379 20.27 -39.97 17.30
CA ALA A 379 20.75 -41.35 17.21
C ALA A 379 22.28 -41.42 17.42
N LYS A 380 23.01 -40.33 17.09
CA LYS A 380 24.46 -40.30 17.28
C LYS A 380 24.79 -40.12 18.76
N GLN A 381 24.07 -39.21 19.45
CA GLN A 381 24.34 -39.01 20.87
C GLN A 381 23.74 -40.10 21.75
N ALA A 382 22.66 -40.77 21.30
CA ALA A 382 22.10 -41.91 22.05
C ALA A 382 22.79 -43.23 21.71
N ASP A 383 23.66 -43.26 20.66
CA ASP A 383 24.37 -44.43 20.15
C ASP A 383 23.43 -45.59 19.89
N ARG A 384 22.29 -45.32 19.25
CA ARG A 384 21.31 -46.35 18.89
C ARG A 384 21.15 -46.43 17.37
N ARG A 385 20.67 -47.58 16.87
CA ARG A 385 20.47 -47.81 15.44
C ARG A 385 19.05 -47.40 15.04
N ILE A 386 18.90 -46.59 13.97
CA ILE A 386 17.58 -46.17 13.48
C ILE A 386 17.40 -46.34 11.95
N LYS A 387 16.17 -46.66 11.55
CA LYS A 387 15.78 -46.75 10.16
C LYS A 387 14.73 -45.65 9.94
N LEU A 388 15.10 -44.55 9.30
CA LEU A 388 14.20 -43.41 9.07
C LEU A 388 13.29 -43.51 7.82
N TYR A 389 12.09 -42.98 7.96
CA TYR A 389 11.09 -42.86 6.91
C TYR A 389 10.61 -41.42 6.98
N ALA A 390 10.87 -40.61 5.95
CA ALA A 390 10.46 -39.22 5.95
C ALA A 390 9.20 -39.07 5.09
N VAL A 391 8.01 -39.16 5.69
CA VAL A 391 6.74 -39.01 4.95
C VAL A 391 6.38 -37.53 4.84
N GLU A 392 5.94 -37.07 3.63
CA GLU A 392 5.61 -35.67 3.34
C GLU A 392 4.69 -35.62 2.11
N LYS A 393 3.52 -34.95 2.19
CA LYS A 393 2.59 -34.87 1.06
C LYS A 393 2.88 -33.70 0.08
N ASN A 394 3.62 -32.68 0.52
CA ASN A 394 3.94 -31.53 -0.33
C ASN A 394 5.04 -31.96 -1.32
N PRO A 395 4.69 -32.12 -2.60
CA PRO A 395 5.69 -32.55 -3.59
C PRO A 395 6.83 -31.58 -3.76
N ASN A 396 6.62 -30.33 -3.40
CA ASN A 396 7.64 -29.30 -3.53
C ASN A 396 8.71 -29.50 -2.45
N ALA A 397 8.29 -29.80 -1.21
CA ALA A 397 9.20 -30.11 -0.11
C ALA A 397 9.92 -31.47 -0.39
N VAL A 398 9.22 -32.47 -0.98
CA VAL A 398 9.82 -33.76 -1.35
C VAL A 398 11.03 -33.60 -2.27
N VAL A 399 11.07 -32.54 -3.10
CA VAL A 399 12.23 -32.26 -3.95
C VAL A 399 13.43 -31.97 -3.05
N THR A 400 13.24 -31.16 -2.00
CA THR A 400 14.33 -30.85 -1.07
C THR A 400 14.83 -32.13 -0.36
N LEU A 401 13.89 -32.94 0.15
CA LEU A 401 14.17 -34.19 0.82
C LEU A 401 14.92 -35.19 -0.05
N GLU A 402 14.51 -35.35 -1.31
CA GLU A 402 15.14 -36.31 -2.21
C GLU A 402 16.52 -35.86 -2.66
N ASN A 403 16.79 -34.55 -2.71
CA ASN A 403 18.12 -34.04 -3.02
C ASN A 403 19.04 -34.24 -1.78
N TRP A 404 18.47 -34.10 -0.57
CA TRP A 404 19.17 -34.30 0.70
C TRP A 404 19.53 -35.79 0.79
N GLN A 405 18.58 -36.67 0.45
CA GLN A 405 18.75 -38.11 0.54
C GLN A 405 19.87 -38.56 -0.38
N PHE A 406 19.86 -38.08 -1.62
CA PHE A 406 20.87 -38.48 -2.58
C PHE A 406 22.25 -37.95 -2.22
N GLU A 407 22.34 -36.70 -1.72
CA GLU A 407 23.63 -36.09 -1.47
C GLU A 407 24.22 -36.34 -0.06
N GLU A 408 23.37 -36.59 0.96
CA GLU A 408 23.87 -36.74 2.32
C GLU A 408 23.35 -37.95 3.10
N TRP A 409 22.02 -38.12 3.19
CA TRP A 409 21.44 -39.16 4.03
C TRP A 409 21.69 -40.60 3.55
N GLY A 410 21.50 -40.83 2.27
CA GLY A 410 21.65 -42.16 1.69
C GLY A 410 20.55 -43.12 2.13
N SER A 411 20.80 -44.42 1.96
CA SER A 411 19.89 -45.52 2.28
C SER A 411 19.26 -45.43 3.67
N GLN A 412 19.94 -44.76 4.61
CA GLN A 412 19.44 -44.58 5.97
C GLN A 412 18.00 -44.02 6.03
N VAL A 413 17.70 -42.98 5.19
CA VAL A 413 16.40 -42.33 5.09
C VAL A 413 15.64 -42.74 3.82
N THR A 414 14.39 -43.20 3.97
CA THR A 414 13.54 -43.49 2.80
C THR A 414 12.56 -42.31 2.70
N VAL A 415 12.58 -41.57 1.59
CA VAL A 415 11.68 -40.44 1.43
C VAL A 415 10.37 -40.95 0.85
N VAL A 416 9.24 -40.70 1.53
CA VAL A 416 7.93 -41.13 1.03
C VAL A 416 7.09 -39.90 0.61
N SER A 417 6.63 -39.87 -0.64
CA SER A 417 5.82 -38.78 -1.14
C SER A 417 4.36 -39.17 -1.01
N SER A 418 3.79 -38.94 0.17
CA SER A 418 2.40 -39.35 0.40
C SER A 418 1.77 -38.63 1.60
N ASP A 419 0.44 -38.78 1.76
CA ASP A 419 -0.31 -38.29 2.92
C ASP A 419 -0.19 -39.44 3.93
N THR A 420 0.08 -39.14 5.21
CA THR A 420 0.16 -40.20 6.24
C THR A 420 -1.13 -41.00 6.37
N ARG A 421 -2.27 -40.43 5.99
CA ARG A 421 -3.54 -41.15 6.10
C ARG A 421 -3.79 -42.15 5.00
N GLU A 422 -3.04 -42.07 3.90
CA GLU A 422 -3.23 -42.99 2.77
C GLU A 422 -2.10 -44.01 2.64
N TRP A 423 -0.88 -43.59 2.99
CA TRP A 423 0.31 -44.43 2.91
C TRP A 423 0.16 -45.84 3.47
N VAL A 424 0.44 -46.83 2.63
CA VAL A 424 0.48 -48.22 3.07
C VAL A 424 1.94 -48.45 3.38
N ALA A 425 2.32 -48.32 4.64
CA ALA A 425 3.71 -48.49 5.07
C ALA A 425 4.16 -49.93 4.93
N PRO A 426 5.43 -50.15 4.53
CA PRO A 426 5.92 -51.53 4.43
C PRO A 426 6.20 -52.12 5.82
N GLU A 427 6.82 -51.32 6.72
CA GLU A 427 7.19 -51.70 8.08
C GLU A 427 6.30 -51.02 9.16
N LYS A 428 6.52 -51.31 10.46
CA LYS A 428 5.81 -50.67 11.56
C LYS A 428 6.78 -49.83 12.37
N ALA A 429 6.31 -48.70 12.88
CA ALA A 429 7.19 -47.79 13.58
C ALA A 429 7.28 -48.01 15.06
N ASP A 430 8.49 -47.86 15.55
CA ASP A 430 8.73 -47.89 16.98
C ASP A 430 8.37 -46.48 17.52
N ILE A 431 8.75 -45.42 16.76
CA ILE A 431 8.50 -44.03 17.11
C ILE A 431 8.02 -43.23 15.89
N ILE A 432 7.00 -42.40 16.10
CA ILE A 432 6.54 -41.47 15.08
C ILE A 432 6.85 -40.07 15.56
N VAL A 433 7.59 -39.27 14.78
CA VAL A 433 7.98 -37.90 15.11
C VAL A 433 7.25 -36.94 14.17
N SER A 434 6.55 -35.93 14.70
CA SER A 434 5.82 -34.99 13.86
C SER A 434 5.82 -33.59 14.43
N GLU A 435 5.61 -32.60 13.56
CA GLU A 435 5.54 -31.15 13.85
C GLU A 435 4.22 -30.66 13.21
N LEU A 436 3.12 -31.38 13.40
CA LEU A 436 1.84 -31.03 12.79
C LEU A 436 0.98 -30.11 13.66
N LEU A 437 1.59 -29.38 14.60
CA LEU A 437 0.89 -28.49 15.51
C LEU A 437 0.91 -27.07 15.07
N GLY A 438 -0.11 -26.31 15.44
CA GLY A 438 -0.19 -24.88 15.18
C GLY A 438 -0.20 -24.06 16.47
N SER A 439 -0.49 -22.74 16.38
CA SER A 439 -0.52 -21.88 17.55
C SER A 439 -1.62 -22.23 18.56
N PHE A 440 -2.74 -22.84 18.09
CA PHE A 440 -3.85 -23.31 18.92
C PHE A 440 -3.83 -24.83 19.07
N ALA A 441 -2.61 -25.40 19.05
CA ALA A 441 -2.28 -26.82 19.17
C ALA A 441 -2.86 -27.69 18.03
N ASP A 442 -4.18 -28.00 17.99
CA ASP A 442 -4.77 -28.88 16.96
C ASP A 442 -5.36 -28.12 15.75
N ASN A 443 -5.04 -26.82 15.57
CA ASN A 443 -5.62 -26.03 14.46
C ASN A 443 -5.05 -26.39 13.05
N GLU A 444 -3.87 -27.01 12.98
CA GLU A 444 -3.33 -27.52 11.70
C GLU A 444 -3.84 -28.94 11.41
N LEU A 445 -4.72 -29.51 12.25
CA LEU A 445 -5.36 -30.83 12.16
C LEU A 445 -4.45 -32.02 12.50
N SER A 446 -3.44 -31.82 13.37
CA SER A 446 -2.60 -32.90 13.88
C SER A 446 -3.40 -34.15 14.38
N PRO A 447 -4.51 -34.04 15.12
CA PRO A 447 -5.23 -35.25 15.55
C PRO A 447 -5.65 -36.13 14.39
N GLU A 448 -6.15 -35.56 13.30
CA GLU A 448 -6.66 -36.33 12.17
C GLU A 448 -5.55 -37.02 11.39
N CYS A 449 -4.43 -36.32 11.26
CA CYS A 449 -3.26 -36.79 10.57
C CYS A 449 -2.63 -37.94 11.38
N LEU A 450 -2.43 -37.77 12.70
CA LEU A 450 -1.81 -38.83 13.51
C LEU A 450 -2.77 -40.01 13.71
N ASP A 451 -4.09 -39.76 13.75
CA ASP A 451 -5.07 -40.86 13.83
C ASP A 451 -4.97 -41.79 12.64
N GLY A 452 -4.81 -41.21 11.44
CA GLY A 452 -4.68 -41.97 10.21
C GLY A 452 -3.39 -42.77 10.10
N ALA A 453 -2.37 -42.39 10.89
CA ALA A 453 -1.08 -43.05 10.94
C ALA A 453 -0.94 -44.10 12.05
N GLN A 454 -1.99 -44.32 12.85
CA GLN A 454 -1.91 -45.24 13.98
C GLN A 454 -1.87 -46.70 13.58
N HIS A 455 -2.46 -47.05 12.43
CA HIS A 455 -2.44 -48.43 11.97
C HIS A 455 -1.01 -48.96 11.73
N PHE A 456 -0.05 -48.08 11.34
CA PHE A 456 1.31 -48.53 11.10
C PHE A 456 2.29 -48.25 12.27
N LEU A 457 1.78 -47.87 13.44
CA LEU A 457 2.63 -47.71 14.62
C LEU A 457 2.57 -49.03 15.38
N LYS A 458 3.72 -49.48 15.94
CA LYS A 458 3.73 -50.74 16.70
C LYS A 458 2.73 -50.70 17.89
N ASP A 459 2.26 -51.86 18.37
CA ASP A 459 1.33 -51.91 19.50
C ASP A 459 1.86 -51.24 20.77
N ASP A 460 3.18 -51.02 20.85
CA ASP A 460 3.90 -50.36 21.93
C ASP A 460 4.65 -49.11 21.40
N GLY A 461 4.16 -48.51 20.32
CA GLY A 461 4.78 -47.37 19.69
C GLY A 461 4.61 -46.09 20.48
N VAL A 462 5.60 -45.19 20.32
CA VAL A 462 5.67 -43.88 20.94
C VAL A 462 5.42 -42.78 19.88
N SER A 463 4.51 -41.85 20.17
CA SER A 463 4.30 -40.69 19.32
C SER A 463 4.99 -39.51 19.97
N ILE A 464 5.76 -38.75 19.22
CA ILE A 464 6.45 -37.55 19.68
C ILE A 464 5.97 -36.41 18.73
N PRO A 465 5.09 -35.51 19.20
CA PRO A 465 4.69 -35.30 20.60
C PRO A 465 3.61 -36.26 21.09
N GLY A 466 3.62 -36.54 22.40
CA GLY A 466 2.67 -37.44 23.03
C GLY A 466 1.37 -36.79 23.43
N GLU A 467 1.42 -35.48 23.69
CA GLU A 467 0.22 -34.75 24.10
C GLU A 467 0.31 -33.28 23.74
N TYR A 468 -0.86 -32.65 23.54
CA TYR A 468 -0.94 -31.21 23.36
C TYR A 468 -2.26 -30.68 23.85
N THR A 469 -2.21 -29.48 24.41
CA THR A 469 -3.35 -28.79 24.97
C THR A 469 -3.35 -27.35 24.48
N SER A 470 -4.52 -26.84 24.10
CA SER A 470 -4.64 -25.43 23.72
C SER A 470 -5.11 -24.63 24.96
N PHE A 471 -4.83 -23.33 25.00
CA PHE A 471 -5.24 -22.49 26.11
C PHE A 471 -5.92 -21.26 25.59
N LEU A 472 -6.98 -20.80 26.26
CA LEU A 472 -7.66 -19.56 25.90
C LEU A 472 -7.55 -18.55 27.05
N ALA A 473 -7.59 -17.27 26.73
CA ALA A 473 -7.56 -16.19 27.72
C ALA A 473 -8.39 -15.05 27.17
N PRO A 474 -9.31 -14.47 27.96
CA PRO A 474 -10.08 -13.33 27.45
C PRO A 474 -9.17 -12.11 27.36
N ILE A 475 -9.31 -11.34 26.27
CA ILE A 475 -8.50 -10.15 26.08
C ILE A 475 -9.35 -8.92 25.78
N SER A 476 -8.75 -7.76 25.99
CA SER A 476 -9.33 -6.48 25.69
C SER A 476 -8.36 -5.78 24.80
N SER A 477 -8.83 -5.29 23.66
CA SER A 477 -8.00 -4.53 22.77
C SER A 477 -8.83 -3.83 21.74
N SER A 478 -9.10 -2.54 21.96
CA SER A 478 -9.82 -1.75 20.98
C SER A 478 -8.97 -1.56 19.73
N LYS A 479 -7.62 -1.68 19.83
CA LYS A 479 -6.77 -1.60 18.64
C LYS A 479 -6.95 -2.86 17.78
N LEU A 480 -6.95 -4.06 18.41
CA LEU A 480 -7.11 -5.31 17.69
C LEU A 480 -8.52 -5.45 17.14
N TYR A 481 -9.54 -5.09 17.93
CA TYR A 481 -10.92 -5.17 17.46
C TYR A 481 -11.13 -4.31 16.20
N ASN A 482 -10.42 -3.16 16.11
CA ASN A 482 -10.50 -2.27 14.95
C ASN A 482 -9.78 -2.85 13.77
N GLU A 483 -8.68 -3.54 14.00
CA GLU A 483 -7.89 -4.24 12.99
C GLU A 483 -8.74 -5.36 12.34
N VAL A 484 -9.50 -6.13 13.13
CA VAL A 484 -10.38 -7.18 12.61
C VAL A 484 -11.50 -6.51 11.83
N ARG A 485 -12.12 -5.47 12.41
CA ARG A 485 -13.15 -4.67 11.75
C ARG A 485 -12.77 -4.24 10.31
N ALA A 486 -11.47 -3.94 10.09
CA ALA A 486 -10.90 -3.50 8.80
C ALA A 486 -10.70 -4.62 7.77
N CYS A 487 -10.90 -5.85 8.20
CA CYS A 487 -10.77 -7.02 7.34
C CYS A 487 -12.07 -7.36 6.61
N ARG A 488 -13.02 -6.42 6.51
CA ARG A 488 -14.24 -6.65 5.75
C ARG A 488 -13.89 -6.77 4.26
N GLU A 489 -14.60 -7.65 3.54
CA GLU A 489 -14.33 -7.84 2.11
C GLU A 489 -15.60 -7.83 1.27
N LYS A 490 -15.44 -7.66 -0.05
CA LYS A 490 -16.54 -7.75 -1.00
C LYS A 490 -16.89 -9.23 -1.16
N ASP A 491 -18.10 -9.51 -1.61
CA ASP A 491 -18.52 -10.83 -2.01
C ASP A 491 -18.53 -11.88 -0.93
N ARG A 492 -18.63 -11.47 0.31
CA ARG A 492 -18.77 -12.39 1.41
C ARG A 492 -19.62 -11.74 2.47
N ASP A 493 -19.96 -12.48 3.54
CA ASP A 493 -20.67 -11.95 4.67
C ASP A 493 -19.88 -10.74 5.23
N PRO A 494 -20.58 -9.61 5.45
CA PRO A 494 -19.88 -8.41 5.94
C PRO A 494 -19.31 -8.53 7.36
N GLU A 495 -19.65 -9.60 8.06
CA GLU A 495 -19.16 -9.85 9.40
C GLU A 495 -18.31 -11.15 9.51
N ALA A 496 -18.03 -11.81 8.35
CA ALA A 496 -17.26 -13.04 8.35
C ALA A 496 -15.90 -12.84 8.96
N GLN A 497 -15.31 -11.64 8.84
CA GLN A 497 -14.00 -11.36 9.46
C GLN A 497 -13.98 -11.64 10.98
N PHE A 498 -15.10 -11.43 11.71
CA PHE A 498 -15.14 -11.71 13.16
C PHE A 498 -15.37 -13.19 13.50
N GLU A 499 -15.63 -14.04 12.51
CA GLU A 499 -15.90 -15.45 12.75
C GLU A 499 -14.75 -16.32 12.24
N MET A 500 -13.51 -15.83 12.39
CA MET A 500 -12.36 -16.63 11.99
C MET A 500 -11.13 -16.25 12.82
N PRO A 501 -10.27 -17.21 13.19
CA PRO A 501 -9.10 -16.88 13.98
C PRO A 501 -7.99 -16.28 13.18
N TYR A 502 -7.13 -15.53 13.80
CA TYR A 502 -5.98 -14.92 13.16
C TYR A 502 -4.73 -15.26 13.96
N VAL A 503 -3.60 -15.40 13.30
CA VAL A 503 -2.34 -15.59 14.00
C VAL A 503 -1.77 -14.19 14.10
N VAL A 504 -1.51 -13.71 15.30
CA VAL A 504 -1.03 -12.34 15.50
C VAL A 504 -0.06 -12.26 16.68
N ARG A 505 1.03 -11.50 16.52
CA ARG A 505 1.90 -11.21 17.64
C ARG A 505 1.14 -10.13 18.47
N LEU A 506 0.39 -10.53 19.50
CA LEU A 506 -0.39 -9.65 20.37
C LEU A 506 0.51 -8.67 21.11
N HIS A 507 0.32 -7.38 20.89
CA HIS A 507 1.15 -6.36 21.52
C HIS A 507 0.35 -5.39 22.44
N ASN A 508 -0.50 -4.51 21.88
CA ASN A 508 -1.26 -3.55 22.69
C ASN A 508 -2.59 -4.19 23.05
N PHE A 509 -2.63 -4.86 24.20
CA PHE A 509 -3.82 -5.55 24.68
C PHE A 509 -3.75 -5.76 26.20
N HIS A 510 -4.85 -6.22 26.79
CA HIS A 510 -4.92 -6.52 28.19
C HIS A 510 -5.47 -7.91 28.35
N GLN A 511 -4.76 -8.79 29.04
CA GLN A 511 -5.26 -10.13 29.32
C GLN A 511 -6.14 -9.98 30.57
N LEU A 512 -7.42 -10.30 30.46
CA LEU A 512 -8.39 -10.10 31.54
C LEU A 512 -8.40 -11.19 32.58
N SER A 513 -7.94 -12.37 32.23
CA SER A 513 -7.89 -13.48 33.15
C SER A 513 -6.83 -14.48 32.69
N ALA A 514 -6.31 -15.31 33.62
CA ALA A 514 -5.26 -16.30 33.34
C ALA A 514 -5.70 -17.37 32.35
N PRO A 515 -4.82 -17.76 31.40
CA PRO A 515 -5.20 -18.80 30.43
C PRO A 515 -5.64 -20.10 31.05
N GLN A 516 -6.72 -20.67 30.57
CA GLN A 516 -7.24 -21.94 31.03
C GLN A 516 -7.20 -22.92 29.86
N PRO A 517 -6.86 -24.20 30.14
CA PRO A 517 -6.81 -25.18 29.05
C PRO A 517 -8.15 -25.37 28.35
N CYS A 518 -8.11 -25.60 27.02
CA CYS A 518 -9.30 -25.77 26.21
C CYS A 518 -9.50 -27.21 25.71
N PHE A 519 -8.66 -27.66 24.77
CA PHE A 519 -8.80 -28.97 24.13
C PHE A 519 -7.48 -29.70 24.21
N THR A 520 -7.53 -31.00 24.53
CA THR A 520 -6.30 -31.79 24.69
C THR A 520 -6.39 -33.03 23.85
N PHE A 521 -5.26 -33.41 23.29
CA PHE A 521 -5.21 -34.60 22.46
C PHE A 521 -4.01 -35.43 22.87
N SER A 522 -4.23 -36.74 23.01
CA SER A 522 -3.19 -37.72 23.40
C SER A 522 -2.91 -38.64 22.22
N HIS A 523 -1.62 -38.91 21.95
CA HIS A 523 -1.16 -39.79 20.88
C HIS A 523 -0.13 -40.79 21.39
N PRO A 524 -0.35 -42.09 21.16
CA PRO A 524 -1.47 -42.71 20.45
C PRO A 524 -2.80 -42.64 21.18
N ASN A 525 -3.90 -42.77 20.46
CA ASN A 525 -5.25 -42.67 21.03
C ASN A 525 -5.95 -44.01 21.05
N ARG A 526 -6.23 -44.50 22.25
CA ARG A 526 -6.85 -45.82 22.42
C ARG A 526 -8.39 -45.82 22.24
N ASP A 527 -9.15 -45.26 23.22
CA ASP A 527 -10.61 -45.22 23.33
C ASP A 527 -11.38 -45.57 22.03
N PRO A 528 -12.12 -46.68 22.08
CA PRO A 528 -12.92 -47.08 20.91
C PRO A 528 -14.12 -46.14 20.74
N MET A 529 -14.05 -45.30 19.70
CA MET A 529 -15.00 -44.25 19.27
C MET A 529 -14.23 -43.09 18.59
N ILE A 530 -12.99 -42.82 19.05
CA ILE A 530 -12.07 -41.77 18.63
C ILE A 530 -12.75 -40.38 18.87
N ASP A 531 -13.53 -39.85 17.91
CA ASP A 531 -14.19 -38.54 17.97
C ASP A 531 -13.24 -37.40 18.35
N ASN A 532 -12.66 -36.74 17.34
CA ASN A 532 -11.81 -35.57 17.59
C ASN A 532 -12.66 -34.28 17.87
N ASN A 533 -14.02 -34.38 17.83
CA ASN A 533 -14.92 -33.30 18.13
C ASN A 533 -14.90 -33.02 19.61
N ARG A 534 -15.04 -31.74 19.99
CA ARG A 534 -14.98 -31.35 21.39
C ARG A 534 -15.98 -30.25 21.74
N TYR A 535 -16.27 -30.08 23.04
CA TYR A 535 -17.11 -29.03 23.59
C TYR A 535 -16.54 -28.68 24.97
N CYS A 536 -16.26 -27.39 25.19
CA CYS A 536 -15.66 -26.94 26.42
C CYS A 536 -16.30 -25.68 26.92
N THR A 537 -16.53 -25.58 28.24
CA THR A 537 -17.04 -24.37 28.86
C THR A 537 -15.96 -23.85 29.76
N LEU A 538 -15.63 -22.56 29.67
CA LEU A 538 -14.60 -21.98 30.50
C LEU A 538 -15.12 -20.76 31.25
N GLU A 539 -14.80 -20.67 32.55
CA GLU A 539 -15.22 -19.52 33.39
C GLU A 539 -13.98 -18.74 33.82
N PHE A 540 -13.87 -17.52 33.32
CA PHE A 540 -12.73 -16.66 33.61
C PHE A 540 -13.11 -15.58 34.61
N PRO A 541 -12.47 -15.60 35.78
CA PRO A 541 -12.75 -14.56 36.78
C PRO A 541 -12.03 -13.26 36.44
N VAL A 542 -12.80 -12.20 36.34
CA VAL A 542 -12.26 -10.90 36.00
C VAL A 542 -12.29 -9.97 37.20
N GLU A 543 -11.13 -9.45 37.57
CA GLU A 543 -10.95 -8.56 38.70
C GLU A 543 -10.93 -7.08 38.28
N VAL A 544 -11.16 -6.75 36.99
CA VAL A 544 -11.11 -5.35 36.55
C VAL A 544 -12.37 -4.95 35.79
N ASN A 545 -12.60 -3.65 35.65
CA ASN A 545 -13.68 -3.12 34.81
C ASN A 545 -13.01 -3.05 33.45
N THR A 546 -13.63 -3.62 32.40
CA THR A 546 -12.99 -3.67 31.09
C THR A 546 -14.04 -3.91 29.94
N VAL A 547 -13.53 -4.06 28.69
CA VAL A 547 -14.30 -4.38 27.51
C VAL A 547 -13.66 -5.61 26.87
N LEU A 548 -14.41 -6.71 26.75
CA LEU A 548 -13.98 -7.96 26.14
C LEU A 548 -14.10 -7.83 24.61
N HIS A 549 -13.03 -8.15 23.85
CA HIS A 549 -13.07 -8.09 22.38
C HIS A 549 -12.76 -9.44 21.68
N GLY A 550 -12.24 -10.40 22.43
CA GLY A 550 -11.87 -11.69 21.88
C GLY A 550 -11.07 -12.50 22.87
N PHE A 551 -10.50 -13.60 22.39
CA PHE A 551 -9.76 -14.54 23.21
C PHE A 551 -8.41 -14.89 22.57
N ALA A 552 -7.34 -14.80 23.36
CA ALA A 552 -6.01 -15.19 22.90
C ALA A 552 -5.91 -16.71 23.05
N GLY A 553 -5.28 -17.36 22.11
CA GLY A 553 -5.11 -18.80 22.11
C GLY A 553 -3.63 -19.14 22.04
N TYR A 554 -3.25 -20.17 22.78
CA TYR A 554 -1.87 -20.63 22.90
C TYR A 554 -1.88 -22.16 22.97
N PHE A 555 -0.70 -22.77 23.11
CA PHE A 555 -0.62 -24.21 23.27
C PHE A 555 0.53 -24.61 24.17
N GLU A 556 0.40 -25.84 24.64
CA GLU A 556 1.43 -26.55 25.36
C GLU A 556 1.52 -27.95 24.81
N THR A 557 2.74 -28.46 24.64
CA THR A 557 2.92 -29.82 24.16
C THR A 557 3.96 -30.59 24.93
N VAL A 558 3.67 -31.87 25.14
CA VAL A 558 4.58 -32.80 25.76
C VAL A 558 5.21 -33.57 24.60
N LEU A 559 6.49 -33.30 24.28
CA LEU A 559 7.19 -34.01 23.23
C LEU A 559 7.46 -35.44 23.71
N TYR A 560 8.11 -35.58 24.89
CA TYR A 560 8.39 -36.85 25.57
C TYR A 560 8.68 -36.56 27.03
N GLN A 561 7.86 -37.10 27.94
CA GLN A 561 8.01 -36.95 29.39
C GLN A 561 8.34 -35.47 29.84
N ASP A 562 9.54 -35.17 30.41
CA ASP A 562 9.82 -33.80 30.87
C ASP A 562 10.23 -32.83 29.76
N ILE A 563 10.34 -33.30 28.51
CA ILE A 563 10.69 -32.44 27.38
C ILE A 563 9.40 -31.91 26.75
N THR A 564 9.24 -30.59 26.79
CA THR A 564 8.00 -29.95 26.36
C THR A 564 8.21 -28.64 25.60
N LEU A 565 7.17 -28.18 24.87
CA LEU A 565 7.20 -26.88 24.21
C LEU A 565 5.96 -26.09 24.65
N SER A 566 6.06 -24.76 24.61
CA SER A 566 4.95 -23.90 25.02
C SER A 566 4.98 -22.48 24.45
N ILE A 567 3.81 -21.95 24.12
CA ILE A 567 3.66 -20.53 23.79
C ILE A 567 2.70 -19.85 24.80
N ARG A 568 2.17 -20.60 25.82
CA ARG A 568 1.36 -20.08 26.93
C ARG A 568 2.32 -19.14 27.68
N PRO A 569 2.04 -17.81 27.75
CA PRO A 569 3.07 -16.86 28.24
C PRO A 569 3.78 -17.27 29.53
N GLU A 570 3.02 -17.65 30.55
CA GLU A 570 3.56 -18.04 31.85
C GLU A 570 4.52 -19.25 31.81
N THR A 571 4.42 -20.14 30.79
CA THR A 571 5.33 -21.29 30.70
C THR A 571 6.10 -21.36 29.38
N HIS A 572 6.15 -20.25 28.64
CA HIS A 572 6.75 -20.11 27.35
C HIS A 572 8.17 -20.64 27.30
N SER A 573 8.48 -21.40 26.24
CA SER A 573 9.78 -21.99 26.07
C SER A 573 10.80 -20.90 25.82
N PRO A 574 11.78 -20.76 26.71
CA PRO A 574 12.78 -19.69 26.54
C PRO A 574 13.52 -19.71 25.21
N GLY A 575 13.19 -18.75 24.33
CA GLY A 575 13.85 -18.61 23.04
C GLY A 575 13.02 -18.94 21.82
N MET A 576 11.95 -19.72 21.98
CA MET A 576 11.08 -20.13 20.87
C MET A 576 10.21 -19.00 20.39
N PHE A 577 10.58 -18.41 19.26
CA PHE A 577 9.92 -17.24 18.66
C PHE A 577 9.08 -17.51 17.41
N SER A 578 9.10 -18.75 16.90
CA SER A 578 8.39 -19.10 15.69
C SER A 578 6.86 -18.83 15.74
N TRP A 579 6.14 -19.58 16.60
CA TRP A 579 4.70 -19.47 16.68
C TRP A 579 4.19 -18.33 17.53
N PHE A 580 3.38 -17.49 16.93
CA PHE A 580 2.70 -16.37 17.58
C PHE A 580 1.36 -16.88 18.16
N PRO A 581 0.77 -16.18 19.14
CA PRO A 581 -0.56 -16.60 19.62
C PRO A 581 -1.63 -16.43 18.52
N ILE A 582 -2.76 -17.12 18.69
CA ILE A 582 -3.92 -17.00 17.83
C ILE A 582 -4.94 -16.04 18.50
N LEU A 583 -5.89 -15.49 17.73
CA LEU A 583 -6.92 -14.61 18.28
C LEU A 583 -8.27 -14.99 17.71
N PHE A 584 -9.22 -15.29 18.57
CA PHE A 584 -10.60 -15.55 18.18
C PHE A 584 -11.34 -14.25 18.52
N PRO A 585 -11.77 -13.50 17.51
CA PRO A 585 -12.52 -12.27 17.81
C PRO A 585 -13.96 -12.56 18.22
N ILE A 586 -14.68 -11.53 18.70
CA ILE A 586 -16.13 -11.55 18.87
C ILE A 586 -16.74 -10.35 18.08
N LYS A 587 -17.90 -10.55 17.45
CA LYS A 587 -18.60 -9.53 16.67
C LYS A 587 -18.84 -8.22 17.43
N GLN A 588 -19.34 -8.30 18.68
CA GLN A 588 -19.62 -7.12 19.49
C GLN A 588 -18.85 -7.15 20.80
N PRO A 589 -18.16 -6.05 21.12
CA PRO A 589 -17.45 -6.00 22.41
C PRO A 589 -18.39 -6.09 23.61
N ILE A 590 -17.96 -6.78 24.65
CA ILE A 590 -18.79 -6.98 25.83
C ILE A 590 -18.24 -6.25 27.07
N THR A 591 -19.09 -5.43 27.69
CA THR A 591 -18.72 -4.71 28.90
C THR A 591 -18.69 -5.71 30.05
N VAL A 592 -17.60 -5.68 30.81
CA VAL A 592 -17.44 -6.54 31.97
C VAL A 592 -17.02 -5.71 33.20
N ARG A 593 -17.77 -5.80 34.30
CA ARG A 593 -17.42 -5.06 35.52
C ARG A 593 -16.54 -5.91 36.44
N GLU A 594 -15.78 -5.27 37.37
CA GLU A 594 -14.90 -6.01 38.29
C GLU A 594 -15.69 -6.94 39.15
N GLY A 595 -15.20 -8.17 39.29
CA GLY A 595 -15.89 -9.20 40.04
C GLY A 595 -16.77 -10.10 39.19
N GLN A 596 -16.99 -9.74 37.91
CA GLN A 596 -17.81 -10.55 37.03
C GLN A 596 -17.01 -11.71 36.41
N THR A 597 -17.74 -12.69 35.90
CA THR A 597 -17.13 -13.83 35.26
C THR A 597 -17.49 -13.88 33.79
N ILE A 598 -16.46 -14.00 32.93
CA ILE A 598 -16.61 -14.16 31.50
C ILE A 598 -16.71 -15.65 31.26
N CYS A 599 -17.85 -16.14 30.80
CA CYS A 599 -17.99 -17.56 30.48
C CYS A 599 -17.96 -17.77 28.96
N VAL A 600 -16.96 -18.50 28.44
CA VAL A 600 -16.87 -18.77 27.01
C VAL A 600 -17.16 -20.25 26.70
N ARG A 601 -17.69 -20.53 25.52
CA ARG A 601 -18.00 -21.89 25.10
C ARG A 601 -17.29 -22.14 23.79
N PHE A 602 -16.47 -23.20 23.70
CA PHE A 602 -15.79 -23.53 22.46
C PHE A 602 -16.16 -24.90 21.99
N TRP A 603 -16.35 -25.05 20.66
CA TRP A 603 -16.66 -26.34 20.05
C TRP A 603 -15.67 -26.59 18.95
N ARG A 604 -15.17 -27.82 18.86
CA ARG A 604 -14.31 -28.21 17.75
C ARG A 604 -15.21 -29.14 16.95
N CYS A 605 -15.60 -28.70 15.74
CA CYS A 605 -16.56 -29.39 14.88
C CYS A 605 -15.90 -29.97 13.62
N SER A 606 -16.58 -30.90 12.94
CA SER A 606 -16.01 -31.52 11.77
C SER A 606 -16.97 -32.37 11.00
N ASN A 607 -16.71 -32.49 9.70
CA ASN A 607 -17.38 -33.44 8.83
C ASN A 607 -16.24 -34.25 8.12
N SER A 608 -16.56 -35.02 7.08
CA SER A 608 -15.54 -35.77 6.34
C SER A 608 -14.58 -34.83 5.58
N LYS A 609 -15.06 -33.64 5.17
CA LYS A 609 -14.29 -32.68 4.38
C LYS A 609 -13.49 -31.65 5.17
N LYS A 610 -14.10 -30.99 6.16
CA LYS A 610 -13.45 -29.93 6.93
C LYS A 610 -13.67 -30.04 8.42
N VAL A 611 -12.77 -29.39 9.18
CA VAL A 611 -12.80 -29.20 10.62
C VAL A 611 -12.88 -27.68 10.85
N TRP A 612 -13.58 -27.25 11.90
CA TRP A 612 -13.68 -25.81 12.23
C TRP A 612 -13.98 -25.62 13.72
N TYR A 613 -13.86 -24.39 14.20
CA TYR A 613 -14.26 -24.07 15.56
C TYR A 613 -15.51 -23.18 15.50
N GLU A 614 -16.32 -23.26 16.52
CA GLU A 614 -17.47 -22.41 16.77
C GLU A 614 -17.33 -21.92 18.20
N TRP A 615 -17.77 -20.69 18.52
CA TRP A 615 -17.61 -20.18 19.88
C TRP A 615 -18.65 -19.16 20.29
N ALA A 616 -19.04 -19.14 21.56
CA ALA A 616 -19.99 -18.16 22.07
C ALA A 616 -19.63 -17.71 23.45
N VAL A 617 -19.94 -16.45 23.76
CA VAL A 617 -19.83 -15.90 25.10
C VAL A 617 -21.20 -16.07 25.72
N THR A 618 -21.27 -16.54 26.96
CA THR A 618 -22.58 -16.77 27.62
C THR A 618 -22.79 -15.97 28.92
N ALA A 619 -21.73 -15.31 29.44
CA ALA A 619 -21.75 -14.48 30.64
C ALA A 619 -20.59 -13.46 30.56
N PRO A 620 -20.75 -12.20 31.02
CA PRO A 620 -21.92 -11.60 31.68
C PRO A 620 -23.14 -11.43 30.78
N VAL A 621 -22.95 -11.38 29.46
CA VAL A 621 -24.06 -11.35 28.50
C VAL A 621 -23.77 -12.38 27.41
N CYS A 622 -24.81 -12.82 26.67
CA CYS A 622 -24.61 -13.74 25.56
C CYS A 622 -24.22 -13.01 24.30
N SER A 623 -23.47 -13.68 23.47
CA SER A 623 -23.17 -13.21 22.11
C SER A 623 -23.94 -14.19 21.19
N ALA A 624 -23.81 -14.01 19.87
CA ALA A 624 -24.33 -14.99 18.93
C ALA A 624 -23.29 -16.15 18.93
N ILE A 625 -23.67 -17.33 18.44
CA ILE A 625 -22.68 -18.39 18.20
C ILE A 625 -21.84 -17.91 16.98
N HIS A 626 -20.52 -17.84 17.12
CA HIS A 626 -19.66 -17.46 16.03
C HIS A 626 -19.27 -18.66 15.20
N ASN A 627 -19.24 -18.45 13.87
CA ASN A 627 -18.90 -19.41 12.84
C ASN A 627 -19.73 -20.67 12.87
N PRO A 628 -21.08 -20.55 12.91
CA PRO A 628 -21.90 -21.76 12.91
C PRO A 628 -21.73 -22.56 11.65
N THR A 629 -21.34 -23.84 11.77
CA THR A 629 -21.17 -24.77 10.64
C THR A 629 -19.99 -24.38 9.74
N GLY A 630 -19.06 -23.57 10.22
CA GLY A 630 -17.95 -23.12 9.42
C GLY A 630 -18.39 -22.27 8.23
N ARG A 631 -19.38 -21.41 8.42
CA ARG A 631 -19.85 -20.53 7.34
C ARG A 631 -18.78 -19.51 6.96
N SER A 632 -17.91 -19.09 7.88
CA SER A 632 -16.84 -18.12 7.54
C SER A 632 -15.45 -18.76 7.58
N TYR A 633 -15.25 -19.82 8.36
CA TYR A 633 -13.95 -20.44 8.51
C TYR A 633 -13.99 -21.94 8.68
N THR A 634 -13.20 -22.66 7.88
CA THR A 634 -13.00 -24.10 7.97
C THR A 634 -11.53 -24.41 7.70
N ILE A 635 -11.07 -25.52 8.26
CA ILE A 635 -9.73 -26.00 8.08
C ILE A 635 -9.89 -27.25 7.18
N GLY A 636 -9.25 -27.22 6.03
CA GLY A 636 -9.37 -28.30 5.07
C GLY A 636 -8.74 -29.62 5.48
N LEU A 637 -9.52 -30.71 5.36
CA LEU A 637 -9.05 -32.08 5.61
C LEU A 637 -8.53 -32.71 4.29
N GLU B 52 -1.99 46.00 16.03
CA GLU B 52 -2.89 45.68 17.14
C GLU B 52 -4.23 46.36 16.95
N ARG B 53 -5.21 45.65 16.39
CA ARG B 53 -6.54 46.20 16.15
C ARG B 53 -7.50 45.88 17.30
N GLN B 54 -7.32 44.74 17.97
CA GLN B 54 -8.21 44.30 19.04
C GLN B 54 -7.89 44.98 20.37
N LEU B 55 -8.73 45.96 20.78
CA LEU B 55 -8.49 46.68 22.01
C LEU B 55 -8.99 45.83 23.17
N GLU B 56 -8.07 45.46 24.07
CA GLU B 56 -8.37 44.58 25.21
C GLU B 56 -8.74 45.30 26.52
N ALA B 57 -8.10 46.43 26.83
CA ALA B 57 -8.37 47.14 28.07
C ALA B 57 -8.24 48.66 27.97
N ALA B 58 -9.00 49.37 28.80
CA ALA B 58 -9.00 50.83 28.87
C ALA B 58 -9.14 51.17 30.36
N ARG B 59 -8.13 51.83 30.94
CA ARG B 59 -8.17 52.18 32.36
C ARG B 59 -7.74 53.64 32.60
N TYR B 60 -8.62 54.47 33.24
CA TYR B 60 -8.28 55.86 33.60
C TYR B 60 -7.53 55.89 34.92
N ARG B 61 -6.42 56.62 34.99
CA ARG B 61 -5.71 56.79 36.26
C ARG B 61 -6.25 58.06 36.96
N SER B 62 -5.80 58.33 38.20
CA SER B 62 -6.28 59.45 39.02
C SER B 62 -6.48 60.78 38.26
N ASP B 63 -5.45 61.25 37.51
CA ASP B 63 -5.52 62.53 36.78
C ASP B 63 -6.38 62.55 35.52
N GLY B 64 -6.66 61.37 34.94
CA GLY B 64 -7.45 61.29 33.71
C GLY B 64 -6.68 60.76 32.51
N ALA B 65 -5.45 60.26 32.73
CA ALA B 65 -4.67 59.66 31.65
C ALA B 65 -5.27 58.26 31.38
N LEU B 66 -5.53 57.96 30.11
CA LEU B 66 -6.15 56.70 29.72
C LEU B 66 -5.10 55.71 29.28
N LEU B 67 -5.07 54.54 29.93
CA LEU B 67 -4.15 53.46 29.61
C LEU B 67 -4.89 52.44 28.70
N LEU B 68 -4.30 52.10 27.57
CA LEU B 68 -4.89 51.12 26.66
C LEU B 68 -4.01 49.89 26.57
N GLY B 69 -4.67 48.73 26.57
CA GLY B 69 -4.04 47.43 26.36
C GLY B 69 -4.61 46.89 25.06
N ALA B 70 -3.74 46.40 24.16
CA ALA B 70 -4.23 45.89 22.86
C ALA B 70 -3.46 44.67 22.36
N SER B 71 -4.07 43.88 21.48
CA SER B 71 -3.40 42.73 20.88
C SER B 71 -3.87 42.49 19.45
N SER B 72 -3.08 41.74 18.67
CA SER B 72 -3.47 41.37 17.31
C SER B 72 -3.92 39.93 17.39
N LEU B 73 -5.24 39.72 17.34
CA LEU B 73 -5.79 38.37 17.42
C LEU B 73 -5.91 37.64 16.07
N SER B 74 -5.36 38.21 15.01
CA SER B 74 -5.41 37.59 13.68
C SER B 74 -4.18 38.03 12.83
N GLY B 75 -4.18 37.81 11.52
CA GLY B 75 -3.06 38.21 10.66
C GLY B 75 -1.77 37.50 10.99
N ARG B 76 -0.69 37.91 10.33
CA ARG B 76 0.65 37.35 10.45
C ARG B 76 1.21 37.27 11.89
N CYS B 77 1.17 38.39 12.63
CA CYS B 77 1.75 38.44 13.97
C CYS B 77 0.71 38.45 15.07
N TRP B 78 0.98 37.71 16.15
CA TRP B 78 0.10 37.64 17.32
C TRP B 78 0.83 38.19 18.54
N ALA B 79 1.03 39.51 18.55
CA ALA B 79 1.71 40.22 19.61
C ALA B 79 0.72 41.24 20.33
N GLY B 80 1.21 42.04 21.28
CA GLY B 80 0.40 42.99 22.03
C GLY B 80 1.06 44.36 22.12
N SER B 81 0.36 45.30 22.77
CA SER B 81 0.86 46.65 22.94
C SER B 81 0.24 47.38 24.14
N LEU B 82 1.04 48.26 24.79
CA LEU B 82 0.60 49.08 25.92
C LEU B 82 0.68 50.54 25.51
N TRP B 83 -0.33 51.34 25.87
CA TRP B 83 -0.37 52.74 25.46
C TRP B 83 -0.87 53.68 26.55
N LEU B 84 -0.35 54.92 26.58
CA LEU B 84 -0.79 55.94 27.53
C LEU B 84 -1.22 57.19 26.78
N PHE B 85 -2.44 57.62 27.00
CA PHE B 85 -2.98 58.80 26.34
C PHE B 85 -3.31 59.87 27.36
N LYS B 86 -2.40 60.85 27.58
CA LYS B 86 -2.72 61.95 28.48
C LYS B 86 -3.85 62.86 27.93
N ASP B 87 -4.29 62.61 26.68
CA ASP B 87 -5.42 63.21 25.98
C ASP B 87 -6.28 62.03 25.53
N PRO B 88 -7.37 61.76 26.26
CA PRO B 88 -8.23 60.63 25.91
C PRO B 88 -8.93 60.75 24.57
N CYS B 89 -9.12 61.98 24.08
CA CYS B 89 -9.80 62.21 22.80
C CYS B 89 -8.97 61.81 21.57
N ALA B 90 -7.64 61.66 21.73
CA ALA B 90 -6.78 61.26 20.62
C ALA B 90 -6.61 59.72 20.51
N ALA B 91 -7.27 58.95 21.41
CA ALA B 91 -7.22 57.49 21.46
C ALA B 91 -8.03 56.87 20.32
N PRO B 92 -7.50 55.83 19.66
CA PRO B 92 -6.25 55.12 19.92
C PRO B 92 -5.18 55.37 18.86
N ASN B 93 -5.18 56.58 18.23
CA ASN B 93 -4.23 56.99 17.20
C ASN B 93 -2.82 57.00 17.77
N GLU B 94 -1.97 56.09 17.29
CA GLU B 94 -0.60 55.88 17.75
C GLU B 94 0.32 57.09 17.59
N GLY B 95 0.05 57.95 16.61
CA GLY B 95 0.86 59.14 16.41
C GLY B 95 0.59 60.25 17.40
N PHE B 96 -0.51 60.15 18.17
CA PHE B 96 -0.97 61.15 19.11
C PHE B 96 -1.01 60.66 20.56
N CYS B 97 -0.14 59.71 20.91
CA CYS B 97 -0.08 59.19 22.27
C CYS B 97 1.10 59.77 23.05
N SER B 98 1.07 59.61 24.37
CA SER B 98 2.12 60.08 25.26
C SER B 98 3.20 58.99 25.39
N ALA B 99 2.77 57.73 25.57
CA ALA B 99 3.69 56.60 25.73
C ALA B 99 3.17 55.35 25.00
N GLY B 100 4.08 54.56 24.44
CA GLY B 100 3.69 53.35 23.72
C GLY B 100 4.77 52.27 23.69
N VAL B 101 4.35 51.01 23.87
CA VAL B 101 5.29 49.89 23.84
C VAL B 101 4.65 48.69 23.17
N GLN B 102 5.48 47.88 22.53
CA GLN B 102 5.10 46.67 21.83
C GLN B 102 5.56 45.49 22.68
N THR B 103 4.61 44.69 23.19
CA THR B 103 4.92 43.49 23.99
C THR B 103 5.14 42.28 23.05
N GLU B 104 5.96 41.29 23.44
CA GLU B 104 6.22 40.13 22.59
C GLU B 104 5.01 39.19 22.37
N ALA B 105 4.03 39.16 23.29
CA ALA B 105 2.81 38.34 23.16
C ALA B 105 1.54 39.19 23.50
N GLY B 106 0.35 38.69 23.17
CA GLY B 106 -0.90 39.40 23.41
C GLY B 106 -1.21 39.75 24.85
N VAL B 107 -2.13 40.70 25.03
CA VAL B 107 -2.57 41.23 26.32
C VAL B 107 -3.96 40.69 26.63
N ALA B 108 -4.06 39.70 27.54
CA ALA B 108 -5.36 39.16 27.91
C ALA B 108 -6.08 40.03 28.96
N ASP B 109 -5.30 40.64 29.87
CA ASP B 109 -5.83 41.54 30.91
C ASP B 109 -4.73 42.47 31.42
N LEU B 110 -5.11 43.59 32.01
CA LEU B 110 -4.16 44.49 32.65
C LEU B 110 -4.79 45.25 33.81
N THR B 111 -3.95 45.83 34.67
CA THR B 111 -4.40 46.64 35.78
C THR B 111 -3.35 47.70 36.11
N TRP B 112 -3.81 48.89 36.50
CA TRP B 112 -2.88 49.93 36.94
C TRP B 112 -2.38 49.50 38.32
N VAL B 113 -1.10 49.68 38.59
CA VAL B 113 -0.48 49.43 39.88
C VAL B 113 -0.02 50.83 40.32
N GLY B 114 -0.85 51.50 41.11
CA GLY B 114 -0.54 52.85 41.55
C GLY B 114 -0.81 53.85 40.44
N GLU B 115 0.23 54.65 40.09
CA GLU B 115 0.09 55.66 39.05
C GLU B 115 1.04 55.47 37.87
N ARG B 116 2.13 54.73 38.05
CA ARG B 116 3.12 54.51 36.98
C ARG B 116 3.37 53.01 36.64
N GLY B 117 2.77 52.10 37.39
CA GLY B 117 2.96 50.66 37.19
C GLY B 117 1.84 50.00 36.44
N ILE B 118 2.14 49.04 35.57
CA ILE B 118 1.12 48.36 34.77
C ILE B 118 1.35 46.86 34.86
N LEU B 119 0.43 46.13 35.50
CA LEU B 119 0.56 44.68 35.59
C LEU B 119 -0.27 44.04 34.50
N VAL B 120 0.34 43.19 33.69
CA VAL B 120 -0.25 42.56 32.49
C VAL B 120 -0.33 41.02 32.53
N ALA B 121 -1.51 40.46 32.18
CA ALA B 121 -1.75 39.01 32.03
C ALA B 121 -1.47 38.65 30.54
N SER B 122 -0.37 37.94 30.28
CA SER B 122 0.03 37.62 28.91
C SER B 122 -0.40 36.24 28.34
N ASP B 123 -0.41 36.14 26.99
CA ASP B 123 -0.73 34.91 26.23
C ASP B 123 0.35 33.84 26.42
N SER B 124 1.59 34.25 26.72
CA SER B 124 2.71 33.34 26.95
C SER B 124 2.70 32.65 28.32
N GLY B 125 1.73 32.97 29.18
CA GLY B 125 1.64 32.40 30.52
C GLY B 125 2.38 33.19 31.60
N ALA B 126 2.91 34.35 31.23
CA ALA B 126 3.66 35.19 32.13
C ALA B 126 2.83 36.28 32.74
N VAL B 127 3.21 36.68 33.94
CA VAL B 127 2.66 37.87 34.58
C VAL B 127 3.80 38.89 34.44
N GLU B 128 3.50 40.04 33.85
CA GLU B 128 4.52 41.04 33.57
C GLU B 128 4.21 42.40 34.22
N LEU B 129 5.24 43.09 34.71
CA LEU B 129 5.06 44.42 35.28
C LEU B 129 5.83 45.44 34.46
N TRP B 130 5.13 46.42 33.93
CA TRP B 130 5.72 47.51 33.16
C TRP B 130 5.71 48.81 34.01
N GLU B 131 6.56 49.76 33.66
CA GLU B 131 6.68 50.98 34.45
C GLU B 131 7.00 52.20 33.62
N LEU B 132 6.13 53.20 33.72
CA LEU B 132 6.31 54.50 33.06
C LEU B 132 7.48 55.19 33.74
N ASP B 133 8.46 55.69 32.98
CA ASP B 133 9.66 56.32 33.54
C ASP B 133 9.37 57.71 34.21
N GLU B 134 10.42 58.53 34.50
CA GLU B 134 10.28 59.84 35.14
C GLU B 134 9.44 60.81 34.30
N ASN B 135 9.78 60.95 33.00
CA ASN B 135 9.06 61.84 32.08
C ASN B 135 7.70 61.28 31.64
N GLU B 136 7.50 59.95 31.80
CA GLU B 136 6.29 59.24 31.39
C GLU B 136 6.14 59.29 29.86
N THR B 137 7.26 59.04 29.17
CA THR B 137 7.38 58.97 27.71
C THR B 137 7.68 57.54 27.22
N LEU B 138 8.23 56.69 28.11
CA LEU B 138 8.53 55.31 27.84
C LEU B 138 7.80 54.40 28.85
N ILE B 139 7.48 53.18 28.43
CA ILE B 139 6.89 52.15 29.28
C ILE B 139 7.89 51.00 29.22
N VAL B 140 8.79 50.91 30.19
CA VAL B 140 9.83 49.87 30.18
C VAL B 140 9.48 48.71 31.09
N SER B 141 9.94 47.50 30.76
CA SER B 141 9.63 46.29 31.52
C SER B 141 10.48 46.17 32.78
N LYS B 142 9.86 45.73 33.88
CA LYS B 142 10.57 45.52 35.13
C LYS B 142 10.69 44.02 35.42
N PHE B 143 9.58 43.28 35.33
CA PHE B 143 9.63 41.83 35.52
C PHE B 143 8.70 41.11 34.58
N CYS B 144 9.13 39.93 34.11
CA CYS B 144 8.37 39.05 33.22
C CYS B 144 8.59 37.66 33.79
N LYS B 145 7.62 37.16 34.57
CA LYS B 145 7.75 35.86 35.22
C LYS B 145 6.79 34.83 34.70
N TYR B 146 7.32 33.78 34.06
CA TYR B 146 6.48 32.72 33.51
C TYR B 146 6.30 31.64 34.56
N GLU B 147 5.22 31.76 35.35
CA GLU B 147 4.91 30.80 36.41
C GLU B 147 3.67 29.96 36.07
N HIS B 148 2.78 30.47 35.21
CA HIS B 148 1.59 29.76 34.78
C HIS B 148 1.96 28.89 33.55
N ASP B 149 1.24 27.79 33.35
CA ASP B 149 1.54 26.87 32.26
C ASP B 149 0.64 27.03 31.01
N ASP B 150 -0.08 28.16 30.93
CA ASP B 150 -1.00 28.50 29.86
C ASP B 150 -1.41 29.99 29.98
N ILE B 151 -2.15 30.52 28.98
CA ILE B 151 -2.65 31.90 28.91
C ILE B 151 -3.11 32.46 30.25
N VAL B 152 -2.47 33.56 30.70
CA VAL B 152 -2.91 34.22 31.91
C VAL B 152 -4.06 35.07 31.42
N SER B 153 -5.26 34.73 31.83
CA SER B 153 -6.48 35.38 31.36
C SER B 153 -6.93 36.58 32.22
N THR B 154 -6.54 36.59 33.51
CA THR B 154 -7.02 37.62 34.43
C THR B 154 -5.98 38.04 35.44
N VAL B 155 -6.03 39.32 35.80
CA VAL B 155 -5.13 39.93 36.77
C VAL B 155 -5.87 40.99 37.62
N SER B 156 -5.46 41.10 38.90
CA SER B 156 -6.10 42.00 39.86
C SER B 156 -5.14 42.43 40.98
N VAL B 157 -4.96 43.74 41.14
CA VAL B 157 -4.12 44.24 42.21
C VAL B 157 -4.91 44.23 43.53
N LEU B 158 -4.34 43.64 44.58
CA LEU B 158 -4.95 43.62 45.89
C LEU B 158 -4.87 45.01 46.58
N SER B 159 -5.75 45.26 47.54
CA SER B 159 -5.91 46.52 48.28
C SER B 159 -4.64 47.38 48.51
N SER B 160 -3.62 46.81 49.14
CA SER B 160 -2.38 47.51 49.46
C SER B 160 -1.57 47.98 48.28
N GLY B 161 -1.86 47.47 47.09
CA GLY B 161 -1.07 47.80 45.91
C GLY B 161 0.32 47.17 45.94
N THR B 162 0.52 46.21 46.84
CA THR B 162 1.79 45.50 47.06
C THR B 162 1.74 44.05 46.55
N GLN B 163 0.52 43.53 46.34
CA GLN B 163 0.26 42.17 45.90
C GLN B 163 -0.77 42.12 44.77
N ALA B 164 -0.73 41.04 43.98
CA ALA B 164 -1.68 40.83 42.88
C ALA B 164 -2.10 39.35 42.78
N VAL B 165 -3.29 39.11 42.25
CA VAL B 165 -3.82 37.76 42.08
C VAL B 165 -3.96 37.51 40.59
N SER B 166 -3.33 36.44 40.10
CA SER B 166 -3.42 36.09 38.69
C SER B 166 -4.23 34.80 38.53
N GLY B 167 -4.93 34.72 37.41
CA GLY B 167 -5.75 33.57 37.05
C GLY B 167 -5.37 33.11 35.65
N SER B 168 -5.53 31.82 35.35
CA SER B 168 -5.08 31.31 34.06
C SER B 168 -5.92 30.16 33.51
N LYS B 169 -5.76 29.90 32.20
CA LYS B 169 -6.37 28.77 31.49
C LYS B 169 -5.81 27.41 32.04
N ASP B 170 -4.61 27.44 32.70
CA ASP B 170 -4.00 26.30 33.38
C ASP B 170 -4.70 25.93 34.71
N ILE B 171 -5.88 26.54 35.00
CA ILE B 171 -6.77 26.26 36.15
C ILE B 171 -6.23 26.81 37.54
N CYS B 172 -5.04 27.44 37.55
CA CYS B 172 -4.43 27.91 38.78
C CYS B 172 -4.61 29.39 39.10
N ILE B 173 -4.67 29.68 40.41
CA ILE B 173 -4.74 31.04 40.91
C ILE B 173 -3.48 31.32 41.73
N LYS B 174 -2.68 32.30 41.31
CA LYS B 174 -1.44 32.65 42.00
C LYS B 174 -1.48 34.03 42.68
N VAL B 175 -0.89 34.13 43.88
CA VAL B 175 -0.78 35.40 44.62
C VAL B 175 0.66 35.90 44.47
N TRP B 176 0.83 37.14 44.05
CA TRP B 176 2.12 37.71 43.74
C TRP B 176 2.56 38.81 44.70
N ASP B 177 3.86 38.85 45.02
CA ASP B 177 4.46 39.92 45.79
C ASP B 177 5.16 40.72 44.70
N LEU B 178 4.54 41.81 44.25
CA LEU B 178 5.05 42.64 43.16
C LEU B 178 6.50 43.13 43.37
N ALA B 179 6.82 43.67 44.55
CA ALA B 179 8.16 44.17 44.87
C ALA B 179 9.21 43.05 44.88
N GLN B 180 8.90 41.91 45.51
CA GLN B 180 9.84 40.78 45.52
C GLN B 180 9.86 39.99 44.19
N GLN B 181 8.90 40.28 43.28
CA GLN B 181 8.74 39.69 41.96
C GLN B 181 8.60 38.16 41.99
N VAL B 182 8.04 37.62 43.07
CA VAL B 182 7.90 36.18 43.23
C VAL B 182 6.44 35.77 43.56
N VAL B 183 6.12 34.47 43.47
CA VAL B 183 4.79 33.95 43.76
C VAL B 183 4.71 33.44 45.18
N LEU B 184 3.86 34.07 45.96
CA LEU B 184 3.70 33.72 47.36
C LEU B 184 2.83 32.49 47.57
N SER B 185 1.84 32.27 46.70
CA SER B 185 0.95 31.11 46.85
C SER B 185 0.34 30.68 45.52
N SER B 186 0.14 29.37 45.34
CA SER B 186 -0.51 28.86 44.12
C SER B 186 -1.63 27.93 44.53
N TYR B 187 -2.85 28.20 44.06
CA TYR B 187 -4.02 27.44 44.45
C TYR B 187 -4.70 26.68 43.28
N ARG B 188 -4.56 25.35 43.23
CA ARG B 188 -5.30 24.55 42.24
C ARG B 188 -6.69 24.34 42.85
N ALA B 189 -7.55 25.37 42.84
CA ALA B 189 -8.86 25.28 43.46
C ALA B 189 -9.97 24.93 42.49
N HIS B 190 -9.91 25.45 41.26
CA HIS B 190 -10.94 25.18 40.28
C HIS B 190 -10.67 23.86 39.52
N ALA B 191 -11.66 23.42 38.73
CA ALA B 191 -11.57 22.22 37.90
C ALA B 191 -11.61 22.56 36.40
N ALA B 192 -11.38 23.85 36.03
CA ALA B 192 -11.41 24.37 34.66
C ALA B 192 -10.78 25.81 34.63
N GLN B 193 -10.58 26.40 33.42
CA GLN B 193 -10.03 27.72 33.17
C GLN B 193 -10.55 28.78 34.15
N VAL B 194 -9.63 29.58 34.72
CA VAL B 194 -10.04 30.66 35.61
C VAL B 194 -10.50 31.82 34.73
N THR B 195 -11.78 32.16 34.78
CA THR B 195 -12.35 33.20 33.94
C THR B 195 -12.07 34.61 34.46
N CYS B 196 -12.33 34.84 35.75
CA CYS B 196 -12.14 36.16 36.35
C CYS B 196 -11.62 36.09 37.80
N VAL B 197 -10.71 37.00 38.19
CA VAL B 197 -10.24 37.16 39.56
C VAL B 197 -10.39 38.65 39.95
N ALA B 198 -11.09 38.94 41.05
CA ALA B 198 -11.33 40.30 41.47
C ALA B 198 -11.04 40.51 42.97
N ALA B 199 -9.94 41.19 43.28
CA ALA B 199 -9.53 41.49 44.66
C ALA B 199 -10.52 42.40 45.40
N SER B 200 -10.64 42.21 46.72
CA SER B 200 -11.49 43.02 47.61
C SER B 200 -11.01 44.47 47.53
N PRO B 201 -11.93 45.44 47.45
CA PRO B 201 -11.50 46.85 47.38
C PRO B 201 -10.67 47.28 48.60
N HIS B 202 -10.89 46.66 49.79
CA HIS B 202 -10.19 47.09 51.00
C HIS B 202 -9.39 46.01 51.77
N LYS B 203 -9.61 44.69 51.54
CA LYS B 203 -8.82 43.67 52.29
C LYS B 203 -7.85 42.86 51.41
N ASP B 204 -6.57 42.78 51.80
CA ASP B 204 -5.59 42.02 51.02
C ASP B 204 -5.89 40.51 50.98
N SER B 205 -6.37 39.95 52.10
CA SER B 205 -6.65 38.51 52.16
C SER B 205 -8.00 38.12 51.56
N VAL B 206 -8.79 39.07 51.05
CA VAL B 206 -10.09 38.79 50.48
C VAL B 206 -10.13 39.09 48.97
N PHE B 207 -10.71 38.17 48.18
CA PHE B 207 -10.85 38.31 46.72
C PHE B 207 -11.83 37.25 46.15
N LEU B 208 -12.36 37.51 44.98
CA LEU B 208 -13.31 36.63 44.34
C LEU B 208 -12.73 35.96 43.10
N SER B 209 -13.18 34.75 42.80
CA SER B 209 -12.80 34.09 41.57
C SER B 209 -13.98 33.35 40.95
N CYS B 210 -13.99 33.26 39.63
CA CYS B 210 -15.00 32.47 38.94
C CYS B 210 -14.35 31.70 37.81
N SER B 211 -15.01 30.62 37.42
CA SER B 211 -14.42 29.70 36.46
C SER B 211 -15.44 28.94 35.63
N GLU B 212 -14.96 28.29 34.56
CA GLU B 212 -15.77 27.46 33.70
C GLU B 212 -16.28 26.19 34.40
N ASP B 213 -15.78 25.88 35.62
CA ASP B 213 -16.31 24.76 36.39
C ASP B 213 -17.61 25.13 37.14
N ASN B 214 -18.24 26.28 36.80
CA ASN B 214 -19.47 26.83 37.38
C ASN B 214 -19.28 27.32 38.84
N ARG B 215 -18.04 27.51 39.30
CA ARG B 215 -17.78 27.97 40.66
C ARG B 215 -17.44 29.45 40.81
N ILE B 216 -18.16 30.14 41.71
CA ILE B 216 -17.78 31.49 42.13
C ILE B 216 -17.22 31.26 43.53
N LEU B 217 -15.93 31.51 43.71
CA LEU B 217 -15.28 31.33 45.00
C LEU B 217 -15.02 32.66 45.73
N LEU B 218 -15.34 32.71 47.01
CA LEU B 218 -15.06 33.83 47.90
C LEU B 218 -13.85 33.39 48.70
N TRP B 219 -12.73 34.09 48.54
CA TRP B 219 -11.49 33.72 49.21
C TRP B 219 -11.19 34.60 50.41
N ASP B 220 -10.58 33.97 51.42
CA ASP B 220 -10.07 34.57 52.64
C ASP B 220 -8.82 33.74 52.97
N THR B 221 -7.61 34.20 52.62
CA THR B 221 -6.40 33.41 52.83
C THR B 221 -6.05 33.19 54.33
N ARG B 222 -6.83 33.78 55.25
CA ARG B 222 -6.60 33.59 56.69
C ARG B 222 -7.11 32.21 57.20
N CYS B 223 -7.95 31.53 56.41
CA CYS B 223 -8.52 30.22 56.74
C CYS B 223 -7.63 29.05 56.20
N PRO B 224 -7.63 27.85 56.81
CA PRO B 224 -6.78 26.75 56.29
C PRO B 224 -7.18 26.29 54.87
N LYS B 225 -8.50 26.39 54.59
CA LYS B 225 -9.07 26.14 53.29
C LYS B 225 -9.53 27.54 52.83
N PRO B 226 -8.64 28.32 52.19
CA PRO B 226 -8.99 29.71 51.84
C PRO B 226 -10.29 29.96 51.08
N ALA B 227 -10.60 29.15 50.06
CA ALA B 227 -11.78 29.42 49.20
C ALA B 227 -13.09 28.88 49.73
N SER B 228 -14.23 29.41 49.24
CA SER B 228 -15.58 28.97 49.65
C SER B 228 -16.55 29.23 48.48
N GLN B 229 -17.40 28.25 48.17
CA GLN B 229 -18.34 28.34 47.06
C GLN B 229 -19.52 29.27 47.32
N ILE B 230 -19.86 30.14 46.35
CA ILE B 230 -20.94 31.12 46.44
C ILE B 230 -22.15 30.78 45.60
N GLY B 231 -23.34 30.89 46.20
CA GLY B 231 -24.61 30.61 45.55
C GLY B 231 -25.03 31.66 44.54
N GLY B 236 -29.28 29.10 36.30
CA GLY B 236 -28.00 29.82 36.30
C GLY B 236 -26.87 29.22 35.47
N TYR B 237 -26.28 30.02 34.57
CA TYR B 237 -25.22 29.60 33.67
C TYR B 237 -23.78 29.90 34.21
N LEU B 238 -22.73 29.64 33.42
CA LEU B 238 -21.34 29.83 33.86
C LEU B 238 -20.99 31.26 34.21
N PRO B 239 -20.24 31.43 35.32
CA PRO B 239 -19.83 32.78 35.71
C PRO B 239 -18.71 33.33 34.80
N THR B 240 -18.89 34.56 34.28
CA THR B 240 -17.91 35.14 33.36
C THR B 240 -17.26 36.45 33.81
N SER B 241 -17.89 37.21 34.73
CA SER B 241 -17.29 38.46 35.19
C SER B 241 -17.65 38.78 36.65
N LEU B 242 -16.76 39.45 37.36
CA LEU B 242 -16.96 39.82 38.77
C LEU B 242 -16.68 41.31 39.03
N ALA B 243 -17.49 41.92 39.89
CA ALA B 243 -17.26 43.31 40.30
C ALA B 243 -17.72 43.53 41.72
N TRP B 244 -16.79 43.92 42.59
CA TRP B 244 -17.11 44.24 43.98
C TRP B 244 -17.79 45.63 44.03
N HIS B 245 -18.82 45.79 44.90
CA HIS B 245 -19.49 47.08 45.09
C HIS B 245 -18.51 48.00 45.83
N PRO B 246 -18.28 49.25 45.35
CA PRO B 246 -17.31 50.12 46.03
C PRO B 246 -17.80 50.73 47.35
N GLN B 247 -19.12 50.69 47.63
CA GLN B 247 -19.66 51.23 48.87
C GLN B 247 -19.99 50.09 49.86
N GLN B 248 -20.88 49.14 49.48
CA GLN B 248 -21.21 47.99 50.34
C GLN B 248 -20.13 46.93 50.12
N SER B 249 -19.01 47.02 50.85
CA SER B 249 -17.86 46.14 50.66
C SER B 249 -18.08 44.65 51.05
N GLU B 250 -19.33 44.30 51.34
CA GLU B 250 -19.76 42.92 51.60
C GLU B 250 -20.84 42.48 50.57
N VAL B 251 -20.81 43.08 49.36
CA VAL B 251 -21.75 42.88 48.25
C VAL B 251 -20.95 42.92 46.92
N PHE B 252 -21.37 42.11 45.95
CA PHE B 252 -20.71 42.05 44.65
C PHE B 252 -21.68 41.69 43.52
N VAL B 253 -21.27 41.94 42.27
CA VAL B 253 -22.05 41.55 41.12
C VAL B 253 -21.27 40.56 40.26
N PHE B 254 -22.03 39.71 39.55
CA PHE B 254 -21.42 38.76 38.63
C PHE B 254 -22.24 38.66 37.35
N GLY B 255 -21.55 38.49 36.22
CA GLY B 255 -22.21 38.36 34.92
C GLY B 255 -22.05 36.95 34.41
N ASP B 256 -23.08 36.39 33.76
CA ASP B 256 -23.00 35.02 33.25
C ASP B 256 -22.92 34.96 31.71
N GLU B 257 -22.61 33.78 31.16
CA GLU B 257 -22.47 33.55 29.73
C GLU B 257 -23.79 33.59 28.96
N ASN B 258 -24.92 33.75 29.64
CA ASN B 258 -26.25 33.85 29.05
C ASN B 258 -26.77 35.32 29.01
N GLY B 259 -25.95 36.29 29.44
CA GLY B 259 -26.35 37.70 29.45
C GLY B 259 -26.85 38.25 30.77
N THR B 260 -27.12 37.39 31.76
CA THR B 260 -27.64 37.78 33.06
C THR B 260 -26.58 38.37 33.98
N VAL B 261 -26.98 39.41 34.74
CA VAL B 261 -26.15 40.08 35.73
C VAL B 261 -26.82 39.89 37.10
N SER B 262 -26.09 39.37 38.08
CA SER B 262 -26.64 39.12 39.41
C SER B 262 -25.93 39.91 40.51
N LEU B 263 -26.69 40.32 41.52
CA LEU B 263 -26.23 41.04 42.70
C LEU B 263 -26.25 40.06 43.88
N VAL B 264 -25.11 39.81 44.49
CA VAL B 264 -25.00 38.86 45.59
C VAL B 264 -24.51 39.55 46.87
N ASP B 265 -25.01 39.08 48.04
CA ASP B 265 -24.62 39.58 49.36
C ASP B 265 -23.69 38.54 50.00
N THR B 266 -22.44 38.90 50.36
CA THR B 266 -21.46 37.98 50.97
C THR B 266 -21.94 37.26 52.25
N LYS B 267 -22.57 38.00 53.17
CA LYS B 267 -23.05 37.42 54.44
C LYS B 267 -24.17 36.38 54.23
N SER B 268 -25.34 36.82 53.70
CA SER B 268 -26.49 35.95 53.45
C SER B 268 -26.45 35.44 52.01
N THR B 269 -25.30 34.89 51.60
CA THR B 269 -25.06 34.39 50.24
C THR B 269 -26.15 33.42 49.75
N SER B 270 -27.03 33.94 48.89
CA SER B 270 -28.13 33.25 48.24
C SER B 270 -28.72 34.07 47.06
N CYS B 271 -27.92 34.99 46.48
CA CYS B 271 -28.25 35.87 45.34
C CYS B 271 -29.51 36.74 45.58
N VAL B 272 -29.33 38.06 45.62
CA VAL B 272 -30.40 39.01 45.91
C VAL B 272 -31.27 39.41 44.69
N LEU B 273 -30.64 39.91 43.61
CA LEU B 273 -31.34 40.40 42.43
C LEU B 273 -30.65 39.96 41.15
N SER B 274 -31.41 39.81 40.06
CA SER B 274 -30.81 39.45 38.77
C SER B 274 -31.55 40.11 37.61
N SER B 275 -30.82 40.45 36.55
CA SER B 275 -31.42 41.08 35.39
C SER B 275 -30.89 40.50 34.09
N ALA B 276 -31.79 40.25 33.13
CA ALA B 276 -31.42 39.77 31.81
C ALA B 276 -30.98 40.99 31.04
N VAL B 277 -29.71 41.37 31.21
CA VAL B 277 -29.19 42.58 30.60
C VAL B 277 -28.78 42.38 29.14
N HIS B 278 -27.96 41.36 28.88
CA HIS B 278 -27.44 41.14 27.54
C HIS B 278 -27.94 39.89 26.82
N SER B 279 -27.84 39.89 25.48
CA SER B 279 -28.22 38.71 24.69
C SER B 279 -27.03 37.73 24.52
N GLN B 280 -25.83 38.12 24.94
CA GLN B 280 -24.66 37.25 24.88
C GLN B 280 -23.82 37.36 26.18
N CYS B 281 -22.69 36.67 26.25
CA CYS B 281 -21.77 36.64 27.38
C CYS B 281 -21.43 38.02 27.98
N VAL B 282 -21.54 38.17 29.31
CA VAL B 282 -21.18 39.41 29.99
C VAL B 282 -19.65 39.43 30.17
N THR B 283 -18.94 40.30 29.42
CA THR B 283 -17.48 40.41 29.43
C THR B 283 -16.96 41.26 30.62
N GLY B 284 -17.75 42.27 31.00
CA GLY B 284 -17.35 43.14 32.09
C GLY B 284 -18.44 43.86 32.84
N LEU B 285 -18.16 44.15 34.10
CA LEU B 285 -19.05 44.89 35.00
C LEU B 285 -18.16 45.91 35.70
N VAL B 286 -18.39 47.21 35.48
CA VAL B 286 -17.56 48.25 36.08
C VAL B 286 -18.42 49.26 36.80
N PHE B 287 -18.12 49.52 38.07
CA PHE B 287 -18.87 50.50 38.86
C PHE B 287 -18.39 51.95 38.66
N SER B 288 -19.35 52.89 38.59
CA SER B 288 -19.10 54.32 38.43
C SER B 288 -18.54 54.94 39.71
N PRO B 289 -17.83 56.08 39.61
CA PRO B 289 -17.23 56.69 40.81
C PRO B 289 -18.18 57.40 41.77
N HIS B 290 -19.49 57.44 41.44
CA HIS B 290 -20.55 58.07 42.23
C HIS B 290 -20.69 57.45 43.62
N SER B 291 -21.23 58.23 44.57
CA SER B 291 -21.51 57.74 45.93
C SER B 291 -22.67 56.71 45.89
N VAL B 292 -23.62 56.90 44.98
CA VAL B 292 -24.68 55.94 44.69
C VAL B 292 -24.30 55.49 43.28
N PRO B 293 -23.38 54.51 43.14
CA PRO B 293 -22.87 54.18 41.81
C PRO B 293 -23.80 53.44 40.89
N PHE B 294 -23.52 53.64 39.61
CA PHE B 294 -24.11 53.00 38.45
C PHE B 294 -23.17 51.86 38.06
N LEU B 295 -23.73 50.83 37.41
CA LEU B 295 -22.93 49.69 36.97
C LEU B 295 -22.90 49.64 35.46
N ALA B 296 -21.73 49.76 34.85
CA ALA B 296 -21.58 49.63 33.41
C ALA B 296 -21.40 48.15 33.09
N SER B 297 -22.29 47.55 32.28
CA SER B 297 -22.13 46.14 31.89
C SER B 297 -21.86 46.06 30.40
N LEU B 298 -20.83 45.33 30.02
CA LEU B 298 -20.39 45.17 28.62
C LEU B 298 -20.49 43.72 28.17
N SER B 299 -20.72 43.49 26.87
CA SER B 299 -20.97 42.14 26.38
C SER B 299 -20.47 41.82 25.00
N GLU B 300 -20.37 40.51 24.71
CA GLU B 300 -20.06 40.00 23.37
C GLU B 300 -21.18 40.36 22.38
N ASP B 301 -22.36 40.79 22.85
CA ASP B 301 -23.42 41.25 21.96
C ASP B 301 -23.10 42.62 21.33
N CYS B 302 -21.87 43.15 21.56
CA CYS B 302 -21.36 44.40 21.03
C CYS B 302 -22.10 45.64 21.57
N SER B 303 -22.70 45.53 22.76
CA SER B 303 -23.44 46.66 23.34
C SER B 303 -23.00 46.98 24.77
N LEU B 304 -23.15 48.26 25.14
CA LEU B 304 -22.83 48.79 26.46
C LEU B 304 -24.12 49.09 27.15
N ALA B 305 -24.29 48.61 28.37
CA ALA B 305 -25.45 48.96 29.20
C ALA B 305 -24.94 49.67 30.47
N VAL B 306 -25.80 50.49 31.08
CA VAL B 306 -25.53 51.20 32.35
C VAL B 306 -26.75 50.98 33.23
N LEU B 307 -26.55 50.33 34.36
CA LEU B 307 -27.63 49.99 35.26
C LEU B 307 -27.59 50.82 36.55
N ASP B 308 -28.72 50.88 37.26
CA ASP B 308 -28.78 51.61 38.53
C ASP B 308 -28.45 50.64 39.70
N SER B 309 -29.09 50.79 40.88
CA SER B 309 -28.87 49.86 41.99
C SER B 309 -29.86 48.69 41.93
N SER B 310 -31.02 48.87 41.25
CA SER B 310 -31.97 47.77 41.07
C SER B 310 -31.72 47.01 39.73
N LEU B 311 -30.55 47.21 39.07
CA LEU B 311 -30.14 46.59 37.81
C LEU B 311 -31.06 46.95 36.64
N SER B 312 -31.61 48.17 36.66
CA SER B 312 -32.46 48.65 35.58
C SER B 312 -31.61 49.44 34.58
N GLU B 313 -31.89 49.27 33.29
CA GLU B 313 -31.13 49.94 32.24
C GLU B 313 -31.50 51.43 32.15
N LEU B 314 -30.51 52.29 32.34
CA LEU B 314 -30.68 53.74 32.23
C LEU B 314 -30.07 54.22 30.90
N PHE B 315 -28.92 53.63 30.52
CA PHE B 315 -28.23 53.96 29.29
C PHE B 315 -27.92 52.68 28.49
N ARG B 316 -27.99 52.77 27.15
CA ARG B 316 -27.67 51.67 26.26
C ARG B 316 -26.98 52.19 25.00
N SER B 317 -25.74 51.75 24.78
CA SER B 317 -24.94 52.18 23.66
C SER B 317 -24.57 51.03 22.70
N GLN B 318 -25.13 51.06 21.48
CA GLN B 318 -24.78 50.07 20.48
C GLN B 318 -23.86 50.73 19.45
N ALA B 319 -22.87 51.50 19.94
CA ALA B 319 -21.91 52.23 19.12
C ALA B 319 -20.85 51.30 18.55
N HIS B 320 -20.43 50.29 19.32
CA HIS B 320 -19.41 49.36 18.87
C HIS B 320 -19.96 48.37 17.85
N ARG B 321 -19.15 48.04 16.85
CA ARG B 321 -19.46 47.10 15.76
C ARG B 321 -18.84 45.70 16.01
N ASP B 322 -18.08 45.52 17.09
CA ASP B 322 -17.47 44.27 17.50
C ASP B 322 -17.60 44.13 19.05
N PHE B 323 -16.96 43.12 19.67
CA PHE B 323 -17.06 42.90 21.11
C PHE B 323 -16.59 44.10 21.94
N VAL B 324 -17.37 44.48 22.97
CA VAL B 324 -17.00 45.56 23.90
C VAL B 324 -16.13 44.90 24.98
N ARG B 325 -14.85 45.29 25.09
CA ARG B 325 -13.95 44.61 26.02
C ARG B 325 -13.78 45.25 27.39
N ASP B 326 -13.77 46.59 27.45
CA ASP B 326 -13.59 47.28 28.71
C ASP B 326 -14.42 48.57 28.83
N ALA B 327 -14.53 49.11 30.05
CA ALA B 327 -15.28 50.34 30.32
C ALA B 327 -14.64 51.05 31.52
N THR B 328 -14.14 52.28 31.32
CA THR B 328 -13.50 53.03 32.39
C THR B 328 -14.18 54.38 32.59
N TRP B 329 -14.74 54.61 33.79
CA TRP B 329 -15.41 55.87 34.10
C TRP B 329 -14.33 56.91 34.41
N SER B 330 -14.47 58.12 33.84
CA SER B 330 -13.52 59.21 34.06
C SER B 330 -13.52 59.69 35.52
N PRO B 331 -12.32 59.93 36.09
CA PRO B 331 -12.27 60.48 37.46
C PRO B 331 -12.72 61.95 37.48
N LEU B 332 -12.46 62.70 36.40
CA LEU B 332 -12.77 64.11 36.25
C LEU B 332 -14.27 64.35 36.04
N ASN B 333 -14.87 63.73 35.02
CA ASN B 333 -16.31 63.87 34.79
C ASN B 333 -16.94 62.52 35.08
N HIS B 334 -17.68 62.41 36.17
CA HIS B 334 -18.29 61.15 36.57
C HIS B 334 -19.41 60.69 35.65
N SER B 335 -19.96 61.58 34.81
CA SER B 335 -20.96 61.18 33.83
C SER B 335 -20.29 60.69 32.51
N LEU B 336 -18.95 60.83 32.37
CA LEU B 336 -18.24 60.38 31.19
C LEU B 336 -17.64 58.98 31.42
N LEU B 337 -18.06 58.03 30.58
CA LEU B 337 -17.63 56.63 30.62
C LEU B 337 -16.98 56.28 29.26
N THR B 338 -15.79 55.67 29.29
CA THR B 338 -15.07 55.32 28.07
C THR B 338 -15.02 53.80 27.83
N THR B 339 -15.48 53.32 26.65
CA THR B 339 -15.42 51.88 26.34
C THR B 339 -14.56 51.61 25.12
N VAL B 340 -13.78 50.52 25.14
CA VAL B 340 -12.99 50.11 23.98
C VAL B 340 -13.45 48.76 23.44
N GLY B 341 -13.18 48.49 22.15
CA GLY B 341 -13.63 47.24 21.55
C GLY B 341 -12.75 46.64 20.47
N TRP B 342 -13.09 45.41 20.03
CA TRP B 342 -12.31 44.71 19.00
C TRP B 342 -12.39 45.38 17.60
N ASP B 343 -13.29 46.34 17.42
CA ASP B 343 -13.40 47.15 16.21
C ASP B 343 -12.37 48.31 16.15
N HIS B 344 -11.43 48.36 17.13
CA HIS B 344 -10.40 49.38 17.31
C HIS B 344 -10.98 50.78 17.69
N GLN B 345 -12.23 50.81 18.15
CA GLN B 345 -12.90 52.04 18.55
C GLN B 345 -12.76 52.37 20.04
N VAL B 346 -12.46 53.63 20.33
CA VAL B 346 -12.41 54.17 21.68
C VAL B 346 -13.65 55.06 21.72
N VAL B 347 -14.72 54.62 22.39
CA VAL B 347 -15.95 55.40 22.42
C VAL B 347 -16.14 56.12 23.75
N HIS B 348 -16.22 57.45 23.69
CA HIS B 348 -16.43 58.28 24.86
C HIS B 348 -17.90 58.61 24.97
N HIS B 349 -18.55 58.08 26.01
CA HIS B 349 -19.97 58.22 26.25
C HIS B 349 -20.30 59.28 27.30
N VAL B 350 -21.51 59.85 27.21
CA VAL B 350 -22.01 60.83 28.16
C VAL B 350 -23.27 60.22 28.78
N VAL B 351 -23.08 59.58 29.93
CA VAL B 351 -24.13 58.88 30.64
C VAL B 351 -25.05 59.88 31.29
N PRO B 352 -26.37 59.72 31.11
CA PRO B 352 -27.31 60.66 31.75
C PRO B 352 -27.48 60.40 33.25
N THR B 353 -26.52 60.86 34.05
CA THR B 353 -26.52 60.72 35.50
C THR B 353 -27.50 61.72 36.13
N ARG C 13 20.60 1.64 -16.74
CA ARG C 13 19.42 2.35 -17.24
C ARG C 13 18.36 1.40 -17.83
N VAL C 14 18.76 0.42 -18.68
CA VAL C 14 17.78 -0.49 -19.27
C VAL C 14 17.74 -1.80 -18.48
N SER C 15 16.57 -2.10 -17.88
CA SER C 15 16.38 -3.31 -17.09
C SER C 15 16.34 -4.48 -18.05
N SER C 16 17.32 -5.38 -17.95
CA SER C 16 17.54 -6.49 -18.85
C SER C 16 17.55 -7.85 -18.18
N GLY C 17 17.37 -8.90 -18.97
CA GLY C 17 17.39 -10.26 -18.51
C GLY C 17 17.95 -11.19 -19.55
N ARG C 18 18.43 -12.35 -19.12
CA ARG C 18 19.03 -13.33 -20.01
C ARG C 18 18.16 -14.59 -20.07
N ASP C 19 17.74 -14.99 -21.26
CA ASP C 19 16.93 -16.20 -21.40
C ASP C 19 17.81 -17.36 -21.77
N LEU C 20 17.76 -18.42 -20.99
CA LEU C 20 18.54 -19.62 -21.27
C LEU C 20 17.70 -20.87 -21.16
N ASN C 21 17.97 -21.85 -22.01
CA ASN C 21 17.39 -23.18 -21.94
C ASN C 21 18.43 -24.24 -21.46
N CYS C 22 19.65 -23.77 -21.12
CA CYS C 22 20.75 -24.59 -20.65
C CYS C 22 21.36 -23.93 -19.42
N VAL C 23 21.14 -24.52 -18.25
CA VAL C 23 21.71 -24.04 -17.01
C VAL C 23 22.39 -25.22 -16.31
N PRO C 24 23.65 -25.49 -16.67
CA PRO C 24 24.32 -26.68 -16.11
C PRO C 24 24.51 -26.62 -14.58
N GLU C 25 24.83 -25.44 -14.05
CA GLU C 25 24.99 -25.21 -12.63
C GLU C 25 24.41 -23.84 -12.36
N ILE C 26 23.32 -23.77 -11.56
CA ILE C 26 22.55 -22.55 -11.34
C ILE C 26 23.39 -21.37 -10.78
N ALA C 27 24.24 -21.58 -9.78
CA ALA C 27 25.05 -20.50 -9.23
C ALA C 27 26.12 -19.98 -10.19
N ASP C 28 26.75 -20.90 -10.96
CA ASP C 28 27.77 -20.50 -11.94
C ASP C 28 27.15 -19.74 -13.10
N THR C 29 25.98 -20.22 -13.57
CA THR C 29 25.25 -19.61 -14.66
C THR C 29 24.78 -18.23 -14.24
N LEU C 30 24.22 -18.13 -13.01
CA LEU C 30 23.75 -16.86 -12.48
C LEU C 30 24.88 -15.87 -12.38
N GLY C 31 26.03 -16.32 -11.86
CA GLY C 31 27.22 -15.49 -11.73
C GLY C 31 27.73 -15.00 -13.07
N ALA C 32 27.74 -15.89 -14.07
CA ALA C 32 28.14 -15.50 -15.42
C ALA C 32 27.19 -14.43 -15.98
N VAL C 33 25.88 -14.61 -15.84
CA VAL C 33 24.84 -13.69 -16.32
C VAL C 33 25.00 -12.33 -15.66
N ALA C 34 25.22 -12.33 -14.34
CA ALA C 34 25.41 -11.13 -13.56
C ALA C 34 26.71 -10.40 -13.95
N LYS C 35 27.76 -11.16 -14.33
CA LYS C 35 29.02 -10.57 -14.76
C LYS C 35 28.79 -9.79 -16.05
N GLN C 36 28.00 -10.35 -16.99
CA GLN C 36 27.68 -9.70 -18.27
C GLN C 36 26.77 -8.46 -18.15
N GLY C 37 26.13 -8.28 -16.99
CA GLY C 37 25.32 -7.09 -16.75
C GLY C 37 23.80 -7.25 -16.74
N PHE C 38 23.30 -8.49 -16.72
CA PHE C 38 21.86 -8.73 -16.70
C PHE C 38 21.29 -8.60 -15.29
N ASP C 39 20.09 -8.04 -15.18
CA ASP C 39 19.41 -7.92 -13.90
C ASP C 39 18.75 -9.25 -13.48
N PHE C 40 18.43 -10.14 -14.43
CA PHE C 40 17.75 -11.39 -14.11
C PHE C 40 17.97 -12.51 -15.15
N LEU C 41 17.52 -13.71 -14.81
CA LEU C 41 17.70 -14.90 -15.61
C LEU C 41 16.41 -15.67 -15.78
N CYS C 42 15.99 -15.87 -17.05
CA CYS C 42 14.84 -16.70 -17.36
C CYS C 42 15.40 -18.07 -17.57
N MET C 43 14.90 -19.06 -16.85
CA MET C 43 15.42 -20.40 -16.98
C MET C 43 14.34 -21.43 -16.66
N PRO C 44 14.55 -22.68 -17.10
CA PRO C 44 13.61 -23.75 -16.75
C PRO C 44 13.75 -24.13 -15.27
N VAL C 45 12.66 -24.61 -14.67
CA VAL C 45 12.68 -25.03 -13.27
C VAL C 45 12.82 -26.59 -13.14
N PHE C 46 12.59 -27.29 -14.24
CA PHE C 46 12.76 -28.70 -14.47
C PHE C 46 13.57 -28.76 -15.76
N HIS C 47 14.30 -29.87 -15.98
CA HIS C 47 15.13 -29.99 -17.20
C HIS C 47 14.24 -29.97 -18.44
N PRO C 48 14.51 -29.08 -19.42
CA PRO C 48 13.61 -28.97 -20.57
C PRO C 48 13.31 -30.27 -21.28
N ARG C 49 14.30 -31.17 -21.36
CA ARG C 49 14.17 -32.46 -22.03
C ARG C 49 13.64 -33.57 -21.15
N PHE C 50 13.61 -33.39 -19.83
CA PHE C 50 13.18 -34.38 -18.87
C PHE C 50 11.66 -34.61 -18.91
N LYS C 51 11.14 -35.28 -19.94
CA LYS C 51 9.71 -35.54 -20.05
C LYS C 51 9.27 -36.45 -18.90
N ARG C 52 8.16 -36.12 -18.24
CA ARG C 52 7.66 -36.87 -17.09
C ARG C 52 6.30 -37.50 -17.33
N GLU C 53 6.01 -38.62 -16.69
CA GLU C 53 4.78 -39.39 -16.82
C GLU C 53 3.98 -39.35 -15.52
N PHE C 54 2.64 -39.28 -15.59
CA PHE C 54 1.78 -39.19 -14.43
C PHE C 54 0.68 -40.25 -14.36
N ILE C 55 0.44 -40.98 -15.46
CA ILE C 55 -0.68 -41.91 -15.52
C ILE C 55 -0.26 -43.39 -15.66
N GLN C 56 0.77 -43.66 -16.51
CA GLN C 56 1.21 -45.02 -16.88
C GLN C 56 2.38 -45.61 -16.11
N GLU C 57 2.27 -46.92 -15.80
CA GLU C 57 3.33 -47.72 -15.17
C GLU C 57 4.17 -48.33 -16.29
N PRO C 58 5.53 -48.37 -16.19
CA PRO C 58 6.36 -48.01 -15.03
C PRO C 58 6.96 -46.61 -14.99
N ALA C 59 6.89 -45.80 -16.07
CA ALA C 59 7.50 -44.46 -16.13
C ALA C 59 6.99 -43.48 -15.08
N LYS C 60 5.73 -43.65 -14.60
CA LYS C 60 5.21 -42.78 -13.55
C LYS C 60 5.96 -42.98 -12.21
N ASN C 61 6.55 -44.18 -11.98
CA ASN C 61 7.26 -44.45 -10.73
C ASN C 61 8.74 -44.01 -10.74
N ARG C 62 9.14 -43.16 -11.70
CA ARG C 62 10.51 -42.64 -11.80
C ARG C 62 10.96 -42.00 -10.48
N PRO C 63 12.07 -42.49 -9.91
CA PRO C 63 12.50 -42.01 -8.60
C PRO C 63 13.43 -40.79 -8.66
N GLY C 64 14.19 -40.57 -7.58
CA GLY C 64 15.15 -39.49 -7.43
C GLY C 64 14.46 -38.17 -7.28
N PRO C 65 15.22 -37.09 -7.04
CA PRO C 65 14.60 -35.76 -7.00
C PRO C 65 14.11 -35.42 -8.42
N GLN C 66 12.88 -34.91 -8.56
CA GLN C 66 12.35 -34.58 -9.89
C GLN C 66 13.04 -33.35 -10.52
N THR C 67 13.71 -32.52 -9.72
CA THR C 67 14.44 -31.36 -10.22
C THR C 67 15.49 -30.91 -9.19
N ARG C 68 16.25 -29.84 -9.51
CA ARG C 68 17.19 -29.15 -8.65
C ARG C 68 16.49 -28.76 -7.34
N SER C 69 17.27 -28.52 -6.28
CA SER C 69 16.72 -28.15 -4.97
C SER C 69 16.53 -26.65 -4.84
N ASP C 70 15.55 -26.26 -4.01
CA ASP C 70 15.34 -24.87 -3.64
C ASP C 70 16.48 -24.33 -2.73
N LEU C 71 17.22 -25.23 -2.07
CA LEU C 71 18.34 -24.85 -1.22
C LEU C 71 19.57 -24.34 -2.00
N LEU C 72 19.49 -24.25 -3.34
CA LEU C 72 20.62 -23.82 -4.16
C LEU C 72 20.77 -22.29 -4.27
N LEU C 73 19.71 -21.55 -3.96
CA LEU C 73 19.75 -20.08 -3.98
C LEU C 73 19.04 -19.57 -2.75
N SER C 74 19.38 -18.36 -2.37
CA SER C 74 18.72 -17.72 -1.25
C SER C 74 17.30 -17.33 -1.72
N GLY C 75 16.36 -17.22 -0.78
CA GLY C 75 14.99 -16.80 -1.08
C GLY C 75 14.95 -15.46 -1.79
N ARG C 76 15.87 -14.55 -1.41
CA ARG C 76 16.05 -13.22 -2.00
C ARG C 76 16.41 -13.33 -3.50
N ASP C 77 17.25 -14.32 -3.84
CA ASP C 77 17.63 -14.55 -5.24
C ASP C 77 16.48 -15.17 -6.05
N TRP C 78 15.77 -16.14 -5.47
CA TRP C 78 14.62 -16.74 -6.13
C TRP C 78 13.51 -15.69 -6.38
N ASN C 79 13.33 -14.76 -5.42
CA ASN C 79 12.33 -13.70 -5.48
C ASN C 79 12.63 -12.56 -6.45
N THR C 80 13.90 -12.33 -6.83
CA THR C 80 14.23 -11.15 -7.64
C THR C 80 15.01 -11.44 -8.93
N LEU C 81 15.74 -12.57 -8.96
CA LEU C 81 16.60 -12.85 -10.11
C LEU C 81 16.13 -13.97 -11.05
N ILE C 82 15.20 -14.84 -10.60
CA ILE C 82 14.77 -15.94 -11.46
C ILE C 82 13.39 -15.80 -12.06
N VAL C 83 13.28 -15.94 -13.39
CA VAL C 83 11.99 -16.02 -14.07
C VAL C 83 11.86 -17.48 -14.55
N GLY C 84 10.85 -18.19 -14.05
CA GLY C 84 10.63 -19.60 -14.36
C GLY C 84 10.18 -19.81 -15.79
N LYS C 85 10.34 -21.06 -16.32
CA LYS C 85 9.97 -21.34 -17.73
C LYS C 85 9.24 -22.62 -17.88
N LEU C 86 8.13 -22.62 -18.64
CA LEU C 86 7.38 -23.85 -18.84
C LEU C 86 8.22 -24.78 -19.73
N SER C 87 8.25 -26.09 -19.43
CA SER C 87 9.06 -27.02 -20.24
C SER C 87 8.50 -27.11 -21.63
N PRO C 88 9.39 -27.07 -22.64
CA PRO C 88 8.92 -27.04 -24.02
C PRO C 88 8.08 -28.25 -24.45
N TRP C 89 8.15 -29.38 -23.73
CA TRP C 89 7.33 -30.54 -24.10
C TRP C 89 5.89 -30.45 -23.57
N ILE C 90 5.60 -29.52 -22.63
CA ILE C 90 4.26 -29.43 -22.06
C ILE C 90 3.26 -28.86 -23.06
N ARG C 91 2.27 -29.68 -23.45
CA ARG C 91 1.28 -29.38 -24.47
C ARG C 91 -0.18 -29.69 -24.02
N PRO C 92 -0.80 -28.82 -23.20
CA PRO C 92 -2.18 -29.12 -22.75
C PRO C 92 -3.27 -29.05 -23.84
N ASP C 93 -2.93 -28.54 -25.01
CA ASP C 93 -3.87 -28.50 -26.14
C ASP C 93 -3.54 -29.47 -27.24
N SER C 94 -2.83 -30.55 -26.91
CA SER C 94 -2.51 -31.61 -27.84
C SER C 94 -3.78 -32.29 -28.32
N LYS C 95 -3.80 -32.73 -29.58
CA LYS C 95 -4.93 -33.50 -30.10
C LYS C 95 -4.94 -34.94 -29.55
N VAL C 96 -3.85 -35.37 -28.89
CA VAL C 96 -3.69 -36.68 -28.29
C VAL C 96 -4.06 -36.54 -26.82
N GLU C 97 -5.13 -37.20 -26.41
CA GLU C 97 -5.59 -37.13 -25.04
C GLU C 97 -4.52 -37.46 -23.99
N LYS C 98 -3.73 -38.53 -24.16
CA LYS C 98 -2.66 -38.91 -23.22
C LYS C 98 -1.69 -37.79 -22.94
N ILE C 99 -1.29 -37.09 -23.99
CA ILE C 99 -0.38 -35.95 -23.92
C ILE C 99 -1.03 -34.74 -23.26
N ARG C 100 -2.30 -34.53 -23.54
CA ARG C 100 -3.11 -33.48 -22.96
C ARG C 100 -3.20 -33.71 -21.45
N ARG C 101 -3.51 -34.96 -21.00
CA ARG C 101 -3.58 -35.32 -19.58
C ARG C 101 -2.25 -35.21 -18.87
N ASN C 102 -1.16 -35.70 -19.46
CA ASN C 102 0.16 -35.57 -18.84
C ASN C 102 0.60 -34.11 -18.77
N SER C 103 0.29 -33.34 -19.80
CA SER C 103 0.67 -31.96 -19.88
C SER C 103 -0.04 -31.08 -18.87
N GLU C 104 -1.27 -31.42 -18.50
CA GLU C 104 -2.03 -30.65 -17.52
C GLU C 104 -1.34 -30.85 -16.16
N ALA C 105 -1.05 -32.12 -15.80
CA ALA C 105 -0.38 -32.47 -14.56
C ALA C 105 1.01 -31.85 -14.46
N ALA C 106 1.75 -31.84 -15.56
CA ALA C 106 3.08 -31.27 -15.57
C ALA C 106 3.06 -29.75 -15.54
N MET C 107 2.03 -29.14 -16.18
CA MET C 107 1.88 -27.68 -16.18
C MET C 107 1.59 -27.21 -14.77
N LEU C 108 0.65 -27.88 -14.06
CA LEU C 108 0.39 -27.52 -12.65
C LEU C 108 1.65 -27.75 -11.82
N GLN C 109 2.31 -28.92 -11.96
CA GLN C 109 3.51 -29.23 -11.18
C GLN C 109 4.58 -28.13 -11.30
N GLU C 110 4.80 -27.63 -12.49
CA GLU C 110 5.78 -26.60 -12.78
C GLU C 110 5.39 -25.25 -12.24
N LEU C 111 4.13 -24.83 -12.47
CA LEU C 111 3.63 -23.55 -11.94
C LEU C 111 3.65 -23.59 -10.39
N ASN C 112 3.26 -24.73 -9.82
CA ASN C 112 3.26 -24.91 -8.36
C ASN C 112 4.64 -24.82 -7.78
N PHE C 113 5.65 -25.42 -8.46
CA PHE C 113 7.04 -25.33 -8.01
C PHE C 113 7.57 -23.90 -8.09
N GLY C 114 7.16 -23.16 -9.12
CA GLY C 114 7.54 -21.76 -9.27
C GLY C 114 6.96 -20.90 -8.17
N ALA C 115 5.75 -21.28 -7.68
CA ALA C 115 5.04 -20.61 -6.59
C ALA C 115 5.71 -20.99 -5.26
N TYR C 116 6.12 -22.25 -5.14
CA TYR C 116 6.88 -22.73 -3.99
C TYR C 116 8.20 -21.93 -3.87
N LEU C 117 8.86 -21.69 -4.99
CA LEU C 117 10.10 -20.95 -5.01
C LEU C 117 9.96 -19.46 -4.83
N GLY C 118 8.77 -18.91 -5.06
CA GLY C 118 8.52 -17.48 -4.92
C GLY C 118 9.05 -16.69 -6.10
N LEU C 119 9.06 -17.31 -7.30
CA LEU C 119 9.57 -16.64 -8.49
C LEU C 119 8.70 -15.42 -8.84
N PRO C 120 9.32 -14.30 -9.20
CA PRO C 120 8.55 -13.09 -9.51
C PRO C 120 7.78 -13.11 -10.82
N ALA C 121 8.15 -14.02 -11.73
CA ALA C 121 7.54 -14.15 -13.05
C ALA C 121 7.78 -15.55 -13.60
N PHE C 122 6.88 -15.99 -14.47
CA PHE C 122 6.95 -17.32 -15.08
C PHE C 122 6.53 -17.15 -16.55
N LEU C 123 7.34 -17.65 -17.50
CA LEU C 123 7.03 -17.56 -18.92
C LEU C 123 6.21 -18.77 -19.43
N LEU C 124 5.22 -18.51 -20.25
CA LEU C 124 4.40 -19.55 -20.87
C LEU C 124 4.25 -19.17 -22.32
N PRO C 125 4.33 -20.14 -23.24
CA PRO C 125 4.27 -19.78 -24.67
C PRO C 125 2.89 -19.84 -25.31
N LEU C 126 2.62 -18.85 -26.19
CA LEU C 126 1.46 -18.86 -27.04
C LEU C 126 2.04 -19.02 -28.43
N ASN C 127 2.16 -20.27 -28.91
CA ASN C 127 2.81 -20.50 -30.20
C ASN C 127 1.93 -21.22 -31.24
N GLN C 128 0.60 -21.24 -31.00
CA GLN C 128 -0.42 -21.79 -31.87
C GLN C 128 -1.80 -21.08 -31.60
N GLU C 129 -2.79 -21.25 -32.48
CA GLU C 129 -4.07 -20.57 -32.34
C GLU C 129 -4.85 -21.00 -31.10
N ASP C 130 -5.00 -22.30 -30.92
CA ASP C 130 -5.73 -22.81 -29.79
C ASP C 130 -4.88 -23.01 -28.56
N ASN C 131 -5.16 -22.26 -27.50
CA ASN C 131 -4.55 -22.46 -26.18
C ASN C 131 -5.65 -22.52 -25.12
N THR C 132 -6.77 -23.14 -25.43
CA THR C 132 -7.95 -23.16 -24.56
C THR C 132 -7.67 -23.87 -23.24
N ASN C 133 -7.16 -25.08 -23.30
CA ASN C 133 -6.85 -25.87 -22.12
C ASN C 133 -5.65 -25.30 -21.40
N LEU C 134 -4.64 -24.74 -22.13
CA LEU C 134 -3.52 -24.04 -21.47
C LEU C 134 -4.10 -22.91 -20.55
N ALA C 135 -5.01 -22.09 -21.09
CA ALA C 135 -5.69 -21.05 -20.33
C ALA C 135 -6.49 -21.62 -19.16
N ARG C 136 -7.24 -22.73 -19.35
CA ARG C 136 -8.03 -23.29 -18.28
C ARG C 136 -7.14 -23.78 -17.14
N VAL C 137 -6.04 -24.47 -17.48
CA VAL C 137 -5.11 -24.94 -16.48
C VAL C 137 -4.40 -23.75 -15.76
N LEU C 138 -4.07 -22.65 -16.46
CA LEU C 138 -3.44 -21.50 -15.80
C LEU C 138 -4.42 -20.86 -14.86
N THR C 139 -5.70 -20.65 -15.29
CA THR C 139 -6.76 -20.04 -14.47
C THR C 139 -6.96 -20.82 -13.16
N ASN C 140 -6.85 -22.13 -13.25
CA ASN C 140 -7.02 -22.99 -12.12
C ASN C 140 -5.77 -23.01 -11.17
N HIS C 141 -4.59 -22.64 -11.70
CA HIS C 141 -3.42 -22.44 -10.86
C HIS C 141 -3.62 -21.08 -10.12
N ILE C 142 -4.13 -20.04 -10.83
CA ILE C 142 -4.41 -18.74 -10.26
C ILE C 142 -5.48 -18.82 -9.18
N HIS C 143 -6.44 -19.77 -9.28
CA HIS C 143 -7.50 -19.92 -8.27
C HIS C 143 -7.17 -20.91 -7.16
N THR C 144 -5.93 -21.36 -7.08
CA THR C 144 -5.50 -22.30 -6.08
C THR C 144 -4.34 -21.73 -5.32
N GLY C 145 -4.45 -21.69 -4.00
CA GLY C 145 -3.36 -21.23 -3.14
C GLY C 145 -3.12 -19.74 -3.08
N HIS C 146 -1.85 -19.38 -2.79
CA HIS C 146 -1.41 -18.02 -2.55
C HIS C 146 -0.46 -17.54 -3.68
N HIS C 147 -0.85 -16.41 -4.23
CA HIS C 147 -0.54 -15.80 -5.51
C HIS C 147 0.63 -14.78 -5.57
N SER C 148 0.39 -13.56 -6.14
CA SER C 148 1.34 -12.47 -6.39
C SER C 148 2.14 -12.62 -7.71
N SER C 149 2.56 -13.86 -8.05
CA SER C 149 3.34 -14.15 -9.25
C SER C 149 2.80 -13.60 -10.58
N MET C 150 3.69 -13.25 -11.50
CA MET C 150 3.28 -12.74 -12.80
C MET C 150 3.44 -13.82 -13.83
N PHE C 151 2.55 -13.82 -14.82
CA PHE C 151 2.58 -14.78 -15.92
C PHE C 151 2.85 -14.00 -17.17
N TRP C 152 4.00 -14.25 -17.77
CA TRP C 152 4.43 -13.56 -18.96
C TRP C 152 4.16 -14.49 -20.12
N MET C 153 3.32 -14.10 -21.05
CA MET C 153 2.99 -14.91 -22.20
C MET C 153 3.88 -14.59 -23.33
N ARG C 154 4.66 -15.57 -23.75
CA ARG C 154 5.64 -15.44 -24.81
C ARG C 154 4.91 -15.53 -26.12
N VAL C 155 4.70 -14.41 -26.77
CA VAL C 155 3.94 -14.36 -28.01
C VAL C 155 4.72 -13.61 -29.06
N PRO C 156 4.88 -14.21 -30.25
CA PRO C 156 5.65 -13.52 -31.29
C PRO C 156 4.86 -12.47 -32.06
N LEU C 157 5.57 -11.43 -32.56
CA LEU C 157 4.97 -10.41 -33.42
C LEU C 157 4.45 -11.08 -34.71
N VAL C 158 5.27 -12.02 -35.25
CA VAL C 158 4.98 -12.79 -36.46
C VAL C 158 5.07 -14.26 -36.06
N ALA C 159 4.04 -15.04 -36.44
CA ALA C 159 3.96 -16.46 -36.16
C ALA C 159 5.05 -17.18 -36.95
N PRO C 160 5.65 -18.25 -36.42
CA PRO C 160 6.73 -18.94 -37.16
C PRO C 160 6.36 -19.38 -38.55
N GLU C 161 5.09 -19.72 -38.76
CA GLU C 161 4.57 -20.14 -40.05
C GLU C 161 4.64 -19.01 -41.07
N ASP C 162 4.40 -17.79 -40.65
CA ASP C 162 4.39 -16.61 -41.49
C ASP C 162 5.75 -16.04 -41.76
N LEU C 163 6.83 -16.50 -41.06
CA LEU C 163 8.18 -15.98 -41.34
C LEU C 163 9.13 -17.06 -41.85
N ARG C 164 8.65 -18.29 -42.10
CA ARG C 164 9.51 -19.36 -42.59
C ARG C 164 10.10 -19.03 -43.94
N ASP C 165 11.28 -19.61 -44.23
CA ASP C 165 11.95 -19.44 -45.52
C ASP C 165 11.09 -20.09 -46.59
N ASP C 166 11.07 -19.51 -47.78
CA ASP C 166 10.27 -20.02 -48.88
C ASP C 166 11.04 -21.08 -49.65
N ILE C 167 11.32 -22.18 -48.96
CA ILE C 167 12.12 -23.26 -49.51
C ILE C 167 11.37 -24.58 -49.60
N ILE C 168 10.02 -24.56 -49.54
CA ILE C 168 9.24 -25.78 -49.72
C ILE C 168 8.57 -25.71 -51.08
N GLU C 169 9.06 -26.53 -52.03
CA GLU C 169 8.62 -26.58 -53.41
C GLU C 169 7.10 -26.75 -53.56
N ASN C 170 6.48 -27.69 -52.83
CA ASN C 170 5.03 -27.93 -52.95
C ASN C 170 4.19 -27.23 -51.88
N ALA C 171 4.77 -26.24 -51.18
CA ALA C 171 4.07 -25.44 -50.18
C ALA C 171 4.65 -24.04 -50.20
N PRO C 172 4.32 -23.25 -51.24
CA PRO C 172 4.86 -21.89 -51.31
C PRO C 172 4.33 -20.95 -50.23
N THR C 173 5.17 -20.00 -49.79
CA THR C 173 4.75 -19.01 -48.83
C THR C 173 3.87 -18.02 -49.56
N THR C 174 2.73 -17.64 -48.97
CA THR C 174 1.81 -16.73 -49.65
C THR C 174 2.43 -15.36 -49.86
N HIS C 175 2.33 -14.85 -51.08
CA HIS C 175 2.82 -13.52 -51.39
C HIS C 175 1.70 -12.44 -51.30
N THR C 176 0.43 -12.88 -51.12
CA THR C 176 -0.75 -12.03 -51.00
C THR C 176 -0.77 -11.31 -49.63
N GLU C 177 -1.09 -10.01 -49.62
CA GLU C 177 -1.25 -9.29 -48.37
C GLU C 177 -2.60 -9.75 -47.78
N GLU C 178 -2.58 -10.15 -46.50
CA GLU C 178 -3.77 -10.61 -45.78
C GLU C 178 -3.76 -9.71 -44.58
N TYR C 179 -4.56 -8.66 -44.59
CA TYR C 179 -4.55 -7.67 -43.53
C TYR C 179 -4.75 -8.24 -42.13
N SER C 180 -5.82 -9.01 -41.93
CA SER C 180 -6.11 -9.60 -40.64
C SER C 180 -5.26 -10.80 -40.32
N GLY C 181 -4.85 -11.56 -41.34
CA GLY C 181 -4.00 -12.74 -41.22
C GLY C 181 -2.65 -12.38 -40.63
N GLU C 182 -2.06 -11.25 -41.08
CA GLU C 182 -0.78 -10.80 -40.53
C GLU C 182 -0.90 -10.44 -39.04
N GLU C 183 -2.12 -10.11 -38.56
CA GLU C 183 -2.34 -9.76 -37.16
C GLU C 183 -2.74 -10.95 -36.29
N LYS C 184 -2.62 -12.20 -36.75
CA LYS C 184 -3.10 -13.38 -36.04
C LYS C 184 -2.53 -13.64 -34.64
N THR C 185 -1.29 -13.19 -34.33
CA THR C 185 -0.73 -13.48 -33.00
C THR C 185 -1.33 -12.57 -31.94
N TRP C 186 -1.84 -11.39 -32.30
CA TRP C 186 -2.58 -10.56 -31.35
C TRP C 186 -3.86 -11.32 -30.94
N MET C 187 -4.55 -11.94 -31.89
N MET C 187 -4.55 -11.94 -31.90
CA MET C 187 -5.77 -12.69 -31.59
CA MET C 187 -5.76 -12.72 -31.63
C MET C 187 -5.46 -13.91 -30.70
C MET C 187 -5.44 -13.89 -30.69
N TRP C 188 -4.24 -14.50 -30.83
CA TRP C 188 -3.81 -15.63 -29.98
C TRP C 188 -3.81 -15.18 -28.51
N TRP C 189 -3.20 -14.00 -28.28
CA TRP C 189 -3.11 -13.31 -27.01
C TRP C 189 -4.50 -12.89 -26.49
N HIS C 190 -5.26 -12.15 -27.28
CA HIS C 190 -6.60 -11.66 -26.95
C HIS C 190 -7.53 -12.77 -26.48
N ASN C 191 -7.63 -13.87 -27.24
CA ASN C 191 -8.49 -15.01 -26.86
C ASN C 191 -8.03 -15.62 -25.57
N PHE C 192 -6.71 -15.74 -25.38
CA PHE C 192 -6.15 -16.29 -24.14
C PHE C 192 -6.48 -15.43 -22.89
N ARG C 193 -6.26 -14.11 -22.98
CA ARG C 193 -6.57 -13.23 -21.84
C ARG C 193 -8.11 -13.00 -21.69
N THR C 194 -8.91 -13.26 -22.73
CA THR C 194 -10.38 -13.18 -22.60
C THR C 194 -10.80 -14.43 -21.84
N LEU C 195 -10.25 -15.62 -22.20
CA LEU C 195 -10.56 -16.87 -21.47
C LEU C 195 -10.15 -16.77 -19.98
N CYS C 196 -9.00 -16.11 -19.71
CA CYS C 196 -8.50 -15.95 -18.34
C CYS C 196 -9.10 -14.77 -17.58
N ASP C 197 -10.11 -14.11 -18.18
CA ASP C 197 -10.89 -13.05 -17.60
C ASP C 197 -10.07 -11.84 -17.18
N TYR C 198 -9.27 -11.34 -18.12
CA TYR C 198 -8.41 -10.18 -17.95
C TYR C 198 -7.64 -10.17 -16.61
N SER C 199 -7.05 -11.31 -16.19
CA SER C 199 -6.25 -11.36 -14.96
C SER C 199 -5.13 -10.33 -15.00
N LYS C 200 -4.99 -9.57 -13.93
CA LYS C 200 -3.94 -8.56 -13.82
C LYS C 200 -2.56 -9.20 -13.70
N ARG C 201 -2.50 -10.48 -13.33
CA ARG C 201 -1.30 -11.25 -13.19
C ARG C 201 -0.83 -11.85 -14.51
N ILE C 202 -1.52 -11.57 -15.64
CA ILE C 202 -1.18 -12.09 -16.98
C ILE C 202 -0.83 -10.94 -17.91
N ALA C 203 0.45 -10.93 -18.35
CA ALA C 203 1.07 -9.88 -19.18
C ALA C 203 1.73 -10.45 -20.47
N VAL C 204 2.14 -9.56 -21.40
CA VAL C 204 2.81 -10.03 -22.62
C VAL C 204 4.34 -9.97 -22.56
N ALA C 205 4.99 -11.01 -23.08
CA ALA C 205 6.43 -11.08 -23.32
C ALA C 205 6.48 -11.12 -24.86
N LEU C 206 6.54 -9.93 -25.48
CA LEU C 206 6.52 -9.84 -26.94
C LEU C 206 7.83 -10.24 -27.61
N GLU C 207 7.78 -11.25 -28.48
CA GLU C 207 8.98 -11.73 -29.17
C GLU C 207 9.17 -11.09 -30.53
N ILE C 208 10.30 -10.40 -30.72
CA ILE C 208 10.63 -9.71 -31.98
C ILE C 208 11.46 -10.63 -32.90
N GLY C 209 11.20 -10.60 -34.20
CA GLY C 209 11.92 -11.42 -35.18
C GLY C 209 12.79 -10.63 -36.14
N ALA C 210 13.56 -11.36 -36.98
CA ALA C 210 14.49 -10.79 -37.96
C ALA C 210 13.76 -9.83 -38.90
N ASP C 211 12.56 -10.21 -39.36
CA ASP C 211 11.77 -9.33 -40.21
C ASP C 211 10.55 -8.81 -39.48
N LEU C 212 10.42 -7.50 -39.47
CA LEU C 212 9.30 -6.84 -38.83
C LEU C 212 8.10 -6.82 -39.79
N PRO C 213 6.87 -6.99 -39.28
CA PRO C 213 5.71 -6.93 -40.17
C PRO C 213 5.29 -5.47 -40.43
N SER C 214 4.18 -5.26 -41.17
CA SER C 214 3.64 -3.91 -41.43
C SER C 214 3.34 -3.19 -40.12
N ASN C 215 3.30 -1.84 -40.14
CA ASN C 215 3.06 -1.07 -38.94
C ASN C 215 1.72 -1.41 -38.29
N HIS C 216 0.70 -1.79 -39.08
CA HIS C 216 -0.60 -2.13 -38.50
C HIS C 216 -0.49 -3.31 -37.53
N VAL C 217 0.35 -4.28 -37.86
CA VAL C 217 0.58 -5.45 -37.03
C VAL C 217 1.24 -5.04 -35.73
N ILE C 218 2.27 -4.18 -35.80
CA ILE C 218 2.96 -3.73 -34.59
C ILE C 218 1.99 -2.92 -33.71
N ASP C 219 1.23 -2.02 -34.33
CA ASP C 219 0.23 -1.19 -33.68
C ASP C 219 -0.89 -1.96 -33.00
N ARG C 220 -1.08 -3.24 -33.35
CA ARG C 220 -2.08 -4.05 -32.65
C ARG C 220 -1.80 -4.16 -31.15
N TRP C 221 -0.53 -4.00 -30.75
CA TRP C 221 -0.07 -4.14 -29.38
C TRP C 221 -0.11 -2.89 -28.54
N LEU C 222 -0.55 -1.77 -29.13
CA LEU C 222 -0.71 -0.52 -28.41
C LEU C 222 -1.80 -0.70 -27.35
N GLY C 223 -1.56 -0.26 -26.12
CA GLY C 223 -2.53 -0.44 -25.05
C GLY C 223 -2.53 -1.80 -24.38
N GLU C 224 -1.73 -2.76 -24.86
CA GLU C 224 -1.60 -4.08 -24.24
C GLU C 224 -0.61 -4.06 -23.09
N PRO C 225 -0.77 -4.94 -22.08
CA PRO C 225 0.18 -4.95 -20.96
C PRO C 225 1.50 -5.64 -21.31
N ILE C 226 2.34 -5.03 -22.16
CA ILE C 226 3.62 -5.62 -22.50
C ILE C 226 4.60 -5.42 -21.35
N LYS C 227 5.00 -6.50 -20.68
CA LYS C 227 5.95 -6.40 -19.57
C LYS C 227 7.40 -6.76 -19.96
N ALA C 228 7.57 -7.43 -21.10
CA ALA C 228 8.89 -7.82 -21.56
C ALA C 228 8.95 -7.82 -23.08
N ALA C 229 10.14 -7.52 -23.65
CA ALA C 229 10.44 -7.58 -25.08
C ALA C 229 11.61 -8.58 -25.29
N ILE C 230 11.38 -9.67 -26.02
CA ILE C 230 12.37 -10.70 -26.27
C ILE C 230 13.09 -10.45 -27.58
N LEU C 231 14.38 -10.15 -27.47
CA LEU C 231 15.27 -9.89 -28.59
C LEU C 231 16.23 -11.05 -28.77
N PRO C 232 16.01 -11.88 -29.79
CA PRO C 232 16.97 -12.97 -30.05
C PRO C 232 18.26 -12.42 -30.67
N THR C 233 19.40 -13.04 -30.34
CA THR C 233 20.70 -12.57 -30.87
C THR C 233 20.80 -12.70 -32.40
N SER C 234 20.00 -13.59 -33.01
CA SER C 234 20.04 -13.76 -34.46
C SER C 234 19.41 -12.59 -35.24
N ILE C 235 18.68 -11.69 -34.57
CA ILE C 235 18.06 -10.54 -35.24
C ILE C 235 19.04 -9.36 -35.37
N PHE C 236 20.12 -9.37 -34.59
CA PHE C 236 21.12 -8.33 -34.64
C PHE C 236 22.00 -8.51 -35.87
N LEU C 237 22.12 -7.44 -36.64
CA LEU C 237 23.03 -7.36 -37.77
C LEU C 237 24.46 -7.14 -37.16
N THR C 238 25.49 -7.23 -38.01
CA THR C 238 26.86 -6.99 -37.56
C THR C 238 27.37 -5.75 -38.26
N ASN C 239 27.88 -4.77 -37.48
CA ASN C 239 28.45 -3.57 -38.09
C ASN C 239 29.88 -3.86 -38.59
N LYS C 240 30.47 -2.92 -39.35
CA LYS C 240 31.84 -3.01 -39.86
C LYS C 240 32.90 -3.45 -38.84
N LYS C 241 32.74 -3.08 -37.55
CA LYS C 241 33.67 -3.44 -36.48
C LYS C 241 33.38 -4.79 -35.81
N GLY C 242 32.35 -5.50 -36.24
CA GLY C 242 31.95 -6.77 -35.63
C GLY C 242 30.93 -6.65 -34.51
N PHE C 243 30.45 -5.42 -34.24
CA PHE C 243 29.49 -5.16 -33.17
C PHE C 243 28.02 -5.40 -33.55
N PRO C 244 27.25 -6.03 -32.65
CA PRO C 244 25.82 -6.26 -32.94
C PRO C 244 25.02 -4.99 -32.92
N VAL C 245 24.35 -4.70 -34.03
CA VAL C 245 23.48 -3.54 -34.19
C VAL C 245 22.07 -4.01 -34.66
N LEU C 246 21.08 -3.12 -34.70
CA LEU C 246 19.74 -3.45 -35.18
C LEU C 246 19.39 -2.56 -36.36
N SER C 247 18.46 -3.01 -37.21
CA SER C 247 18.01 -2.20 -38.35
C SER C 247 17.32 -0.94 -37.86
N LYS C 248 17.24 0.11 -38.69
CA LYS C 248 16.58 1.35 -38.29
C LYS C 248 15.12 1.13 -37.86
N MET C 249 14.43 0.17 -38.48
CA MET C 249 13.06 -0.14 -38.10
C MET C 249 12.96 -0.82 -36.75
N HIS C 250 13.89 -1.74 -36.46
CA HIS C 250 13.97 -2.38 -35.14
C HIS C 250 14.30 -1.34 -34.06
N GLN C 251 15.19 -0.39 -34.39
CA GLN C 251 15.58 0.67 -33.48
C GLN C 251 14.38 1.54 -33.10
N ARG C 252 13.46 1.78 -34.06
CA ARG C 252 12.23 2.56 -33.84
C ARG C 252 11.33 1.81 -32.83
N LEU C 253 11.21 0.49 -32.99
CA LEU C 253 10.42 -0.35 -32.09
C LEU C 253 11.02 -0.35 -30.69
N ILE C 254 12.36 -0.35 -30.58
CA ILE C 254 13.04 -0.32 -29.29
C ILE C 254 12.71 0.98 -28.57
N PHE C 255 12.75 2.12 -29.28
CA PHE C 255 12.41 3.41 -28.66
C PHE C 255 10.96 3.44 -28.16
N ARG C 256 10.06 2.80 -28.90
CA ARG C 256 8.66 2.65 -28.55
C ARG C 256 8.58 1.81 -27.26
N LEU C 257 9.32 0.69 -27.19
CA LEU C 257 9.35 -0.19 -26.02
C LEU C 257 9.97 0.46 -24.77
N LEU C 258 11.00 1.33 -24.94
CA LEU C 258 11.62 2.01 -23.80
C LEU C 258 10.57 2.91 -23.13
N LYS C 259 9.73 3.60 -23.93
CA LYS C 259 8.63 4.43 -23.41
C LYS C 259 7.70 3.63 -22.49
N LEU C 260 7.53 2.31 -22.73
CA LEU C 260 6.70 1.48 -21.85
C LEU C 260 7.44 0.83 -20.69
N GLU C 261 8.74 1.05 -20.58
CA GLU C 261 9.58 0.51 -19.53
C GLU C 261 9.54 -1.00 -19.48
N VAL C 262 9.53 -1.64 -20.64
CA VAL C 262 9.56 -3.11 -20.70
C VAL C 262 10.96 -3.59 -20.30
N GLN C 263 11.01 -4.81 -19.79
CA GLN C 263 12.28 -5.44 -19.45
C GLN C 263 12.73 -6.11 -20.75
N PHE C 264 13.95 -5.79 -21.20
CA PHE C 264 14.45 -6.40 -22.41
C PHE C 264 15.09 -7.73 -22.09
N ILE C 265 14.84 -8.73 -22.93
CA ILE C 265 15.34 -10.07 -22.71
C ILE C 265 16.20 -10.48 -23.90
N ILE C 266 17.35 -11.10 -23.64
CA ILE C 266 18.24 -11.59 -24.66
C ILE C 266 18.16 -13.08 -24.66
N THR C 267 17.65 -13.63 -25.75
CA THR C 267 17.54 -15.06 -25.91
C THR C 267 18.46 -15.48 -27.06
N GLY C 268 18.85 -16.74 -27.04
CA GLY C 268 19.71 -17.29 -28.07
C GLY C 268 21.19 -17.28 -27.75
N THR C 269 21.94 -17.95 -28.58
CA THR C 269 23.36 -18.16 -28.47
C THR C 269 24.15 -16.91 -28.93
N ASN C 270 25.39 -16.75 -28.43
CA ASN C 270 26.22 -15.60 -28.78
C ASN C 270 26.71 -15.74 -30.23
N HIS C 271 26.33 -14.81 -31.10
CA HIS C 271 26.77 -14.84 -32.49
C HIS C 271 27.79 -13.74 -32.84
N HIS C 272 28.35 -13.07 -31.83
CA HIS C 272 29.38 -12.07 -32.03
C HIS C 272 30.50 -12.57 -31.12
N SER C 273 31.15 -13.68 -31.58
CA SER C 273 32.17 -14.47 -30.89
C SER C 273 33.43 -13.67 -30.48
N GLU C 274 34.18 -13.10 -31.44
CA GLU C 274 35.36 -12.30 -31.08
C GLU C 274 34.96 -10.97 -30.39
N LYS C 275 33.67 -10.55 -30.53
CA LYS C 275 33.13 -9.34 -29.96
C LYS C 275 32.42 -9.54 -28.61
N GLU C 276 32.77 -10.59 -27.84
CA GLU C 276 32.20 -10.87 -26.51
C GLU C 276 30.61 -11.05 -26.51
N PHE C 277 29.94 -11.10 -25.32
CA PHE C 277 28.48 -11.28 -25.28
C PHE C 277 27.72 -10.08 -24.71
N CYS C 278 28.31 -9.35 -23.73
CA CYS C 278 27.60 -8.18 -23.16
C CYS C 278 27.31 -7.06 -24.20
N SER C 279 27.78 -7.23 -25.45
CA SER C 279 27.62 -6.31 -26.57
C SER C 279 26.17 -6.11 -26.97
N TYR C 280 25.30 -7.11 -26.74
CA TYR C 280 23.87 -6.98 -27.02
C TYR C 280 23.25 -5.98 -26.05
N LEU C 281 23.64 -6.07 -24.78
CA LEU C 281 23.24 -5.17 -23.72
C LEU C 281 23.83 -3.78 -23.96
N GLN C 282 25.10 -3.70 -24.34
CA GLN C 282 25.80 -2.43 -24.65
C GLN C 282 25.05 -1.68 -25.75
N TYR C 283 24.55 -2.40 -26.75
CA TYR C 283 23.77 -1.79 -27.82
C TYR C 283 22.45 -1.24 -27.30
N LEU C 284 21.79 -1.98 -26.40
CA LEU C 284 20.53 -1.54 -25.82
C LEU C 284 20.75 -0.27 -24.98
N GLU C 285 21.83 -0.24 -24.19
CA GLU C 285 22.18 0.94 -23.42
C GLU C 285 22.51 2.11 -24.32
N TYR C 286 23.13 1.84 -25.49
CA TYR C 286 23.46 2.84 -26.50
C TYR C 286 22.16 3.48 -27.05
N LEU C 287 21.18 2.66 -27.48
CA LEU C 287 19.89 3.18 -28.01
C LEU C 287 19.14 3.93 -26.92
N SER C 288 19.22 3.43 -25.67
CA SER C 288 18.57 4.04 -24.52
C SER C 288 19.10 5.44 -24.28
N GLN C 289 20.43 5.63 -24.30
CA GLN C 289 21.04 6.95 -24.09
C GLN C 289 20.80 7.85 -25.30
N ASN C 290 20.87 7.29 -26.51
CA ASN C 290 20.69 8.07 -27.73
C ASN C 290 19.29 8.00 -28.31
N ARG C 291 18.29 7.83 -27.45
CA ARG C 291 16.89 7.79 -27.89
C ARG C 291 16.41 9.23 -28.18
N PRO C 292 15.32 9.43 -28.95
CA PRO C 292 14.79 10.80 -29.13
C PRO C 292 14.43 11.39 -27.76
N PRO C 293 14.95 12.59 -27.44
CA PRO C 293 14.77 13.13 -26.08
C PRO C 293 13.32 13.41 -25.65
N PRO C 294 13.00 13.08 -24.38
CA PRO C 294 11.65 13.37 -23.88
C PRO C 294 11.42 14.87 -23.77
N ASN C 295 10.20 15.32 -24.04
CA ASN C 295 9.86 16.74 -23.96
C ASN C 295 9.48 17.18 -22.53
N ALA C 296 9.17 18.48 -22.33
CA ALA C 296 8.79 19.05 -21.03
C ALA C 296 7.49 18.43 -20.50
N TYR C 297 6.57 18.03 -21.41
CA TYR C 297 5.31 17.38 -21.03
C TYR C 297 5.57 15.96 -20.52
N GLU C 298 6.57 15.26 -21.08
CA GLU C 298 6.98 13.92 -20.65
C GLU C 298 7.74 13.98 -19.32
N LEU C 299 8.47 15.08 -19.07
CA LEU C 299 9.24 15.31 -17.84
C LEU C 299 8.29 15.39 -16.65
N PHE C 300 7.19 16.13 -16.80
CA PHE C 300 6.24 16.33 -15.71
C PHE C 300 5.32 15.12 -15.48
N ALA C 301 5.01 14.38 -16.54
CA ALA C 301 4.11 13.23 -16.44
C ALA C 301 4.65 12.06 -15.63
N LYS C 302 5.97 11.98 -15.40
CA LYS C 302 6.64 10.90 -14.68
C LYS C 302 5.90 10.44 -13.41
N GLY C 303 5.65 9.15 -13.30
CA GLY C 303 4.96 8.58 -12.14
C GLY C 303 3.46 8.66 -12.18
N TYR C 304 2.89 9.50 -13.06
CA TYR C 304 1.44 9.64 -13.18
C TYR C 304 0.85 8.82 -14.34
N GLU C 305 1.68 8.11 -15.12
CA GLU C 305 1.25 7.37 -16.30
C GLU C 305 0.17 6.33 -16.06
N ASP C 306 -1.01 6.54 -16.66
CA ASP C 306 -2.15 5.66 -16.57
C ASP C 306 -2.64 5.40 -15.14
N TYR C 307 -2.40 6.37 -14.23
CA TYR C 307 -2.82 6.32 -12.85
C TYR C 307 -4.16 7.05 -12.85
N LEU C 308 -5.25 6.36 -12.53
CA LEU C 308 -6.57 6.97 -12.53
C LEU C 308 -6.81 7.83 -11.28
N GLN C 309 -7.39 9.01 -11.44
CA GLN C 309 -7.72 9.89 -10.32
C GLN C 309 -9.13 10.48 -10.51
N SER C 310 -9.74 10.93 -9.43
CA SER C 310 -11.05 11.55 -9.51
C SER C 310 -10.85 12.97 -9.99
N PRO C 311 -11.69 13.42 -10.93
CA PRO C 311 -11.61 14.83 -11.34
C PRO C 311 -12.06 15.71 -10.17
N LEU C 312 -11.32 16.79 -9.92
CA LEU C 312 -11.60 17.74 -8.87
C LEU C 312 -12.96 18.39 -9.03
N GLN C 313 -13.63 18.69 -7.92
CA GLN C 313 -14.93 19.37 -7.98
C GLN C 313 -14.80 20.61 -7.10
N PRO C 314 -14.18 21.71 -7.60
CA PRO C 314 -13.97 22.88 -6.74
C PRO C 314 -15.24 23.58 -6.28
N LEU C 315 -16.37 23.46 -7.01
CA LEU C 315 -17.63 24.01 -6.53
C LEU C 315 -18.13 23.20 -5.29
N MET C 316 -18.28 21.88 -5.41
CA MET C 316 -18.75 21.02 -4.31
C MET C 316 -17.76 20.93 -3.15
N ASP C 317 -16.47 20.86 -3.45
CA ASP C 317 -15.43 20.71 -2.44
C ASP C 317 -14.61 21.96 -2.29
N ASN C 318 -14.03 22.12 -1.11
CA ASN C 318 -13.08 23.17 -0.87
C ASN C 318 -11.72 22.59 -1.11
N LEU C 319 -11.05 23.06 -2.16
CA LEU C 319 -9.72 22.59 -2.50
C LEU C 319 -8.74 22.87 -1.40
N GLU C 320 -7.79 21.96 -1.25
CA GLU C 320 -6.75 22.09 -0.26
C GLU C 320 -5.69 23.10 -0.72
N SER C 321 -4.90 23.60 0.22
CA SER C 321 -3.79 24.54 -0.01
C SER C 321 -2.76 23.97 -1.04
N GLN C 322 -2.38 22.69 -0.91
CA GLN C 322 -1.44 22.08 -1.86
C GLN C 322 -2.06 21.82 -3.24
N THR C 323 -3.41 21.73 -3.34
CA THR C 323 -4.04 21.58 -4.65
C THR C 323 -3.93 22.92 -5.37
N TYR C 324 -4.21 24.02 -4.67
CA TYR C 324 -4.07 25.36 -5.22
C TYR C 324 -2.63 25.61 -5.67
N GLU C 325 -1.66 25.12 -4.92
CA GLU C 325 -0.25 25.26 -5.25
C GLU C 325 0.16 24.56 -6.59
N VAL C 326 -0.35 23.34 -6.90
CA VAL C 326 -0.01 22.69 -8.17
C VAL C 326 -0.65 23.41 -9.37
N PHE C 327 -1.89 23.90 -9.22
CA PHE C 327 -2.57 24.55 -10.34
C PHE C 327 -2.10 26.00 -10.58
N GLU C 328 -1.38 26.60 -9.61
CA GLU C 328 -0.76 27.91 -9.77
C GLU C 328 0.60 27.76 -10.51
N LYS C 329 1.25 26.56 -10.42
CA LYS C 329 2.57 26.26 -11.00
C LYS C 329 2.51 26.09 -12.52
N ASP C 330 1.77 26.96 -13.21
CA ASP C 330 1.63 26.90 -14.65
C ASP C 330 1.88 28.28 -15.22
N PRO C 331 3.15 28.62 -15.50
CA PRO C 331 3.44 29.98 -16.00
C PRO C 331 2.78 30.35 -17.33
N ILE C 332 2.56 29.34 -18.18
CA ILE C 332 1.92 29.48 -19.50
C ILE C 332 0.45 29.90 -19.32
N LYS C 333 -0.26 29.27 -18.36
CA LYS C 333 -1.66 29.52 -18.07
C LYS C 333 -1.92 30.95 -17.64
N TYR C 334 -1.02 31.51 -16.82
CA TYR C 334 -1.23 32.86 -16.33
C TYR C 334 -0.70 33.90 -17.29
N SER C 335 0.35 33.59 -18.08
CA SER C 335 0.82 34.57 -19.08
C SER C 335 -0.23 34.78 -20.17
N GLN C 336 -1.01 33.72 -20.48
CA GLN C 336 -2.10 33.81 -21.44
C GLN C 336 -3.25 34.63 -20.86
N TYR C 337 -3.58 34.43 -19.58
CA TYR C 337 -4.64 35.20 -18.93
C TYR C 337 -4.27 36.68 -18.86
N GLN C 338 -3.01 36.98 -18.55
CA GLN C 338 -2.56 38.38 -18.47
C GLN C 338 -2.65 39.02 -19.84
N GLN C 339 -2.20 38.31 -20.88
CA GLN C 339 -2.26 38.82 -22.24
C GLN C 339 -3.71 39.09 -22.68
N ALA C 340 -4.65 38.22 -22.30
CA ALA C 340 -6.07 38.40 -22.63
C ALA C 340 -6.69 39.60 -21.89
N ILE C 341 -6.31 39.83 -20.63
CA ILE C 341 -6.85 40.98 -19.88
C ILE C 341 -6.24 42.30 -20.45
N TYR C 342 -4.91 42.31 -20.71
CA TYR C 342 -4.17 43.44 -21.26
C TYR C 342 -4.78 43.91 -22.58
N LYS C 343 -4.99 42.97 -23.53
CA LYS C 343 -5.58 43.26 -24.83
C LYS C 343 -6.99 43.78 -24.69
N CYS C 344 -7.76 43.24 -23.73
CA CYS C 344 -9.16 43.65 -23.50
C CYS C 344 -9.30 45.07 -22.99
N LEU C 345 -8.40 45.50 -22.10
CA LEU C 345 -8.43 46.84 -21.54
C LEU C 345 -8.19 47.86 -22.66
N LEU C 346 -7.21 47.59 -23.52
CA LEU C 346 -6.90 48.42 -24.67
C LEU C 346 -8.09 48.58 -25.61
N ASP C 347 -8.84 47.51 -25.87
CA ASP C 347 -10.01 47.61 -26.73
C ASP C 347 -11.15 48.41 -26.11
N ARG C 348 -11.24 48.42 -24.76
CA ARG C 348 -12.34 49.07 -24.03
C ARG C 348 -12.09 50.53 -23.67
N VAL C 349 -10.85 50.86 -23.31
CA VAL C 349 -10.49 52.20 -22.91
C VAL C 349 -9.47 52.80 -23.88
N PRO C 350 -9.87 53.81 -24.68
CA PRO C 350 -8.89 54.45 -25.58
C PRO C 350 -7.89 55.32 -24.80
N GLU C 351 -6.70 55.57 -25.39
CA GLU C 351 -5.61 56.38 -24.81
C GLU C 351 -6.05 57.74 -24.22
N GLU C 352 -7.02 58.39 -24.85
CA GLU C 352 -7.52 59.68 -24.37
C GLU C 352 -8.32 59.58 -23.06
N GLU C 353 -8.79 58.36 -22.70
CA GLU C 353 -9.54 58.07 -21.48
C GLU C 353 -8.70 57.35 -20.41
N LYS C 354 -7.40 57.09 -20.69
CA LYS C 354 -6.44 56.39 -19.85
C LYS C 354 -6.41 56.82 -18.37
N ASP C 355 -6.70 58.10 -18.07
CA ASP C 355 -6.65 58.58 -16.68
C ASP C 355 -8.02 58.82 -16.03
N THR C 356 -9.08 58.94 -16.83
CA THR C 356 -10.41 59.18 -16.30
C THR C 356 -11.29 57.91 -16.23
N ASN C 357 -10.90 56.85 -16.96
CA ASN C 357 -11.69 55.62 -17.00
C ASN C 357 -11.18 54.51 -16.08
N VAL C 358 -12.05 54.05 -15.17
CA VAL C 358 -11.80 52.96 -14.24
C VAL C 358 -12.57 51.72 -14.70
N GLN C 359 -11.84 50.65 -15.00
CA GLN C 359 -12.42 49.38 -15.46
C GLN C 359 -12.72 48.46 -14.28
N VAL C 360 -13.99 48.10 -14.07
CA VAL C 360 -14.37 47.19 -12.98
C VAL C 360 -14.10 45.74 -13.36
N LEU C 361 -12.99 45.19 -12.86
CA LEU C 361 -12.61 43.81 -13.10
C LEU C 361 -13.05 42.89 -11.92
N MET C 362 -13.75 41.79 -12.23
CA MET C 362 -14.15 40.83 -11.19
C MET C 362 -13.57 39.44 -11.47
N VAL C 363 -12.69 38.94 -10.58
CA VAL C 363 -12.16 37.60 -10.73
C VAL C 363 -13.15 36.69 -9.99
N LEU C 364 -13.77 35.74 -10.68
CA LEU C 364 -14.78 34.88 -10.06
C LEU C 364 -14.18 33.53 -9.79
N GLY C 365 -13.96 33.22 -8.52
CA GLY C 365 -13.26 32.02 -8.13
C GLY C 365 -11.79 32.33 -8.12
N ALA C 366 -11.37 33.25 -7.25
CA ALA C 366 -10.01 33.77 -7.24
C ALA C 366 -8.94 32.90 -6.64
N GLY C 367 -9.31 31.79 -6.00
CA GLY C 367 -8.38 30.87 -5.35
C GLY C 367 -7.51 31.56 -4.32
N ARG C 368 -6.19 31.49 -4.50
CA ARG C 368 -5.21 32.16 -3.63
C ARG C 368 -4.59 33.44 -4.23
N GLY C 369 -5.22 33.97 -5.29
CA GLY C 369 -4.88 35.22 -5.96
C GLY C 369 -3.98 35.24 -7.19
N PRO C 370 -3.81 34.16 -7.98
CA PRO C 370 -2.90 34.22 -9.13
C PRO C 370 -3.49 35.00 -10.29
N LEU C 371 -4.82 34.97 -10.46
CA LEU C 371 -5.56 35.71 -11.46
C LEU C 371 -5.70 37.20 -11.05
N VAL C 372 -5.68 37.49 -9.73
CA VAL C 372 -5.72 38.87 -9.24
C VAL C 372 -4.38 39.52 -9.59
N ASN C 373 -3.27 38.81 -9.35
CA ASN C 373 -1.94 39.28 -9.69
C ASN C 373 -1.76 39.43 -11.20
N ALA C 374 -2.36 38.53 -11.98
CA ALA C 374 -2.28 38.64 -13.43
C ALA C 374 -3.12 39.83 -13.91
N SER C 375 -4.26 40.13 -13.26
CA SER C 375 -5.07 41.30 -13.62
C SER C 375 -4.27 42.58 -13.32
N LEU C 376 -3.57 42.61 -12.18
CA LEU C 376 -2.76 43.74 -11.77
C LEU C 376 -1.59 43.98 -12.72
N ARG C 377 -0.94 42.91 -13.19
CA ARG C 377 0.16 43.01 -14.14
C ARG C 377 -0.33 43.44 -15.54
N ALA C 378 -1.58 43.10 -15.88
CA ALA C 378 -2.14 43.45 -17.18
C ALA C 378 -2.58 44.91 -17.21
N ALA C 379 -3.10 45.44 -16.08
CA ALA C 379 -3.54 46.83 -16.02
C ALA C 379 -2.35 47.81 -16.03
N LYS C 380 -1.21 47.38 -15.51
CA LYS C 380 -0.01 48.19 -15.49
C LYS C 380 0.65 48.17 -16.86
N GLN C 381 0.69 47.00 -17.52
CA GLN C 381 1.27 46.82 -18.84
C GLN C 381 0.51 47.66 -19.87
N ALA C 382 -0.82 47.72 -19.74
CA ALA C 382 -1.70 48.47 -20.64
C ALA C 382 -1.83 49.96 -20.30
N ASP C 383 -1.37 50.37 -19.11
CA ASP C 383 -1.48 51.75 -18.61
C ASP C 383 -2.96 52.12 -18.50
N ARG C 384 -3.77 51.26 -17.89
CA ARG C 384 -5.19 51.53 -17.69
C ARG C 384 -5.56 51.36 -16.23
N ARG C 385 -6.61 52.05 -15.79
CA ARG C 385 -7.03 51.99 -14.41
C ARG C 385 -8.07 50.88 -14.17
N ILE C 386 -7.81 49.98 -13.20
CA ILE C 386 -8.74 48.91 -12.87
C ILE C 386 -9.09 48.87 -11.38
N LYS C 387 -10.37 48.62 -11.10
CA LYS C 387 -10.87 48.44 -9.76
C LYS C 387 -11.16 46.92 -9.67
N LEU C 388 -10.42 46.19 -8.81
CA LEU C 388 -10.54 44.74 -8.68
C LEU C 388 -11.42 44.22 -7.54
N TYR C 389 -12.15 43.13 -7.82
CA TYR C 389 -13.01 42.42 -6.86
C TYR C 389 -12.62 40.96 -6.98
N ALA C 390 -12.14 40.33 -5.88
CA ALA C 390 -11.74 38.91 -5.89
C ALA C 390 -12.80 38.07 -5.20
N VAL C 391 -13.67 37.41 -5.98
CA VAL C 391 -14.77 36.60 -5.44
C VAL C 391 -14.30 35.16 -5.22
N GLU C 392 -14.57 34.59 -4.03
CA GLU C 392 -14.14 33.24 -3.65
C GLU C 392 -15.02 32.64 -2.58
N LYS C 393 -15.63 31.47 -2.83
CA LYS C 393 -16.50 30.82 -1.87
C LYS C 393 -15.76 29.90 -0.87
N ASN C 394 -14.51 29.49 -1.17
CA ASN C 394 -13.76 28.62 -0.25
C ASN C 394 -13.26 29.53 0.85
N PRO C 395 -13.75 29.44 2.10
CA PRO C 395 -13.31 30.40 3.13
C PRO C 395 -11.84 30.26 3.52
N ASN C 396 -11.26 29.07 3.32
CA ASN C 396 -9.85 28.83 3.61
C ASN C 396 -8.98 29.56 2.60
N ALA C 397 -9.38 29.61 1.31
CA ALA C 397 -8.63 30.31 0.30
C ALA C 397 -8.78 31.85 0.49
N VAL C 398 -9.97 32.32 0.97
CA VAL C 398 -10.30 33.70 1.34
C VAL C 398 -9.32 34.19 2.42
N VAL C 399 -8.84 33.30 3.31
CA VAL C 399 -7.87 33.64 4.34
C VAL C 399 -6.58 34.10 3.62
N THR C 400 -6.13 33.36 2.60
CA THR C 400 -4.94 33.67 1.83
C THR C 400 -5.07 34.99 1.08
N LEU C 401 -6.27 35.23 0.51
CA LEU C 401 -6.64 36.44 -0.22
C LEU C 401 -6.66 37.66 0.69
N GLU C 402 -7.22 37.54 1.90
CA GLU C 402 -7.32 38.64 2.84
C GLU C 402 -5.96 38.99 3.44
N ASN C 403 -5.07 38.01 3.64
CA ASN C 403 -3.71 38.30 4.11
C ASN C 403 -2.86 38.93 2.99
N TRP C 404 -3.20 38.68 1.71
CA TRP C 404 -2.55 39.25 0.54
C TRP C 404 -3.02 40.71 0.40
N GLN C 405 -4.34 40.92 0.56
CA GLN C 405 -4.97 42.23 0.44
C GLN C 405 -4.44 43.20 1.48
N PHE C 406 -4.21 42.73 2.71
CA PHE C 406 -3.71 43.59 3.77
C PHE C 406 -2.24 43.91 3.56
N GLU C 407 -1.43 42.89 3.26
CA GLU C 407 0.00 43.07 3.12
C GLU C 407 0.43 43.76 1.82
N GLU C 408 -0.07 43.32 0.65
CA GLU C 408 0.42 43.85 -0.62
C GLU C 408 -0.58 44.59 -1.52
N TRP C 409 -1.79 44.05 -1.74
CA TRP C 409 -2.73 44.64 -2.70
C TRP C 409 -3.33 45.98 -2.32
N GLY C 410 -3.80 46.11 -1.10
CA GLY C 410 -4.43 47.34 -0.66
C GLY C 410 -5.88 47.46 -1.09
N SER C 411 -6.45 48.66 -0.99
CA SER C 411 -7.86 48.92 -1.31
C SER C 411 -8.23 48.67 -2.77
N GLN C 412 -7.23 48.58 -3.68
CA GLN C 412 -7.52 48.32 -5.09
C GLN C 412 -8.28 46.98 -5.26
N VAL C 413 -7.95 45.99 -4.44
CA VAL C 413 -8.60 44.69 -4.44
C VAL C 413 -9.61 44.54 -3.30
N THR C 414 -10.90 44.40 -3.62
CA THR C 414 -11.92 44.12 -2.63
C THR C 414 -12.14 42.60 -2.61
N VAL C 415 -11.76 41.93 -1.51
CA VAL C 415 -11.93 40.48 -1.38
C VAL C 415 -13.36 40.16 -0.99
N VAL C 416 -14.07 39.35 -1.82
CA VAL C 416 -15.46 38.95 -1.56
C VAL C 416 -15.57 37.44 -1.25
N SER C 417 -15.87 37.12 0.00
CA SER C 417 -16.01 35.75 0.43
C SER C 417 -17.43 35.25 0.12
N SER C 418 -17.70 34.88 -1.13
CA SER C 418 -19.04 34.46 -1.53
C SER C 418 -19.06 33.51 -2.73
N ASP C 419 -20.22 32.86 -2.96
CA ASP C 419 -20.48 32.09 -4.16
C ASP C 419 -20.97 33.16 -5.15
N THR C 420 -20.39 33.20 -6.37
CA THR C 420 -20.74 34.14 -7.41
C THR C 420 -22.22 34.15 -7.77
N ARG C 421 -22.96 33.04 -7.52
CA ARG C 421 -24.39 33.01 -7.87
C ARG C 421 -25.31 33.60 -6.78
N GLU C 422 -24.75 33.93 -5.61
CA GLU C 422 -25.48 34.49 -4.50
C GLU C 422 -25.11 35.95 -4.27
N TRP C 423 -23.85 36.33 -4.55
CA TRP C 423 -23.34 37.67 -4.34
C TRP C 423 -24.24 38.77 -4.87
N VAL C 424 -24.58 39.73 -4.01
CA VAL C 424 -25.30 40.95 -4.37
C VAL C 424 -24.19 41.99 -4.59
N ALA C 425 -23.74 42.16 -5.84
CA ALA C 425 -22.64 43.06 -6.16
C ALA C 425 -23.04 44.57 -6.04
N PRO C 426 -22.15 45.40 -5.48
CA PRO C 426 -22.48 46.82 -5.33
C PRO C 426 -22.32 47.66 -6.61
N GLU C 427 -21.91 47.03 -7.71
CA GLU C 427 -21.57 47.69 -8.96
C GLU C 427 -21.56 46.63 -10.09
N LYS C 428 -21.54 47.09 -11.35
CA LYS C 428 -21.44 46.23 -12.51
C LYS C 428 -20.00 46.08 -13.00
N ALA C 429 -19.74 44.98 -13.68
CA ALA C 429 -18.41 44.68 -14.17
C ALA C 429 -18.23 44.93 -15.67
N ASP C 430 -17.08 45.50 -16.00
CA ASP C 430 -16.65 45.71 -17.36
C ASP C 430 -16.03 44.39 -17.87
N ILE C 431 -15.36 43.62 -16.97
CA ILE C 431 -14.70 42.37 -17.31
C ILE C 431 -14.86 41.38 -16.17
N ILE C 432 -15.25 40.14 -16.50
CA ILE C 432 -15.25 39.05 -15.53
C ILE C 432 -14.17 38.09 -15.98
N VAL C 433 -13.32 37.66 -15.06
CA VAL C 433 -12.22 36.76 -15.36
C VAL C 433 -12.37 35.53 -14.46
N SER C 434 -12.26 34.33 -15.02
CA SER C 434 -12.36 33.11 -14.20
C SER C 434 -11.53 31.98 -14.78
N GLU C 435 -11.14 31.03 -13.93
CA GLU C 435 -10.51 29.79 -14.32
C GLU C 435 -11.34 28.65 -13.72
N LEU C 436 -12.65 28.64 -14.02
CA LEU C 436 -13.57 27.60 -13.55
C LEU C 436 -13.67 26.40 -14.49
N LEU C 437 -12.70 26.23 -15.38
CA LEU C 437 -12.70 25.15 -16.35
C LEU C 437 -11.99 23.97 -15.80
N GLY C 438 -12.37 22.78 -16.29
CA GLY C 438 -11.74 21.52 -15.96
C GLY C 438 -11.15 20.86 -17.21
N SER C 439 -10.67 19.59 -17.09
CA SER C 439 -10.07 18.84 -18.20
C SER C 439 -11.03 18.54 -19.37
N PHE C 440 -12.32 18.55 -19.10
CA PHE C 440 -13.35 18.34 -20.12
C PHE C 440 -14.19 19.64 -20.27
N ALA C 441 -13.53 20.79 -20.04
CA ALA C 441 -14.00 22.17 -20.13
C ALA C 441 -15.11 22.53 -19.13
N ASP C 442 -16.34 22.01 -19.28
CA ASP C 442 -17.45 22.39 -18.44
C ASP C 442 -17.69 21.46 -17.27
N ASN C 443 -16.76 20.49 -17.02
CA ASN C 443 -16.92 19.49 -15.96
C ASN C 443 -16.78 20.06 -14.55
N GLU C 444 -16.26 21.28 -14.37
CA GLU C 444 -16.25 21.91 -13.04
C GLU C 444 -17.51 22.82 -12.83
N LEU C 445 -18.37 22.95 -13.87
CA LEU C 445 -19.64 23.66 -13.91
C LEU C 445 -19.50 25.17 -14.12
N SER C 446 -18.49 25.57 -14.90
CA SER C 446 -18.25 26.97 -15.29
C SER C 446 -19.53 27.58 -15.95
N PRO C 447 -20.27 26.87 -16.85
CA PRO C 447 -21.52 27.43 -17.38
C PRO C 447 -22.45 27.96 -16.29
N GLU C 448 -22.77 27.14 -15.26
CA GLU C 448 -23.70 27.51 -14.20
C GLU C 448 -23.17 28.58 -13.29
N CYS C 449 -21.86 28.61 -13.06
CA CYS C 449 -21.26 29.61 -12.22
C CYS C 449 -21.25 30.98 -12.92
N LEU C 450 -20.76 31.04 -14.17
CA LEU C 450 -20.74 32.29 -14.94
C LEU C 450 -22.16 32.77 -15.31
N ASP C 451 -23.13 31.86 -15.53
CA ASP C 451 -24.52 32.28 -15.76
C ASP C 451 -25.06 33.03 -14.51
N GLY C 452 -24.69 32.55 -13.33
CA GLY C 452 -25.13 33.16 -12.07
C GLY C 452 -24.54 34.54 -11.84
N ALA C 453 -23.42 34.84 -12.51
CA ALA C 453 -22.71 36.10 -12.46
C ALA C 453 -23.11 37.08 -13.59
N GLN C 454 -24.02 36.67 -14.48
CA GLN C 454 -24.38 37.51 -15.61
C GLN C 454 -25.20 38.72 -15.27
N HIS C 455 -25.97 38.67 -14.18
CA HIS C 455 -26.81 39.82 -13.81
C HIS C 455 -25.97 41.05 -13.43
N PHE C 456 -24.78 40.87 -12.84
CA PHE C 456 -23.92 42.00 -12.49
C PHE C 456 -22.84 42.31 -13.57
N LEU C 457 -22.97 41.73 -14.77
CA LEU C 457 -22.06 42.04 -15.88
C LEU C 457 -22.69 43.19 -16.69
N LYS C 458 -21.88 44.18 -17.13
CA LYS C 458 -22.40 45.29 -17.93
C LYS C 458 -22.98 44.77 -19.24
N ASP C 459 -23.99 45.44 -19.80
CA ASP C 459 -24.58 45.01 -21.07
C ASP C 459 -23.53 44.87 -22.20
N ASP C 460 -22.36 45.50 -22.03
CA ASP C 460 -21.27 45.40 -23.00
C ASP C 460 -19.97 44.85 -22.39
N GLY C 461 -20.06 44.19 -21.23
CA GLY C 461 -18.94 43.62 -20.51
C GLY C 461 -18.43 42.34 -21.13
N VAL C 462 -17.11 42.12 -21.00
CA VAL C 462 -16.40 40.96 -21.53
C VAL C 462 -16.29 39.84 -20.49
N SER C 463 -16.33 38.57 -20.95
CA SER C 463 -16.06 37.44 -20.09
C SER C 463 -14.80 36.79 -20.58
N ILE C 464 -13.83 36.56 -19.70
CA ILE C 464 -12.59 35.84 -20.00
C ILE C 464 -12.59 34.58 -19.11
N PRO C 465 -12.72 33.36 -19.68
CA PRO C 465 -12.86 33.05 -21.10
C PRO C 465 -14.24 33.40 -21.64
N GLY C 466 -14.29 33.65 -22.93
CA GLY C 466 -15.56 33.91 -23.60
C GLY C 466 -16.16 32.66 -24.19
N GLU C 467 -15.35 31.61 -24.38
CA GLU C 467 -15.83 30.40 -24.99
C GLU C 467 -14.98 29.20 -24.61
N TYR C 468 -15.62 28.02 -24.52
CA TYR C 468 -14.85 26.78 -24.33
C TYR C 468 -15.55 25.60 -24.98
N THR C 469 -14.76 24.65 -25.43
CA THR C 469 -15.27 23.49 -26.15
C THR C 469 -14.55 22.22 -25.69
N SER C 470 -15.33 21.19 -25.40
CA SER C 470 -14.76 19.91 -25.01
C SER C 470 -14.58 19.04 -26.27
N PHE C 471 -13.54 18.16 -26.30
CA PHE C 471 -13.29 17.25 -27.40
C PHE C 471 -13.28 15.80 -26.92
N LEU C 472 -13.57 14.83 -27.81
CA LEU C 472 -13.54 13.43 -27.45
C LEU C 472 -12.81 12.64 -28.50
N ALA C 473 -12.21 11.52 -28.09
CA ALA C 473 -11.53 10.66 -29.05
C ALA C 473 -11.69 9.22 -28.58
N PRO C 474 -12.09 8.30 -29.45
CA PRO C 474 -12.14 6.88 -29.04
C PRO C 474 -10.74 6.32 -28.78
N ILE C 475 -10.54 5.52 -27.74
CA ILE C 475 -9.23 4.93 -27.47
C ILE C 475 -9.29 3.42 -27.21
N SER C 476 -8.17 2.76 -27.43
CA SER C 476 -7.99 1.37 -27.11
C SER C 476 -6.95 1.34 -26.07
N SER C 477 -7.11 0.47 -25.10
CA SER C 477 -6.12 0.29 -24.04
C SER C 477 -6.60 -0.74 -23.10
N SER C 478 -6.16 -1.99 -23.27
CA SER C 478 -6.53 -3.05 -22.33
C SER C 478 -5.91 -2.82 -21.00
N LYS C 479 -4.80 -2.06 -20.91
CA LYS C 479 -4.17 -1.71 -19.63
C LYS C 479 -5.13 -0.79 -18.83
N LEU C 480 -5.61 0.32 -19.43
CA LEU C 480 -6.52 1.21 -18.74
C LEU C 480 -7.83 0.51 -18.40
N TYR C 481 -8.35 -0.35 -19.31
CA TYR C 481 -9.56 -1.12 -19.01
C TYR C 481 -9.42 -1.93 -17.69
N ASN C 482 -8.24 -2.55 -17.49
CA ASN C 482 -7.97 -3.33 -16.29
C ASN C 482 -7.75 -2.46 -15.07
N GLU C 483 -7.25 -1.22 -15.23
CA GLU C 483 -7.12 -0.27 -14.13
C GLU C 483 -8.53 0.12 -13.67
N VAL C 484 -9.45 0.39 -14.60
CA VAL C 484 -10.83 0.75 -14.23
C VAL C 484 -11.50 -0.41 -13.55
N ARG C 485 -11.34 -1.61 -14.09
CA ARG C 485 -11.94 -2.81 -13.53
C ARG C 485 -11.57 -3.06 -12.09
N ALA C 486 -10.32 -2.74 -11.70
CA ALA C 486 -9.82 -2.91 -10.33
C ALA C 486 -10.38 -1.89 -9.34
N CYS C 487 -11.14 -0.90 -9.80
CA CYS C 487 -11.71 0.10 -8.94
C CYS C 487 -13.05 -0.34 -8.36
N ARG C 488 -13.36 -1.66 -8.36
CA ARG C 488 -14.59 -2.14 -7.75
C ARG C 488 -14.53 -1.92 -6.26
N GLU C 489 -15.61 -1.46 -5.68
CA GLU C 489 -15.67 -1.16 -4.27
C GLU C 489 -16.89 -1.79 -3.64
N LYS C 490 -16.81 -2.05 -2.36
CA LYS C 490 -17.94 -2.57 -1.60
C LYS C 490 -18.94 -1.44 -1.32
N ASP C 491 -20.18 -1.81 -0.96
CA ASP C 491 -21.28 -0.89 -0.65
C ASP C 491 -21.69 0.01 -1.80
N ARG C 492 -21.48 -0.45 -3.01
CA ARG C 492 -21.91 0.25 -4.19
C ARG C 492 -22.08 -0.76 -5.33
N ASP C 493 -22.67 -0.29 -6.45
CA ASP C 493 -22.86 -1.02 -7.68
C ASP C 493 -21.52 -1.59 -8.12
N PRO C 494 -21.47 -2.89 -8.41
CA PRO C 494 -20.19 -3.51 -8.82
C PRO C 494 -19.60 -3.02 -10.13
N GLU C 495 -20.37 -2.21 -10.87
CA GLU C 495 -19.91 -1.63 -12.12
C GLU C 495 -19.88 -0.12 -12.12
N ALA C 496 -20.11 0.54 -10.96
CA ALA C 496 -20.10 2.00 -10.88
C ALA C 496 -18.83 2.60 -11.39
N GLN C 497 -17.69 1.93 -11.17
CA GLN C 497 -16.38 2.39 -11.64
C GLN C 497 -16.33 2.60 -13.16
N PHE C 498 -17.18 1.90 -13.94
CA PHE C 498 -17.17 2.12 -15.41
C PHE C 498 -18.05 3.27 -15.85
N GLU C 499 -18.83 3.87 -14.95
CA GLU C 499 -19.79 4.90 -15.30
C GLU C 499 -19.40 6.24 -14.64
N MET C 500 -18.10 6.53 -14.57
CA MET C 500 -17.65 7.78 -14.03
C MET C 500 -16.34 8.17 -14.74
N PRO C 501 -16.10 9.46 -14.99
CA PRO C 501 -14.85 9.87 -15.65
C PRO C 501 -13.66 9.91 -14.71
N TYR C 502 -12.45 9.75 -15.25
CA TYR C 502 -11.21 9.79 -14.46
C TYR C 502 -10.26 10.76 -15.10
N VAL C 503 -9.52 11.52 -14.31
CA VAL C 503 -8.45 12.36 -14.82
C VAL C 503 -7.25 11.45 -14.80
N VAL C 504 -6.65 11.23 -15.93
CA VAL C 504 -5.55 10.27 -16.06
C VAL C 504 -4.57 10.77 -17.08
N ARG C 505 -3.25 10.65 -16.80
CA ARG C 505 -2.24 10.97 -17.78
C ARG C 505 -2.17 9.72 -18.68
N LEU C 506 -2.91 9.71 -19.78
CA LEU C 506 -2.93 8.61 -20.75
C LEU C 506 -1.57 8.36 -21.36
N HIS C 507 -1.11 7.14 -21.27
CA HIS C 507 0.21 6.77 -21.74
C HIS C 507 0.15 5.49 -22.60
N ASN C 508 -0.12 4.34 -21.99
CA ASN C 508 -0.25 3.11 -22.77
C ASN C 508 -1.67 2.97 -23.39
N PHE C 509 -1.90 3.69 -24.48
CA PHE C 509 -3.15 3.63 -25.21
C PHE C 509 -2.92 3.77 -26.74
N HIS C 510 -3.99 3.62 -27.53
CA HIS C 510 -4.04 3.83 -28.95
C HIS C 510 -5.20 4.79 -29.23
N GLN C 511 -4.96 5.96 -29.81
CA GLN C 511 -6.03 6.88 -30.19
C GLN C 511 -6.55 6.33 -31.50
N LEU C 512 -7.87 6.06 -31.58
CA LEU C 512 -8.41 5.39 -32.76
C LEU C 512 -9.03 6.30 -33.79
N SER C 513 -9.11 7.58 -33.53
CA SER C 513 -9.70 8.55 -34.44
C SER C 513 -9.36 9.95 -33.90
N ALA C 514 -9.23 10.94 -34.79
CA ALA C 514 -8.91 12.30 -34.39
C ALA C 514 -9.97 12.87 -33.45
N PRO C 515 -9.58 13.68 -32.44
CA PRO C 515 -10.57 14.28 -31.54
C PRO C 515 -11.59 15.17 -32.26
N GLN C 516 -12.83 15.16 -31.77
CA GLN C 516 -13.90 15.93 -32.38
C GLN C 516 -14.54 16.76 -31.28
N PRO C 517 -14.99 17.99 -31.61
CA PRO C 517 -15.66 18.81 -30.58
C PRO C 517 -16.92 18.12 -30.07
N CYS C 518 -17.20 18.23 -28.79
CA CYS C 518 -18.35 17.64 -28.12
C CYS C 518 -19.32 18.76 -27.68
N PHE C 519 -19.07 19.47 -26.57
CA PHE C 519 -19.97 20.53 -26.10
C PHE C 519 -19.28 21.88 -26.11
N THR C 520 -19.99 22.95 -26.51
CA THR C 520 -19.41 24.31 -26.52
C THR C 520 -20.22 25.29 -25.66
N PHE C 521 -19.56 26.15 -24.87
CA PHE C 521 -20.28 27.18 -24.07
C PHE C 521 -19.71 28.55 -24.36
N SER C 522 -20.61 29.57 -24.47
CA SER C 522 -20.24 30.97 -24.67
C SER C 522 -20.69 31.85 -23.49
N HIS C 523 -19.88 32.84 -23.13
CA HIS C 523 -20.20 33.79 -22.06
C HIS C 523 -19.78 35.20 -22.52
N PRO C 524 -20.70 36.17 -22.43
CA PRO C 524 -22.08 36.06 -21.95
C PRO C 524 -22.97 35.32 -22.91
N ASN C 525 -24.00 34.73 -22.35
CA ASN C 525 -24.99 33.92 -23.04
C ASN C 525 -26.07 34.80 -23.65
N ARG C 526 -25.90 35.18 -24.92
CA ARG C 526 -26.86 36.02 -25.63
C ARG C 526 -28.18 35.27 -25.93
N ASP C 527 -28.11 33.93 -26.07
CA ASP C 527 -29.26 33.08 -26.36
C ASP C 527 -30.27 33.00 -25.20
N PRO C 528 -31.53 33.42 -25.42
CA PRO C 528 -32.52 33.36 -24.34
C PRO C 528 -33.02 31.92 -24.12
N MET C 529 -33.32 31.57 -22.86
CA MET C 529 -33.73 30.23 -22.41
C MET C 529 -32.52 29.29 -22.33
N ILE C 530 -31.75 29.22 -23.47
CA ILE C 530 -30.49 28.53 -23.83
C ILE C 530 -30.35 27.09 -23.26
N ASP C 531 -30.27 26.91 -21.93
CA ASP C 531 -30.16 25.61 -21.27
C ASP C 531 -28.73 25.05 -21.37
N ASN C 532 -28.11 24.71 -20.22
CA ASN C 532 -26.77 24.11 -20.25
C ASN C 532 -26.79 22.58 -20.46
N ASN C 533 -27.97 21.99 -20.64
CA ASN C 533 -28.12 20.59 -20.94
C ASN C 533 -27.78 20.39 -22.42
N ARG C 534 -27.08 19.30 -22.74
CA ARG C 534 -26.63 19.02 -24.10
C ARG C 534 -26.88 17.58 -24.51
N TYR C 535 -26.91 17.33 -25.83
CA TYR C 535 -26.99 16.03 -26.46
C TYR C 535 -26.17 16.12 -27.74
N CYS C 536 -25.20 15.22 -27.85
CA CYS C 536 -24.30 15.26 -28.99
C CYS C 536 -24.06 13.89 -29.56
N THR C 537 -24.01 13.76 -30.89
CA THR C 537 -23.67 12.51 -31.56
C THR C 537 -22.38 12.68 -32.32
N LEU C 538 -21.41 11.75 -32.18
CA LEU C 538 -20.15 11.86 -32.91
C LEU C 538 -19.86 10.58 -33.70
N GLU C 539 -19.38 10.70 -34.95
CA GLU C 539 -19.00 9.57 -35.81
C GLU C 539 -17.51 9.63 -36.07
N PHE C 540 -16.80 8.62 -35.61
CA PHE C 540 -15.37 8.50 -35.66
C PHE C 540 -14.94 7.45 -36.65
N PRO C 541 -14.32 7.88 -37.78
CA PRO C 541 -13.82 6.89 -38.75
C PRO C 541 -12.62 6.10 -38.16
N VAL C 542 -12.70 4.76 -38.19
CA VAL C 542 -11.60 3.93 -37.71
C VAL C 542 -10.96 3.17 -38.87
N GLU C 543 -9.62 3.20 -38.98
CA GLU C 543 -8.82 2.58 -40.05
C GLU C 543 -8.04 1.33 -39.62
N VAL C 544 -8.15 0.90 -38.38
CA VAL C 544 -7.42 -0.25 -37.87
C VAL C 544 -8.37 -1.28 -37.28
N ASN C 545 -7.85 -2.48 -37.06
CA ASN C 545 -8.61 -3.49 -36.34
C ASN C 545 -8.26 -3.20 -34.90
N THR C 546 -9.25 -3.11 -34.00
CA THR C 546 -8.97 -2.76 -32.61
C THR C 546 -10.09 -3.24 -31.64
N VAL C 547 -9.99 -2.84 -30.36
CA VAL C 547 -10.92 -3.04 -29.29
C VAL C 547 -11.07 -1.68 -28.63
N LEU C 548 -12.28 -1.14 -28.58
CA LEU C 548 -12.52 0.16 -27.96
C LEU C 548 -12.75 -0.04 -26.47
N HIS C 549 -12.11 0.79 -25.63
CA HIS C 549 -12.28 0.66 -24.18
C HIS C 549 -12.79 1.95 -23.52
N GLY C 550 -12.91 3.04 -24.26
CA GLY C 550 -13.36 4.31 -23.69
C GLY C 550 -13.05 5.47 -24.60
N PHE C 551 -13.19 6.70 -24.07
CA PHE C 551 -13.01 7.90 -24.83
C PHE C 551 -12.15 8.85 -24.03
N ALA C 552 -11.08 9.40 -24.65
CA ALA C 552 -10.29 10.41 -24.00
C ALA C 552 -11.00 11.74 -24.21
N GLY C 553 -11.01 12.57 -23.19
CA GLY C 553 -11.63 13.89 -23.27
C GLY C 553 -10.58 14.97 -23.10
N TYR C 554 -10.79 16.08 -23.81
CA TYR C 554 -9.87 17.23 -23.76
C TYR C 554 -10.73 18.52 -23.85
N PHE C 555 -10.07 19.68 -23.88
CA PHE C 555 -10.75 20.96 -24.05
C PHE C 555 -9.87 21.97 -24.79
N GLU C 556 -10.51 23.03 -25.25
CA GLU C 556 -9.94 24.26 -25.78
C GLU C 556 -10.78 25.40 -25.21
N THR C 557 -10.13 26.51 -24.88
CA THR C 557 -10.80 27.70 -24.37
C THR C 557 -10.24 28.94 -25.04
N VAL C 558 -11.16 29.83 -25.44
CA VAL C 558 -10.81 31.11 -26.00
C VAL C 558 -10.93 32.12 -24.82
N LEU C 559 -9.77 32.56 -24.30
CA LEU C 559 -9.74 33.54 -23.23
C LEU C 559 -10.25 34.88 -23.79
N TYR C 560 -9.62 35.35 -24.88
CA TYR C 560 -10.01 36.60 -25.54
C TYR C 560 -9.40 36.60 -26.91
N GLN C 561 -10.28 36.71 -27.94
CA GLN C 561 -9.93 36.79 -29.35
C GLN C 561 -9.08 35.60 -29.82
N ASP C 562 -7.77 35.80 -30.01
CA ASP C 562 -6.84 34.75 -30.43
C ASP C 562 -5.98 34.23 -29.29
N ILE C 563 -6.24 34.66 -28.05
CA ILE C 563 -5.50 34.19 -26.89
C ILE C 563 -6.27 33.00 -26.40
N THR C 564 -5.65 31.82 -26.49
CA THR C 564 -6.33 30.58 -26.20
C THR C 564 -5.51 29.64 -25.35
N LEU C 565 -6.19 28.69 -24.71
CA LEU C 565 -5.56 27.61 -23.97
C LEU C 565 -6.16 26.30 -24.51
N SER C 566 -5.33 25.27 -24.57
CA SER C 566 -5.76 23.99 -25.07
C SER C 566 -4.97 22.84 -24.50
N ILE C 567 -5.65 21.71 -24.28
CA ILE C 567 -5.05 20.42 -23.94
C ILE C 567 -5.40 19.37 -25.02
N ARG C 568 -6.12 19.72 -26.11
CA ARG C 568 -6.37 18.87 -27.27
C ARG C 568 -4.98 18.63 -27.88
N PRO C 569 -4.56 17.38 -28.08
CA PRO C 569 -3.15 17.12 -28.48
C PRO C 569 -2.61 17.95 -29.67
N GLU C 570 -3.36 18.01 -30.77
CA GLU C 570 -2.92 18.72 -31.96
C GLU C 570 -2.87 20.25 -31.83
N THR C 571 -3.56 20.83 -30.83
CA THR C 571 -3.53 22.28 -30.62
C THR C 571 -3.05 22.67 -29.20
N HIS C 572 -2.43 21.72 -28.50
CA HIS C 572 -1.99 21.84 -27.14
C HIS C 572 -1.12 23.03 -26.91
N SER C 573 -1.38 23.77 -25.82
CA SER C 573 -0.59 24.91 -25.38
C SER C 573 0.70 24.30 -24.91
N PRO C 574 1.85 24.56 -25.57
CA PRO C 574 3.10 23.93 -25.11
C PRO C 574 3.48 24.46 -23.74
N GLY C 575 3.87 23.56 -22.84
CA GLY C 575 4.29 23.96 -21.51
C GLY C 575 3.22 23.91 -20.44
N MET C 576 1.94 23.93 -20.82
CA MET C 576 0.87 23.87 -19.83
C MET C 576 0.57 22.43 -19.59
N PHE C 577 0.90 21.91 -18.40
CA PHE C 577 0.70 20.49 -18.11
C PHE C 577 -0.09 20.20 -16.82
N SER C 578 -0.67 21.24 -16.21
CA SER C 578 -1.48 21.14 -15.01
C SER C 578 -2.67 20.20 -15.26
N TRP C 579 -3.30 20.34 -16.44
CA TRP C 579 -4.44 19.50 -16.79
C TRP C 579 -4.07 18.25 -17.59
N PHE C 580 -4.44 17.09 -17.06
CA PHE C 580 -4.30 15.82 -17.76
C PHE C 580 -5.63 15.57 -18.44
N PRO C 581 -5.67 14.69 -19.46
CA PRO C 581 -6.96 14.37 -20.10
C PRO C 581 -7.94 13.61 -19.19
N ILE C 582 -9.23 13.62 -19.58
CA ILE C 582 -10.22 12.83 -18.90
C ILE C 582 -10.40 11.47 -19.61
N LEU C 583 -10.94 10.47 -18.93
CA LEU C 583 -11.22 9.17 -19.48
C LEU C 583 -12.64 8.80 -19.12
N PHE C 584 -13.43 8.54 -20.13
CA PHE C 584 -14.78 8.07 -19.96
C PHE C 584 -14.71 6.59 -20.39
N PRO C 585 -14.63 5.64 -19.45
CA PRO C 585 -14.60 4.23 -19.83
C PRO C 585 -15.95 3.70 -20.35
N ILE C 586 -15.97 2.43 -20.81
CA ILE C 586 -17.21 1.68 -21.12
C ILE C 586 -17.15 0.31 -20.42
N LYS C 587 -18.31 -0.21 -19.99
CA LYS C 587 -18.44 -1.49 -19.28
C LYS C 587 -17.85 -2.67 -19.97
N GLN C 588 -18.03 -2.76 -21.28
CA GLN C 588 -17.57 -3.87 -22.05
C GLN C 588 -16.77 -3.41 -23.24
N PRO C 589 -15.60 -4.01 -23.48
CA PRO C 589 -14.84 -3.66 -24.69
C PRO C 589 -15.64 -4.01 -25.96
N ILE C 590 -15.46 -3.23 -26.99
CA ILE C 590 -16.16 -3.41 -28.24
C ILE C 590 -15.19 -3.65 -29.42
N THR C 591 -15.40 -4.75 -30.16
CA THR C 591 -14.54 -5.04 -31.29
C THR C 591 -14.78 -4.09 -32.42
N VAL C 592 -13.72 -3.50 -32.94
CA VAL C 592 -13.82 -2.61 -34.09
C VAL C 592 -12.98 -3.14 -35.26
N ARG C 593 -13.60 -3.32 -36.42
CA ARG C 593 -12.91 -3.77 -37.62
C ARG C 593 -12.47 -2.55 -38.46
N GLU C 594 -11.39 -2.71 -39.27
CA GLU C 594 -10.90 -1.59 -40.07
C GLU C 594 -11.96 -1.12 -41.05
N GLY C 595 -12.10 0.19 -41.16
CA GLY C 595 -13.11 0.76 -42.05
C GLY C 595 -14.44 1.02 -41.38
N GLN C 596 -14.63 0.48 -40.15
CA GLN C 596 -15.85 0.69 -39.41
C GLN C 596 -15.86 2.09 -38.74
N THR C 597 -17.05 2.58 -38.44
CA THR C 597 -17.22 3.87 -37.79
C THR C 597 -17.63 3.59 -36.35
N ILE C 598 -17.03 4.30 -35.39
CA ILE C 598 -17.47 4.24 -34.00
C ILE C 598 -18.38 5.45 -33.82
N CYS C 599 -19.63 5.23 -33.38
CA CYS C 599 -20.53 6.33 -33.13
C CYS C 599 -20.81 6.41 -31.61
N VAL C 600 -20.47 7.54 -30.98
CA VAL C 600 -20.72 7.79 -29.56
C VAL C 600 -21.77 8.91 -29.39
N ARG C 601 -22.52 8.81 -28.32
CA ARG C 601 -23.53 9.78 -27.95
C ARG C 601 -23.14 10.27 -26.59
N PHE C 602 -23.28 11.57 -26.34
CA PHE C 602 -22.97 12.15 -25.06
C PHE C 602 -24.05 13.10 -24.65
N TRP C 603 -24.42 13.05 -23.37
CA TRP C 603 -25.43 13.97 -22.83
C TRP C 603 -24.82 14.72 -21.69
N ARG C 604 -25.16 16.01 -21.54
CA ARG C 604 -24.78 16.78 -20.36
C ARG C 604 -26.12 17.02 -19.67
N CYS C 605 -26.32 16.40 -18.52
CA CYS C 605 -27.60 16.41 -17.84
C CYS C 605 -27.54 17.19 -16.52
N SER C 606 -28.74 17.54 -15.98
CA SER C 606 -28.82 18.25 -14.72
C SER C 606 -30.22 18.40 -14.14
N ASN C 607 -30.25 18.69 -12.84
CA ASN C 607 -31.37 19.11 -12.03
C ASN C 607 -30.90 20.34 -11.20
N SER C 608 -31.64 20.78 -10.17
CA SER C 608 -31.20 21.97 -9.40
C SER C 608 -30.04 21.70 -8.43
N LYS C 609 -29.74 20.42 -8.17
CA LYS C 609 -28.72 20.06 -7.22
C LYS C 609 -27.46 19.51 -7.84
N LYS C 610 -27.61 18.80 -8.98
CA LYS C 610 -26.55 18.07 -9.66
C LYS C 610 -26.47 18.31 -11.16
N VAL C 611 -25.27 18.05 -11.71
CA VAL C 611 -24.93 17.99 -13.13
C VAL C 611 -24.14 16.68 -13.34
N TRP C 612 -24.30 16.01 -14.48
CA TRP C 612 -23.55 14.79 -14.80
C TRP C 612 -23.56 14.55 -16.29
N TYR C 613 -22.76 13.59 -16.76
CA TYR C 613 -22.72 13.16 -18.14
C TYR C 613 -23.31 11.76 -18.20
N GLU C 614 -23.79 11.41 -19.32
CA GLU C 614 -24.25 10.07 -19.66
C GLU C 614 -23.71 9.85 -21.06
N TRP C 615 -23.40 8.60 -21.40
CA TRP C 615 -22.86 8.31 -22.70
C TRP C 615 -23.16 6.90 -23.14
N ALA C 616 -23.22 6.66 -24.42
CA ALA C 616 -23.41 5.33 -24.99
C ALA C 616 -22.71 5.28 -26.32
N VAL C 617 -22.31 4.07 -26.74
CA VAL C 617 -21.78 3.79 -28.07
C VAL C 617 -22.97 3.19 -28.82
N THR C 618 -23.20 3.63 -30.05
CA THR C 618 -24.32 3.12 -30.84
C THR C 618 -23.86 2.35 -32.09
N ALA C 619 -22.58 2.45 -32.44
CA ALA C 619 -22.00 1.75 -33.59
C ALA C 619 -20.51 1.56 -33.31
N PRO C 620 -19.87 0.46 -33.77
CA PRO C 620 -20.43 -0.61 -34.61
C PRO C 620 -21.39 -1.55 -33.88
N VAL C 621 -21.45 -1.47 -32.55
CA VAL C 621 -22.38 -2.19 -31.68
C VAL C 621 -22.88 -1.19 -30.59
N CYS C 622 -24.08 -1.43 -30.03
CA CYS C 622 -24.58 -0.60 -28.95
C CYS C 622 -24.01 -1.06 -27.63
N SER C 623 -23.97 -0.15 -26.69
CA SER C 623 -23.68 -0.45 -25.31
C SER C 623 -24.91 0.03 -24.56
N ALA C 624 -24.93 -0.22 -23.28
CA ALA C 624 -25.89 0.36 -22.38
C ALA C 624 -25.55 1.85 -22.29
N ILE C 625 -26.57 2.68 -21.95
CA ILE C 625 -26.35 4.07 -21.62
C ILE C 625 -25.60 4.06 -20.26
N HIS C 626 -24.44 4.73 -20.17
CA HIS C 626 -23.61 4.80 -18.98
C HIS C 626 -23.95 5.97 -18.07
N ASN C 627 -23.93 5.74 -16.76
CA ASN C 627 -24.27 6.77 -15.78
C ASN C 627 -25.70 7.38 -15.95
N PRO C 628 -26.72 6.54 -16.20
CA PRO C 628 -28.07 7.10 -16.30
C PRO C 628 -28.51 7.79 -15.02
N THR C 629 -28.91 9.06 -15.11
CA THR C 629 -29.46 9.86 -13.99
C THR C 629 -28.40 10.11 -12.88
N GLY C 630 -27.12 10.03 -13.22
CA GLY C 630 -26.06 10.24 -12.25
C GLY C 630 -26.08 9.20 -11.15
N ARG C 631 -26.44 7.97 -11.47
CA ARG C 631 -26.47 6.89 -10.50
C ARG C 631 -25.10 6.52 -9.97
N SER C 632 -24.04 6.63 -10.78
CA SER C 632 -22.68 6.34 -10.28
C SER C 632 -21.82 7.59 -10.14
N TYR C 633 -22.19 8.69 -10.81
CA TYR C 633 -21.37 9.89 -10.80
C TYR C 633 -22.14 11.18 -11.06
N THR C 634 -22.00 12.15 -10.16
CA THR C 634 -22.58 13.47 -10.34
C THR C 634 -21.54 14.52 -9.94
N ILE C 635 -21.69 15.72 -10.48
CA ILE C 635 -20.90 16.91 -10.15
C ILE C 635 -21.84 17.81 -9.32
N GLY C 636 -21.42 18.15 -8.12
CA GLY C 636 -22.25 18.90 -7.20
C GLY C 636 -22.45 20.37 -7.51
N LEU C 637 -23.74 20.82 -7.50
CA LEU C 637 -24.07 22.23 -7.72
C LEU C 637 -24.09 23.04 -6.40
N MET D 51 28.79 -41.78 -13.18
CA MET D 51 28.36 -41.09 -14.39
C MET D 51 26.96 -40.40 -14.18
N GLU D 52 26.21 -40.11 -15.30
CA GLU D 52 24.91 -39.45 -15.31
C GLU D 52 23.83 -40.46 -15.64
N ARG D 53 22.84 -40.63 -14.74
CA ARG D 53 21.74 -41.61 -14.77
C ARG D 53 20.95 -41.72 -16.11
N GLN D 54 20.75 -40.63 -16.86
CA GLN D 54 19.94 -40.69 -18.09
C GLN D 54 20.73 -41.03 -19.36
N LEU D 55 20.66 -42.28 -19.80
CA LEU D 55 21.37 -42.72 -21.00
C LEU D 55 20.59 -42.31 -22.23
N GLU D 56 21.20 -41.42 -23.00
CA GLU D 56 20.63 -40.84 -24.20
C GLU D 56 20.85 -41.66 -25.47
N ALA D 57 22.08 -42.17 -25.67
CA ALA D 57 22.37 -42.89 -26.92
C ALA D 57 23.32 -44.06 -26.77
N ALA D 58 23.16 -45.05 -27.65
CA ALA D 58 23.98 -46.26 -27.73
C ALA D 58 24.28 -46.49 -29.21
N ARG D 59 25.57 -46.52 -29.60
CA ARG D 59 25.95 -46.70 -31.01
C ARG D 59 27.14 -47.62 -31.17
N TYR D 60 26.90 -48.83 -31.68
CA TYR D 60 28.00 -49.77 -31.92
C TYR D 60 28.79 -49.34 -33.14
N ARG D 61 30.13 -49.21 -33.01
CA ARG D 61 30.93 -48.95 -34.21
C ARG D 61 31.21 -50.30 -34.94
N SER D 62 31.92 -50.29 -36.07
CA SER D 62 32.18 -51.51 -36.85
C SER D 62 32.82 -52.68 -36.06
N ASP D 63 33.91 -52.44 -35.29
CA ASP D 63 34.55 -53.51 -34.49
C ASP D 63 33.72 -54.04 -33.31
N GLY D 64 32.48 -53.58 -33.18
CA GLY D 64 31.59 -54.03 -32.13
C GLY D 64 31.71 -53.30 -30.80
N ALA D 65 32.53 -52.24 -30.72
CA ALA D 65 32.64 -51.46 -29.48
C ALA D 65 31.37 -50.61 -29.31
N LEU D 66 30.95 -50.35 -28.06
CA LEU D 66 29.72 -49.60 -27.82
C LEU D 66 29.93 -48.16 -27.34
N LEU D 67 29.42 -47.20 -28.12
CA LEU D 67 29.48 -45.78 -27.77
C LEU D 67 28.24 -45.42 -26.95
N LEU D 68 28.42 -44.64 -25.88
CA LEU D 68 27.31 -44.24 -25.03
C LEU D 68 27.32 -42.75 -24.78
N GLY D 69 26.14 -42.16 -24.92
CA GLY D 69 25.91 -40.75 -24.65
C GLY D 69 24.94 -40.66 -23.48
N ALA D 70 25.19 -39.76 -22.53
CA ALA D 70 24.33 -39.66 -21.35
C ALA D 70 24.23 -38.24 -20.82
N SER D 71 23.12 -37.94 -20.12
CA SER D 71 22.92 -36.63 -19.48
C SER D 71 22.32 -36.82 -18.09
N SER D 72 22.52 -35.82 -17.20
CA SER D 72 21.86 -35.83 -15.91
C SER D 72 20.72 -34.85 -16.12
N LEU D 73 19.52 -35.39 -16.21
CA LEU D 73 18.32 -34.59 -16.46
C LEU D 73 17.62 -34.13 -15.17
N SER D 74 18.31 -34.23 -14.03
CA SER D 74 17.82 -33.84 -12.72
C SER D 74 19.01 -33.67 -11.73
N GLY D 75 18.71 -33.26 -10.50
CA GLY D 75 19.75 -33.06 -9.49
C GLY D 75 20.42 -31.71 -9.62
N ARG D 76 21.43 -31.48 -8.80
CA ARG D 76 22.16 -30.23 -8.76
C ARG D 76 22.74 -29.84 -10.11
N CYS D 77 23.36 -30.80 -10.77
CA CYS D 77 24.08 -30.56 -12.00
C CYS D 77 23.39 -31.14 -13.24
N TRP D 78 23.22 -30.29 -14.25
CA TRP D 78 22.62 -30.71 -15.50
C TRP D 78 23.73 -30.69 -16.55
N ALA D 79 24.46 -31.80 -16.67
CA ALA D 79 25.60 -31.95 -17.57
C ALA D 79 25.52 -33.32 -18.34
N GLY D 80 26.48 -33.65 -19.20
CA GLY D 80 26.47 -34.90 -19.93
C GLY D 80 27.84 -35.56 -20.01
N SER D 81 27.90 -36.75 -20.61
CA SER D 81 29.15 -37.49 -20.73
C SER D 81 29.15 -38.43 -21.92
N LEU D 82 30.34 -38.66 -22.51
CA LEU D 82 30.57 -39.61 -23.61
C LEU D 82 31.32 -40.85 -23.07
N TRP D 83 30.97 -42.06 -23.55
CA TRP D 83 31.55 -43.30 -23.04
C TRP D 83 31.86 -44.41 -24.08
N LEU D 84 33.14 -44.74 -24.28
CA LEU D 84 33.51 -45.84 -25.17
C LEU D 84 33.71 -47.12 -24.36
N PHE D 85 33.01 -48.18 -24.74
CA PHE D 85 33.11 -49.45 -24.06
C PHE D 85 33.51 -50.54 -25.03
N LYS D 86 34.83 -50.92 -25.09
CA LYS D 86 35.28 -52.02 -25.95
C LYS D 86 34.72 -53.39 -25.50
N ASP D 87 34.17 -53.46 -24.27
CA ASP D 87 33.49 -54.62 -23.68
C ASP D 87 32.03 -54.19 -23.53
N PRO D 88 31.19 -54.46 -24.54
CA PRO D 88 29.77 -54.05 -24.47
C PRO D 88 29.02 -54.58 -23.24
N CYS D 89 29.48 -55.71 -22.67
CA CYS D 89 28.86 -56.27 -21.49
C CYS D 89 29.28 -55.59 -20.16
N ALA D 90 30.33 -54.74 -20.21
CA ALA D 90 30.80 -53.97 -19.07
C ALA D 90 30.03 -52.62 -18.92
N ALA D 91 29.22 -52.23 -19.91
CA ALA D 91 28.42 -51.00 -19.86
C ALA D 91 27.16 -51.26 -19.04
N PRO D 92 26.69 -50.27 -18.23
CA PRO D 92 27.20 -48.91 -18.08
C PRO D 92 28.10 -48.64 -16.87
N ASN D 93 28.95 -49.61 -16.48
CA ASN D 93 29.86 -49.42 -15.34
C ASN D 93 31.04 -48.50 -15.67
N GLU D 94 31.00 -47.31 -15.10
CA GLU D 94 31.96 -46.22 -15.19
C GLU D 94 33.43 -46.62 -15.12
N GLY D 95 33.75 -47.57 -14.24
CA GLY D 95 35.12 -48.03 -14.04
C GLY D 95 35.62 -49.10 -14.98
N PHE D 96 34.69 -49.78 -15.66
CA PHE D 96 34.96 -50.84 -16.63
C PHE D 96 35.02 -50.31 -18.08
N CYS D 97 35.23 -49.00 -18.28
CA CYS D 97 35.22 -48.41 -19.62
C CYS D 97 36.61 -48.23 -20.23
N SER D 98 36.66 -48.16 -21.58
CA SER D 98 37.86 -47.94 -22.37
C SER D 98 38.18 -46.46 -22.48
N ALA D 99 37.14 -45.59 -22.48
CA ALA D 99 37.24 -44.14 -22.57
C ALA D 99 35.98 -43.46 -22.00
N GLY D 100 36.14 -42.23 -21.52
CA GLY D 100 35.05 -41.48 -20.92
C GLY D 100 35.39 -40.02 -20.72
N VAL D 101 34.54 -39.11 -21.24
CA VAL D 101 34.75 -37.68 -21.07
C VAL D 101 33.50 -37.01 -20.48
N GLN D 102 33.66 -35.81 -19.91
CA GLN D 102 32.56 -35.07 -19.35
C GLN D 102 32.32 -33.84 -20.21
N THR D 103 31.06 -33.64 -20.62
CA THR D 103 30.66 -32.48 -21.39
C THR D 103 30.05 -31.44 -20.44
N GLU D 104 30.18 -30.15 -20.76
CA GLU D 104 29.66 -29.08 -19.91
C GLU D 104 28.12 -29.06 -19.84
N ALA D 105 27.45 -29.54 -20.89
CA ALA D 105 25.99 -29.58 -20.99
C ALA D 105 25.50 -30.98 -21.43
N GLY D 106 24.22 -31.26 -21.28
CA GLY D 106 23.65 -32.54 -21.63
C GLY D 106 23.87 -32.95 -23.07
N VAL D 107 23.63 -34.22 -23.33
CA VAL D 107 23.80 -34.80 -24.64
C VAL D 107 22.42 -35.10 -25.12
N ALA D 108 21.92 -34.32 -26.11
CA ALA D 108 20.57 -34.55 -26.63
C ALA D 108 20.56 -35.60 -27.75
N ASP D 109 21.67 -35.70 -28.49
CA ASP D 109 21.84 -36.68 -29.56
C ASP D 109 23.31 -36.77 -29.96
N LEU D 110 23.71 -37.94 -30.50
CA LEU D 110 25.07 -38.12 -30.98
C LEU D 110 25.14 -39.03 -32.20
N THR D 111 26.28 -39.00 -32.87
CA THR D 111 26.53 -39.86 -34.01
C THR D 111 28.02 -40.19 -34.16
N TRP D 112 28.31 -41.35 -34.75
CA TRP D 112 29.68 -41.73 -35.05
C TRP D 112 30.02 -41.02 -36.36
N VAL D 113 31.14 -40.30 -36.40
CA VAL D 113 31.66 -39.59 -37.57
C VAL D 113 32.86 -40.41 -38.07
N GLY D 114 32.58 -41.63 -38.50
CA GLY D 114 33.61 -42.54 -38.95
C GLY D 114 33.88 -43.58 -37.87
N GLU D 115 35.15 -43.71 -37.45
CA GLU D 115 35.48 -44.68 -36.40
C GLU D 115 36.08 -44.03 -35.12
N ARG D 116 36.50 -42.77 -35.22
CA ARG D 116 37.04 -42.06 -34.05
C ARG D 116 36.21 -40.83 -33.68
N GLY D 117 35.47 -40.26 -34.64
CA GLY D 117 34.69 -39.05 -34.42
C GLY D 117 33.35 -39.26 -33.74
N ILE D 118 32.95 -38.33 -32.85
CA ILE D 118 31.65 -38.40 -32.17
C ILE D 118 30.99 -37.01 -32.22
N LEU D 119 29.99 -36.84 -33.08
CA LEU D 119 29.30 -35.56 -33.21
C LEU D 119 28.19 -35.52 -32.18
N VAL D 120 28.16 -34.45 -31.38
CA VAL D 120 27.17 -34.29 -30.32
C VAL D 120 26.24 -33.11 -30.61
N ALA D 121 24.96 -33.27 -30.27
CA ALA D 121 23.88 -32.29 -30.30
C ALA D 121 23.67 -31.92 -28.83
N SER D 122 24.09 -30.72 -28.42
CA SER D 122 24.02 -30.32 -27.01
C SER D 122 22.86 -29.35 -26.66
N ASP D 123 22.44 -29.41 -25.38
CA ASP D 123 21.44 -28.50 -24.81
C ASP D 123 21.87 -27.06 -24.90
N SER D 124 23.19 -26.80 -24.91
CA SER D 124 23.77 -25.46 -25.00
C SER D 124 23.49 -24.73 -26.32
N GLY D 125 23.05 -25.47 -27.33
CA GLY D 125 22.84 -24.93 -28.68
C GLY D 125 24.04 -25.18 -29.60
N ALA D 126 25.06 -25.87 -29.10
CA ALA D 126 26.27 -26.18 -29.82
C ALA D 126 26.21 -27.52 -30.52
N VAL D 127 26.97 -27.62 -31.61
CA VAL D 127 27.24 -28.87 -32.27
C VAL D 127 28.73 -29.08 -31.98
N GLU D 128 29.05 -30.19 -31.33
CA GLU D 128 30.43 -30.47 -30.91
C GLU D 128 30.99 -31.70 -31.59
N LEU D 129 32.25 -31.60 -32.04
CA LEU D 129 32.91 -32.77 -32.62
C LEU D 129 33.98 -33.33 -31.69
N TRP D 130 33.73 -34.51 -31.16
CA TRP D 130 34.67 -35.18 -30.27
C TRP D 130 35.49 -36.18 -31.06
N GLU D 131 36.64 -36.61 -30.51
CA GLU D 131 37.48 -37.57 -31.23
C GLU D 131 38.31 -38.44 -30.31
N LEU D 132 38.27 -39.76 -30.54
CA LEU D 132 39.06 -40.73 -29.80
C LEU D 132 40.52 -40.59 -30.22
N ASP D 133 41.47 -40.64 -29.28
CA ASP D 133 42.89 -40.55 -29.62
C ASP D 133 43.37 -41.87 -30.28
N GLU D 134 44.64 -41.91 -30.78
CA GLU D 134 45.20 -43.11 -31.43
C GLU D 134 45.15 -44.35 -30.50
N ASN D 135 45.37 -44.10 -29.20
CA ASN D 135 45.34 -45.11 -28.14
C ASN D 135 43.92 -45.64 -27.89
N GLU D 136 42.89 -44.78 -28.13
CA GLU D 136 41.45 -45.00 -27.93
C GLU D 136 41.12 -45.15 -26.46
N THR D 137 41.78 -44.31 -25.62
CA THR D 137 41.61 -44.26 -24.17
C THR D 137 41.12 -42.88 -23.68
N LEU D 138 41.23 -41.85 -24.52
CA LEU D 138 40.77 -40.49 -24.25
C LEU D 138 39.78 -40.00 -25.35
N ILE D 139 38.91 -39.02 -25.01
CA ILE D 139 37.97 -38.42 -25.98
C ILE D 139 38.23 -36.91 -25.95
N VAL D 140 38.81 -36.37 -27.02
CA VAL D 140 39.24 -34.97 -27.09
C VAL D 140 38.27 -34.05 -27.89
N SER D 141 38.19 -32.76 -27.50
CA SER D 141 37.31 -31.82 -28.17
C SER D 141 37.95 -31.21 -29.43
N LYS D 142 37.41 -31.54 -30.61
CA LYS D 142 37.85 -31.00 -31.90
C LYS D 142 37.25 -29.63 -32.12
N PHE D 143 35.91 -29.49 -31.94
CA PHE D 143 35.21 -28.20 -32.04
C PHE D 143 33.93 -28.17 -31.22
N CYS D 144 33.51 -26.97 -30.81
CA CYS D 144 32.27 -26.71 -30.09
C CYS D 144 31.78 -25.42 -30.69
N LYS D 145 30.82 -25.51 -31.61
CA LYS D 145 30.34 -24.31 -32.30
C LYS D 145 28.93 -23.96 -31.91
N TYR D 146 28.71 -22.71 -31.45
CA TYR D 146 27.38 -22.25 -31.06
C TYR D 146 26.75 -21.49 -32.19
N GLU D 147 25.98 -22.19 -33.02
CA GLU D 147 25.30 -21.56 -34.12
C GLU D 147 23.77 -21.61 -33.95
N HIS D 148 23.25 -22.64 -33.28
CA HIS D 148 21.82 -22.78 -33.01
C HIS D 148 21.45 -21.94 -31.79
N ASP D 149 20.25 -21.35 -31.77
CA ASP D 149 19.83 -20.51 -30.65
C ASP D 149 19.07 -21.25 -29.53
N ASP D 150 18.96 -22.59 -29.59
CA ASP D 150 18.26 -23.37 -28.54
C ASP D 150 18.82 -24.83 -28.55
N ILE D 151 18.38 -25.72 -27.63
CA ILE D 151 18.80 -27.13 -27.61
C ILE D 151 18.93 -27.77 -29.02
N VAL D 152 20.08 -28.42 -29.30
CA VAL D 152 20.23 -29.13 -30.56
C VAL D 152 19.66 -30.49 -30.22
N SER D 153 18.51 -30.82 -30.79
CA SER D 153 17.81 -32.07 -30.45
C SER D 153 18.22 -33.26 -31.29
N THR D 154 18.73 -33.03 -32.50
CA THR D 154 19.05 -34.13 -33.42
C THR D 154 20.24 -33.79 -34.34
N VAL D 155 20.97 -34.83 -34.74
CA VAL D 155 22.15 -34.69 -35.59
C VAL D 155 22.31 -35.96 -36.47
N SER D 156 22.74 -35.80 -37.73
CA SER D 156 22.85 -36.95 -38.65
C SER D 156 24.00 -36.79 -39.66
N VAL D 157 24.86 -37.82 -39.78
CA VAL D 157 26.01 -37.73 -40.69
C VAL D 157 25.58 -38.01 -42.15
N LEU D 158 25.88 -37.07 -43.05
CA LEU D 158 25.56 -37.24 -44.48
C LEU D 158 26.44 -38.32 -45.14
N SER D 159 25.96 -38.89 -46.26
CA SER D 159 26.62 -39.94 -47.04
C SER D 159 28.11 -39.75 -47.27
N SER D 160 28.52 -38.52 -47.61
CA SER D 160 29.90 -38.13 -47.82
C SER D 160 30.83 -38.38 -46.62
N GLY D 161 30.26 -38.51 -45.42
CA GLY D 161 31.02 -38.69 -44.20
C GLY D 161 31.80 -37.46 -43.79
N THR D 162 31.79 -36.40 -44.63
CA THR D 162 32.51 -35.12 -44.41
C THR D 162 31.59 -33.96 -43.98
N GLN D 163 30.28 -34.18 -43.98
CA GLN D 163 29.27 -33.18 -43.64
C GLN D 163 28.15 -33.82 -42.86
N ALA D 164 27.44 -33.01 -42.10
CA ALA D 164 26.35 -33.48 -41.26
C ALA D 164 25.16 -32.49 -41.28
N VAL D 165 23.99 -32.96 -40.87
CA VAL D 165 22.83 -32.10 -40.75
C VAL D 165 22.41 -32.05 -39.26
N SER D 166 22.20 -30.84 -38.71
CA SER D 166 21.74 -30.70 -37.32
C SER D 166 20.35 -30.00 -37.34
N GLY D 167 19.50 -30.34 -36.37
CA GLY D 167 18.15 -29.80 -36.26
C GLY D 167 17.90 -29.37 -34.83
N SER D 168 17.10 -28.30 -34.63
CA SER D 168 16.96 -27.78 -33.28
C SER D 168 15.58 -27.22 -32.90
N LYS D 169 15.35 -27.08 -31.57
CA LYS D 169 14.16 -26.44 -30.99
C LYS D 169 14.01 -24.99 -31.50
N ASP D 170 15.13 -24.37 -31.96
CA ASP D 170 15.15 -23.04 -32.56
C ASP D 170 14.49 -23.00 -33.97
N ILE D 171 13.97 -24.16 -34.45
CA ILE D 171 13.20 -24.38 -35.70
C ILE D 171 14.10 -24.47 -36.98
N CYS D 172 15.41 -24.20 -36.83
CA CYS D 172 16.34 -24.25 -37.93
C CYS D 172 17.02 -25.60 -38.10
N ILE D 173 17.45 -25.87 -39.34
CA ILE D 173 18.18 -27.06 -39.77
C ILE D 173 19.46 -26.55 -40.46
N LYS D 174 20.64 -27.08 -40.06
CA LYS D 174 21.91 -26.57 -40.59
C LYS D 174 22.75 -27.66 -41.26
N VAL D 175 23.41 -27.30 -42.34
CA VAL D 175 24.28 -28.23 -43.04
C VAL D 175 25.69 -27.82 -42.62
N TRP D 176 26.39 -28.71 -41.93
CA TRP D 176 27.72 -28.44 -41.41
C TRP D 176 28.84 -29.03 -42.24
N ASP D 177 29.91 -28.24 -42.42
CA ASP D 177 31.13 -28.76 -43.05
C ASP D 177 32.05 -29.16 -41.91
N LEU D 178 32.06 -30.45 -41.55
CA LEU D 178 32.84 -30.99 -40.44
C LEU D 178 34.31 -30.64 -40.58
N ALA D 179 34.87 -30.85 -41.79
CA ALA D 179 36.28 -30.55 -42.03
C ALA D 179 36.66 -29.11 -41.74
N GLN D 180 35.97 -28.11 -42.32
CA GLN D 180 36.32 -26.72 -42.06
C GLN D 180 35.64 -26.10 -40.81
N GLN D 181 34.89 -26.93 -40.02
CA GLN D 181 34.19 -26.56 -38.78
C GLN D 181 33.17 -25.40 -38.88
N VAL D 182 32.65 -25.10 -40.09
CA VAL D 182 31.68 -24.01 -40.30
C VAL D 182 30.29 -24.51 -40.76
N VAL D 183 29.29 -23.61 -40.85
CA VAL D 183 27.95 -23.95 -41.33
C VAL D 183 27.87 -23.54 -42.79
N LEU D 184 27.57 -24.50 -43.67
CA LEU D 184 27.44 -24.24 -45.10
C LEU D 184 26.09 -23.59 -45.41
N SER D 185 25.00 -24.14 -44.86
CA SER D 185 23.65 -23.63 -45.10
C SER D 185 22.73 -23.67 -43.86
N SER D 186 22.00 -22.58 -43.59
CA SER D 186 21.01 -22.56 -42.49
C SER D 186 19.60 -22.46 -43.08
N TYR D 187 18.71 -23.38 -42.68
CA TYR D 187 17.33 -23.53 -43.16
C TYR D 187 16.22 -23.37 -42.11
N ARG D 188 15.31 -22.39 -42.32
CA ARG D 188 14.15 -22.24 -41.46
C ARG D 188 12.95 -22.67 -42.30
N ALA D 189 12.79 -23.96 -42.50
CA ALA D 189 11.70 -24.48 -43.32
C ALA D 189 10.48 -24.85 -42.49
N HIS D 190 10.70 -25.27 -41.24
CA HIS D 190 9.62 -25.63 -40.34
C HIS D 190 9.03 -24.41 -39.63
N ALA D 191 7.93 -24.62 -38.93
CA ALA D 191 7.29 -23.54 -38.16
C ALA D 191 7.21 -23.85 -36.64
N ALA D 192 7.83 -24.96 -36.21
CA ALA D 192 7.91 -25.42 -34.82
C ALA D 192 9.22 -26.26 -34.65
N GLN D 193 9.56 -26.66 -33.40
CA GLN D 193 10.73 -27.47 -33.04
C GLN D 193 11.08 -28.58 -34.03
N VAL D 194 12.38 -28.69 -34.40
CA VAL D 194 12.80 -29.78 -35.27
C VAL D 194 12.96 -31.03 -34.39
N THR D 195 12.31 -32.12 -34.76
CA THR D 195 12.31 -33.33 -33.92
C THR D 195 13.34 -34.35 -34.35
N CYS D 196 13.54 -34.50 -35.65
CA CYS D 196 14.43 -35.50 -36.18
C CYS D 196 14.95 -35.09 -37.55
N VAL D 197 16.27 -35.23 -37.77
CA VAL D 197 16.95 -35.09 -39.05
C VAL D 197 17.61 -36.46 -39.33
N ALA D 198 17.43 -36.99 -40.52
CA ALA D 198 17.99 -38.29 -40.88
C ALA D 198 18.52 -38.22 -42.32
N ALA D 199 19.85 -38.28 -42.48
CA ALA D 199 20.48 -38.18 -43.78
C ALA D 199 20.26 -39.44 -44.62
N SER D 200 20.18 -39.29 -45.94
CA SER D 200 20.04 -40.44 -46.83
C SER D 200 21.32 -41.29 -46.76
N PRO D 201 21.17 -42.60 -46.58
CA PRO D 201 22.37 -43.46 -46.52
C PRO D 201 23.19 -43.41 -47.81
N HIS D 202 22.49 -43.19 -48.94
CA HIS D 202 23.01 -43.24 -50.30
C HIS D 202 23.17 -41.93 -51.02
N LYS D 203 22.51 -40.83 -50.55
CA LYS D 203 22.59 -39.57 -51.29
C LYS D 203 23.09 -38.42 -50.45
N ASP D 204 24.24 -37.91 -50.86
CA ASP D 204 24.98 -36.83 -50.20
C ASP D 204 24.19 -35.54 -49.98
N SER D 205 23.31 -35.18 -50.93
CA SER D 205 22.50 -33.97 -50.81
C SER D 205 21.06 -34.24 -50.33
N VAL D 206 20.72 -35.49 -49.94
CA VAL D 206 19.37 -35.85 -49.54
C VAL D 206 19.27 -36.20 -48.04
N PHE D 207 18.21 -35.71 -47.36
CA PHE D 207 17.93 -35.99 -45.95
C PHE D 207 16.45 -35.72 -45.61
N LEU D 208 15.94 -36.32 -44.56
CA LEU D 208 14.58 -36.12 -44.11
C LEU D 208 14.56 -35.33 -42.82
N SER D 209 13.53 -34.53 -42.63
CA SER D 209 13.29 -33.84 -41.38
C SER D 209 11.82 -33.92 -41.05
N CYS D 210 11.52 -33.88 -39.76
CA CYS D 210 10.16 -33.86 -39.25
C CYS D 210 10.08 -32.96 -38.02
N SER D 211 8.88 -32.47 -37.71
CA SER D 211 8.72 -31.39 -36.76
C SER D 211 7.38 -31.38 -36.07
N GLU D 212 7.30 -30.59 -35.01
CA GLU D 212 6.06 -30.38 -34.30
C GLU D 212 5.07 -29.46 -35.11
N ASP D 213 5.42 -29.04 -36.33
CA ASP D 213 4.51 -28.32 -37.21
C ASP D 213 3.70 -29.29 -38.13
N ASN D 214 3.70 -30.59 -37.79
CA ASN D 214 3.03 -31.69 -38.46
C ASN D 214 3.64 -32.08 -39.82
N ARG D 215 4.79 -31.50 -40.19
CA ARG D 215 5.39 -31.79 -41.48
C ARG D 215 6.56 -32.80 -41.46
N ILE D 216 6.67 -33.55 -42.58
CA ILE D 216 7.82 -34.37 -42.88
C ILE D 216 8.37 -33.76 -44.18
N LEU D 217 9.62 -33.33 -44.15
CA LEU D 217 10.27 -32.73 -45.29
C LEU D 217 11.36 -33.63 -45.91
N LEU D 218 11.28 -33.86 -47.23
CA LEU D 218 12.27 -34.60 -47.99
C LEU D 218 13.14 -33.55 -48.62
N TRP D 219 14.42 -33.57 -48.30
CA TRP D 219 15.35 -32.54 -48.75
C TRP D 219 16.30 -33.04 -49.81
N ASP D 220 16.62 -32.20 -50.76
CA ASP D 220 17.62 -32.45 -51.78
C ASP D 220 18.21 -31.06 -51.99
N THR D 221 19.45 -30.82 -51.51
CA THR D 221 20.06 -29.51 -51.62
C THR D 221 20.48 -29.13 -53.06
N ARG D 222 20.26 -30.01 -54.03
CA ARG D 222 20.52 -29.68 -55.43
C ARG D 222 19.38 -28.79 -56.02
N CYS D 223 18.22 -28.71 -55.34
CA CYS D 223 17.08 -27.91 -55.75
C CYS D 223 17.10 -26.49 -55.21
N PRO D 224 16.58 -25.52 -55.99
CA PRO D 224 16.46 -24.13 -55.49
C PRO D 224 15.57 -24.05 -54.25
N LYS D 225 14.50 -24.86 -54.20
CA LYS D 225 13.67 -24.97 -53.02
C LYS D 225 13.90 -26.42 -52.59
N PRO D 226 14.91 -26.62 -51.70
CA PRO D 226 15.31 -27.99 -51.33
C PRO D 226 14.29 -28.87 -50.63
N ALA D 227 13.34 -28.29 -49.92
CA ALA D 227 12.38 -29.10 -49.17
C ALA D 227 11.11 -29.42 -49.95
N SER D 228 10.52 -30.58 -49.71
CA SER D 228 9.29 -31.02 -50.31
C SER D 228 8.54 -31.83 -49.26
N GLN D 229 7.23 -31.64 -49.13
CA GLN D 229 6.38 -32.27 -48.13
C GLN D 229 5.86 -33.65 -48.49
N ILE D 230 6.16 -34.66 -47.65
CA ILE D 230 5.73 -36.07 -47.81
C ILE D 230 4.71 -36.42 -46.72
N GLY D 231 3.87 -37.43 -46.97
CA GLY D 231 2.86 -37.89 -46.03
C GLY D 231 1.62 -38.46 -46.70
N GLY D 236 -2.37 -36.08 -40.00
CA GLY D 236 -2.46 -37.04 -38.89
C GLY D 236 -1.72 -36.56 -37.65
N TYR D 237 -1.31 -37.49 -36.77
CA TYR D 237 -0.56 -37.13 -35.56
C TYR D 237 0.90 -36.73 -35.84
N LEU D 238 1.49 -35.94 -34.95
CA LEU D 238 2.86 -35.39 -35.12
C LEU D 238 3.96 -36.43 -35.38
N PRO D 239 4.83 -36.17 -36.37
CA PRO D 239 5.94 -37.08 -36.63
C PRO D 239 7.05 -36.90 -35.59
N THR D 240 7.54 -38.01 -35.05
CA THR D 240 8.53 -37.97 -33.97
C THR D 240 9.87 -38.66 -34.25
N SER D 241 9.94 -39.56 -35.26
CA SER D 241 11.20 -40.29 -35.54
C SER D 241 11.27 -40.77 -36.97
N LEU D 242 12.46 -40.75 -37.56
CA LEU D 242 12.67 -41.16 -38.97
C LEU D 242 13.75 -42.26 -39.16
N ALA D 243 13.53 -43.14 -40.14
CA ALA D 243 14.52 -44.18 -40.45
C ALA D 243 14.47 -44.57 -41.91
N TRP D 244 15.48 -44.17 -42.66
CA TRP D 244 15.57 -44.52 -44.07
C TRP D 244 15.83 -46.01 -44.20
N HIS D 245 15.23 -46.70 -45.20
CA HIS D 245 15.58 -48.12 -45.45
C HIS D 245 17.06 -48.15 -45.90
N PRO D 246 17.87 -49.03 -45.28
CA PRO D 246 19.31 -49.03 -45.60
C PRO D 246 19.65 -49.55 -47.00
N GLN D 247 18.71 -50.22 -47.67
CA GLN D 247 18.97 -50.74 -49.02
C GLN D 247 18.18 -49.99 -50.10
N GLN D 248 16.89 -49.66 -49.83
CA GLN D 248 15.99 -48.94 -50.76
C GLN D 248 16.08 -47.42 -50.56
N SER D 249 16.56 -46.64 -51.57
CA SER D 249 16.68 -45.19 -51.42
C SER D 249 15.35 -44.40 -51.53
N GLU D 250 14.24 -45.08 -51.86
CA GLU D 250 12.91 -44.46 -52.00
C GLU D 250 11.96 -44.86 -50.86
N VAL D 251 12.46 -45.54 -49.83
CA VAL D 251 11.65 -46.02 -48.74
C VAL D 251 12.25 -45.57 -47.43
N PHE D 252 11.38 -45.20 -46.49
CA PHE D 252 11.72 -44.79 -45.12
C PHE D 252 10.51 -45.02 -44.22
N VAL D 253 10.74 -45.14 -42.91
CA VAL D 253 9.68 -45.30 -41.93
C VAL D 253 9.66 -44.10 -40.98
N PHE D 254 8.49 -43.83 -40.37
CA PHE D 254 8.34 -42.76 -39.40
C PHE D 254 7.39 -43.16 -38.29
N GLY D 255 7.67 -42.69 -37.08
CA GLY D 255 6.82 -42.95 -35.93
C GLY D 255 6.08 -41.69 -35.52
N ASP D 256 4.86 -41.83 -34.96
CA ASP D 256 4.10 -40.66 -34.53
C ASP D 256 3.99 -40.60 -32.99
N GLU D 257 3.49 -39.46 -32.47
CA GLU D 257 3.27 -39.23 -31.05
C GLU D 257 2.23 -40.19 -30.45
N ASN D 258 1.33 -40.76 -31.28
CA ASN D 258 0.27 -41.66 -30.82
C ASN D 258 0.63 -43.17 -30.91
N GLY D 259 1.92 -43.49 -31.04
CA GLY D 259 2.40 -44.87 -31.04
C GLY D 259 2.47 -45.61 -32.36
N THR D 260 1.81 -45.08 -33.38
CA THR D 260 1.79 -45.70 -34.71
C THR D 260 3.11 -45.53 -35.46
N VAL D 261 3.53 -46.58 -36.19
CA VAL D 261 4.72 -46.59 -37.04
C VAL D 261 4.20 -46.75 -38.48
N SER D 262 4.71 -45.95 -39.42
CA SER D 262 4.26 -45.98 -40.80
C SER D 262 5.41 -46.19 -41.78
N LEU D 263 5.11 -46.86 -42.89
CA LEU D 263 5.99 -47.20 -44.00
C LEU D 263 5.70 -46.25 -45.18
N VAL D 264 6.72 -45.49 -45.62
CA VAL D 264 6.52 -44.50 -46.67
C VAL D 264 7.42 -44.72 -47.90
N ASP D 265 6.79 -44.55 -49.07
CA ASP D 265 7.38 -44.62 -50.39
C ASP D 265 7.54 -43.20 -50.94
N THR D 266 8.67 -42.90 -51.55
CA THR D 266 8.93 -41.61 -52.18
C THR D 266 8.28 -41.59 -53.60
N LYS D 267 8.11 -42.78 -54.25
CA LYS D 267 7.45 -42.95 -55.53
C LYS D 267 5.96 -42.55 -55.38
N SER D 268 5.03 -43.50 -55.14
CA SER D 268 3.63 -43.15 -54.93
C SER D 268 3.51 -42.82 -53.45
N THR D 269 3.37 -41.53 -53.13
CA THR D 269 3.30 -41.08 -51.75
C THR D 269 1.82 -41.30 -51.20
N SER D 270 1.31 -40.45 -50.27
CA SER D 270 -0.02 -40.58 -49.64
C SER D 270 -0.14 -41.87 -48.80
N CYS D 271 0.98 -42.24 -48.11
CA CYS D 271 1.14 -43.38 -47.19
C CYS D 271 1.04 -44.75 -47.86
N VAL D 272 1.68 -45.76 -47.25
CA VAL D 272 1.67 -47.13 -47.76
C VAL D 272 1.06 -48.11 -46.74
N LEU D 273 1.67 -48.24 -45.55
CA LEU D 273 1.21 -49.15 -44.50
C LEU D 273 1.56 -48.64 -43.09
N SER D 274 0.59 -48.68 -42.16
CA SER D 274 0.83 -48.22 -40.79
C SER D 274 0.36 -49.24 -39.76
N SER D 275 0.97 -49.22 -38.57
CA SER D 275 0.61 -50.13 -37.51
C SER D 275 0.66 -49.51 -36.12
N ALA D 276 -0.30 -49.87 -35.25
CA ALA D 276 -0.35 -49.43 -33.86
C ALA D 276 0.65 -50.24 -33.04
N VAL D 277 1.92 -49.81 -33.04
CA VAL D 277 2.99 -50.53 -32.35
C VAL D 277 3.05 -50.25 -30.84
N HIS D 278 3.17 -48.98 -30.43
CA HIS D 278 3.29 -48.61 -29.04
C HIS D 278 2.06 -47.88 -28.50
N SER D 279 1.99 -47.70 -27.16
CA SER D 279 0.89 -46.99 -26.50
C SER D 279 1.21 -45.51 -26.16
N GLN D 280 2.41 -45.04 -26.53
CA GLN D 280 2.89 -43.68 -26.32
C GLN D 280 3.79 -43.31 -27.52
N CYS D 281 4.29 -42.07 -27.55
CA CYS D 281 5.19 -41.51 -28.54
C CYS D 281 6.29 -42.47 -29.00
N VAL D 282 6.59 -42.50 -30.30
CA VAL D 282 7.67 -43.35 -30.83
C VAL D 282 8.96 -42.54 -30.90
N THR D 283 9.92 -42.88 -30.06
CA THR D 283 11.19 -42.18 -29.85
C THR D 283 12.27 -42.50 -30.89
N GLY D 284 12.27 -43.74 -31.38
CA GLY D 284 13.28 -44.15 -32.35
C GLY D 284 12.95 -45.35 -33.20
N LEU D 285 13.54 -45.38 -34.40
CA LEU D 285 13.39 -46.47 -35.34
C LEU D 285 14.80 -46.84 -35.86
N VAL D 286 15.24 -48.10 -35.63
CA VAL D 286 16.59 -48.51 -36.05
C VAL D 286 16.58 -49.83 -36.81
N PHE D 287 17.05 -49.80 -38.06
CA PHE D 287 17.13 -50.98 -38.91
C PHE D 287 18.39 -51.79 -38.57
N SER D 288 18.29 -53.11 -38.66
CA SER D 288 19.38 -54.05 -38.41
C SER D 288 20.47 -54.02 -39.53
N PRO D 289 21.67 -54.63 -39.34
CA PRO D 289 22.69 -54.61 -40.41
C PRO D 289 22.48 -55.70 -41.48
N HIS D 290 21.50 -56.63 -41.27
CA HIS D 290 21.09 -57.72 -42.15
C HIS D 290 20.86 -57.25 -43.59
N SER D 291 20.92 -58.19 -44.56
CA SER D 291 20.65 -57.92 -45.97
C SER D 291 19.17 -57.47 -46.10
N VAL D 292 18.24 -58.25 -45.51
CA VAL D 292 16.81 -57.96 -45.42
C VAL D 292 16.61 -57.54 -43.93
N PRO D 293 16.56 -56.22 -43.67
CA PRO D 293 16.59 -55.77 -42.29
C PRO D 293 15.31 -55.93 -41.47
N PHE D 294 15.53 -55.89 -40.16
CA PHE D 294 14.52 -55.89 -39.12
C PHE D 294 14.39 -54.44 -38.65
N LEU D 295 13.21 -54.09 -38.17
CA LEU D 295 13.00 -52.73 -37.65
C LEU D 295 12.77 -52.69 -36.16
N ALA D 296 13.70 -52.07 -35.43
CA ALA D 296 13.56 -51.90 -33.98
C ALA D 296 12.82 -50.58 -33.69
N SER D 297 11.81 -50.62 -32.82
CA SER D 297 11.06 -49.42 -32.43
C SER D 297 11.15 -49.22 -30.89
N LEU D 298 11.55 -48.02 -30.48
CA LEU D 298 11.66 -47.63 -29.08
C LEU D 298 10.67 -46.51 -28.75
N SER D 299 10.11 -46.52 -27.54
CA SER D 299 9.05 -45.59 -27.20
C SER D 299 9.04 -45.16 -25.73
N GLU D 300 8.30 -44.08 -25.45
CA GLU D 300 8.05 -43.61 -24.11
C GLU D 300 7.19 -44.59 -23.30
N ASP D 301 6.50 -45.54 -23.96
CA ASP D 301 5.77 -46.58 -23.23
C ASP D 301 6.76 -47.55 -22.49
N CYS D 302 8.10 -47.31 -22.60
CA CYS D 302 9.22 -48.04 -22.01
C CYS D 302 9.43 -49.45 -22.61
N SER D 303 8.77 -49.75 -23.74
CA SER D 303 8.93 -51.02 -24.42
C SER D 303 9.72 -50.89 -25.72
N LEU D 304 10.18 -52.03 -26.22
CA LEU D 304 10.89 -52.16 -27.49
C LEU D 304 10.17 -53.27 -28.27
N ALA D 305 10.05 -53.08 -29.57
CA ALA D 305 9.44 -54.09 -30.44
C ALA D 305 10.33 -54.27 -31.67
N VAL D 306 10.35 -55.49 -32.21
CA VAL D 306 11.09 -55.76 -33.43
C VAL D 306 10.05 -56.11 -34.46
N LEU D 307 10.05 -55.35 -35.54
CA LEU D 307 9.08 -55.48 -36.61
C LEU D 307 9.74 -56.03 -37.88
N ASP D 308 8.93 -56.70 -38.72
CA ASP D 308 9.46 -57.23 -39.97
C ASP D 308 9.32 -56.18 -41.13
N SER D 309 9.40 -56.61 -42.41
CA SER D 309 9.22 -55.70 -43.52
C SER D 309 7.75 -55.24 -43.66
N SER D 310 6.80 -56.04 -43.12
CA SER D 310 5.37 -55.70 -43.15
C SER D 310 4.88 -55.05 -41.82
N LEU D 311 5.82 -54.57 -40.97
CA LEU D 311 5.56 -53.93 -39.68
C LEU D 311 4.78 -54.83 -38.69
N SER D 312 4.98 -56.16 -38.78
CA SER D 312 4.35 -57.14 -37.88
C SER D 312 5.27 -57.44 -36.70
N GLU D 313 4.67 -57.63 -35.53
CA GLU D 313 5.43 -57.81 -34.30
C GLU D 313 6.06 -59.17 -34.13
N LEU D 314 7.40 -59.20 -34.04
CA LEU D 314 8.13 -60.43 -33.80
C LEU D 314 8.49 -60.53 -32.31
N PHE D 315 9.26 -59.55 -31.79
CA PHE D 315 9.75 -59.43 -30.41
C PHE D 315 8.97 -58.33 -29.61
N ARG D 316 9.08 -58.34 -28.25
CA ARG D 316 8.44 -57.37 -27.36
C ARG D 316 9.08 -57.38 -25.97
N SER D 317 10.06 -56.50 -25.74
CA SER D 317 10.79 -56.43 -24.48
C SER D 317 10.28 -55.34 -23.50
N GLN D 318 9.94 -55.76 -22.26
CA GLN D 318 9.52 -54.83 -21.19
C GLN D 318 10.62 -54.68 -20.12
N ALA D 319 11.89 -54.91 -20.48
CA ALA D 319 13.04 -54.85 -19.59
C ALA D 319 13.24 -53.50 -18.94
N HIS D 320 12.97 -52.43 -19.70
CA HIS D 320 13.17 -51.09 -19.17
C HIS D 320 12.07 -50.62 -18.20
N ARG D 321 12.49 -49.92 -17.16
CA ARG D 321 11.65 -49.30 -16.13
C ARG D 321 11.31 -47.82 -16.45
N ASP D 322 12.13 -47.20 -17.31
CA ASP D 322 11.91 -45.84 -17.79
C ASP D 322 12.05 -45.78 -19.34
N PHE D 323 11.85 -44.60 -19.95
CA PHE D 323 11.90 -44.37 -21.40
C PHE D 323 13.06 -45.05 -22.12
N VAL D 324 12.81 -45.70 -23.26
CA VAL D 324 13.87 -46.33 -24.07
C VAL D 324 14.39 -45.25 -25.02
N ARG D 325 15.68 -44.91 -24.94
CA ARG D 325 16.24 -43.83 -25.74
C ARG D 325 17.02 -44.24 -26.98
N ASP D 326 17.46 -45.51 -27.09
CA ASP D 326 18.20 -45.96 -28.27
C ASP D 326 18.25 -47.47 -28.41
N ALA D 327 18.49 -47.96 -29.63
CA ALA D 327 18.61 -49.39 -29.91
C ALA D 327 19.65 -49.51 -30.98
N THR D 328 20.78 -50.14 -30.68
CA THR D 328 21.85 -50.31 -31.66
C THR D 328 22.02 -51.78 -32.00
N TRP D 329 22.30 -52.12 -33.27
CA TRP D 329 22.48 -53.54 -33.63
C TRP D 329 23.96 -53.85 -33.69
N SER D 330 24.34 -55.02 -33.16
CA SER D 330 25.72 -55.50 -33.13
C SER D 330 26.28 -55.85 -34.50
N PRO D 331 27.48 -55.32 -34.82
CA PRO D 331 28.14 -55.68 -36.09
C PRO D 331 28.95 -56.99 -36.01
N LEU D 332 28.90 -57.69 -34.86
CA LEU D 332 29.55 -58.97 -34.63
C LEU D 332 28.49 -60.09 -34.52
N ASN D 333 27.32 -59.79 -33.92
CA ASN D 333 26.21 -60.72 -33.91
C ASN D 333 24.94 -59.97 -34.32
N HIS D 334 24.44 -60.29 -35.51
CA HIS D 334 23.27 -59.61 -36.06
C HIS D 334 21.95 -59.99 -35.37
N SER D 335 21.96 -60.90 -34.38
CA SER D 335 20.76 -61.18 -33.60
C SER D 335 20.75 -60.41 -32.25
N LEU D 336 21.79 -59.57 -32.00
CA LEU D 336 21.96 -58.76 -30.79
C LEU D 336 21.66 -57.27 -31.02
N LEU D 337 20.71 -56.77 -30.24
CA LEU D 337 20.24 -55.39 -30.25
C LEU D 337 20.39 -54.83 -28.83
N THR D 338 21.21 -53.79 -28.67
CA THR D 338 21.45 -53.17 -27.37
C THR D 338 20.65 -51.87 -27.14
N THR D 339 19.77 -51.87 -26.13
CA THR D 339 18.99 -50.68 -25.79
C THR D 339 19.44 -49.98 -24.53
N VAL D 340 19.42 -48.65 -24.54
CA VAL D 340 19.71 -47.82 -23.37
C VAL D 340 18.44 -47.03 -22.98
N GLY D 341 18.34 -46.64 -21.71
CA GLY D 341 17.17 -45.93 -21.24
C GLY D 341 17.44 -44.95 -20.12
N TRP D 342 16.38 -44.26 -19.66
CA TRP D 342 16.53 -43.32 -18.56
C TRP D 342 16.61 -44.00 -17.20
N ASP D 343 16.35 -45.32 -17.13
CA ASP D 343 16.54 -46.09 -15.92
C ASP D 343 18.01 -46.51 -15.73
N HIS D 344 18.96 -45.93 -16.52
CA HIS D 344 20.40 -46.20 -16.51
C HIS D 344 20.76 -47.65 -16.89
N GLN D 345 19.79 -48.44 -17.40
CA GLN D 345 19.95 -49.83 -17.81
C GLN D 345 20.45 -49.98 -19.24
N VAL D 346 21.39 -50.91 -19.47
CA VAL D 346 21.88 -51.29 -20.79
C VAL D 346 21.43 -52.74 -20.94
N VAL D 347 20.43 -52.99 -21.79
CA VAL D 347 19.92 -54.35 -21.96
C VAL D 347 20.38 -54.92 -23.31
N HIS D 348 20.93 -56.14 -23.32
CA HIS D 348 21.37 -56.82 -24.54
C HIS D 348 20.33 -57.85 -24.93
N HIS D 349 19.54 -57.51 -25.93
CA HIS D 349 18.46 -58.37 -26.39
C HIS D 349 18.95 -59.41 -27.40
N VAL D 350 18.33 -60.59 -27.40
CA VAL D 350 18.63 -61.64 -28.37
C VAL D 350 17.33 -61.89 -29.10
N VAL D 351 17.29 -61.40 -30.35
CA VAL D 351 16.08 -61.47 -31.13
C VAL D 351 16.11 -62.69 -32.04
N PRO D 352 14.99 -63.43 -32.15
CA PRO D 352 14.98 -64.60 -33.04
C PRO D 352 15.07 -64.19 -34.53
N THR D 353 16.31 -64.09 -35.04
CA THR D 353 16.61 -63.68 -36.41
C THR D 353 16.89 -64.87 -37.34
C17 ZR4 E . 6.94 -29.33 9.00
C16 ZR4 E . 8.04 -28.49 9.03
C5 ZR4 E . -0.30 -32.82 6.78
C13 ZR4 E . 5.50 -27.44 8.73
C6 ZR4 E . 0.71 -31.93 6.73
C3 ZR4 E . 1.76 -35.90 5.12
C1 ZR4 E . 0.21 -34.04 6.25
C12 ZR4 E . 5.66 -28.82 8.84
C14 ZR4 E . 6.60 -26.63 8.75
C15 ZR4 E . 7.87 -27.13 8.92
C2 ZR4 E . 1.54 -33.82 5.88
C4 ZR4 E . -0.29 -35.35 6.02
C9 ZR4 E . 4.36 -29.80 6.09
C10 ZR4 E . 3.10 -30.45 5.47
C8 ZR4 E . 4.57 -30.57 7.40
C7 ZR4 E . 3.15 -31.85 6.08
C11 ZR4 E . 4.48 -29.75 8.69
N1 ZR4 E . 2.35 -34.72 5.30
N2 ZR4 E . 0.51 -36.27 5.43
N3 ZR4 E . 1.85 -32.51 6.18
N4 ZR4 E . -1.52 -35.72 6.40
O1 ZR4 E . 3.61 -31.65 7.41
O3 ZR4 E . 5.46 -29.85 5.20
O4 ZR4 E . 3.12 -30.43 4.04
O2 ZR4 E . 3.23 -29.05 8.78
F1 ZR4 E . 6.45 -25.30 8.53
CL1 ZR4 E . 9.22 -26.06 9.13
H13 ZR4 E . 7.10 -30.40 9.11
H12 ZR4 E . 9.04 -28.90 9.15
H2 ZR4 E . -1.32 -32.65 7.14
H11 ZR4 E . 4.51 -26.98 8.62
H3 ZR4 E . 0.69 -30.90 7.08
H1 ZR4 E . 2.36 -36.68 4.66
H8 ZR4 E . 4.20 -28.74 6.29
H9 ZR4 E . 2.23 -29.88 5.77
H7 ZR4 E . 5.54 -31.08 7.43
H6 ZR4 E . 3.85 -32.51 5.58
H10 ZR4 E . 4.42 -30.41 9.56
H5 ZR4 E . -1.85 -36.67 6.23
H4 ZR4 E . -2.14 -35.09 6.87
H15 ZR4 E . 5.15 -29.72 4.27
H16 ZR4 E . 3.01 -31.38 3.75
H14 ZR4 E . 2.49 -29.70 8.69
C17 ZR4 F . -8.84 28.78 -9.04
C16 ZR4 F . -7.47 28.60 -8.93
C5 ZR4 F . -17.12 27.77 -7.96
C13 ZR4 F . -9.17 26.41 -8.88
C6 ZR4 F . -15.79 27.56 -7.81
C3 ZR4 F . -17.16 31.43 -6.19
C1 ZR4 F . -17.39 29.05 -7.38
C12 ZR4 F . -9.70 27.70 -9.03
C14 ZR4 F . -7.81 26.25 -8.78
C15 ZR4 F . -6.96 27.32 -8.82
C2 ZR4 F . -16.19 29.55 -6.88
C4 ZR4 F . -18.52 29.89 -7.23
C9 ZR4 F . -11.67 27.74 -6.65
C10 ZR4 F . -13.13 27.57 -6.22
C8 ZR4 F . -11.74 28.59 -7.92
C7 ZR4 F . -13.78 28.78 -6.88
C11 ZR4 F . -11.19 27.90 -9.16
N1 ZR4 F . -16.02 30.73 -6.27
N2 ZR4 F . -18.37 31.10 -6.63
N3 ZR4 F . -15.20 28.63 -7.15
N4 ZR4 F . -19.74 29.57 -7.69
O1 ZR4 F . -13.14 28.89 -8.13
O3 ZR4 F . -10.84 28.34 -5.67
O4 ZR4 F . -13.31 27.59 -4.81
O2 ZR4 F . -11.89 26.68 -9.39
F1 ZR4 F . -7.30 25.01 -8.62
CL1 ZR4 F . -5.25 27.07 -8.78
H13 ZR4 F . -9.22 29.80 -9.12
H12 ZR4 F . -6.79 29.46 -8.92
H2 ZR4 F . -17.84 27.11 -8.43
H11 ZR4 F . -9.81 25.53 -8.82
H3 ZR4 F . -15.21 26.70 -8.16
H1 ZR4 F . -17.10 32.40 -5.71
H8 ZR4 F . -11.21 26.77 -6.85
H9 ZR4 F . -13.52 26.62 -6.59
H7 ZR4 F . -11.25 29.57 -7.85
H6 ZR4 F . -13.59 29.69 -6.32
H10 ZR4 F . -11.42 28.46 -10.07
H5 ZR4 F . -20.53 30.18 -7.57
H4 ZR4 F . -19.90 28.69 -8.17
H15 ZR4 F . -9.96 28.58 -6.07
H16 ZR4 F . -12.87 26.76 -4.47
H14 ZR4 F . -12.86 26.87 -9.49
#